data_5KVR
# 
_entry.id   5KVR 
# 
_audit_conform.dict_name       mmcif_pdbx.dic 
_audit_conform.dict_version    5.379 
_audit_conform.dict_location   http://mmcif.pdb.org/dictionaries/ascii/mmcif_pdbx.dic 
# 
loop_
_database_2.database_id 
_database_2.database_code 
_database_2.pdbx_database_accession 
_database_2.pdbx_DOI 
PDB   5KVR         pdb_00005kvr 10.2210/pdb5kvr/pdb 
WWPDB D_1000222807 ?            ?                   
# 
_pdbx_database_related.db_name        TargetTrack 
_pdbx_database_related.details        . 
_pdbx_database_related.db_id          CSGID-IDP95705 
_pdbx_database_related.content_type   unspecified 
# 
_pdbx_database_status.status_code                     REL 
_pdbx_database_status.status_code_sf                  REL 
_pdbx_database_status.status_code_mr                  ? 
_pdbx_database_status.entry_id                        5KVR 
_pdbx_database_status.recvd_initial_deposition_date   2016-07-15 
_pdbx_database_status.SG_entry                        Y 
_pdbx_database_status.deposit_site                    RCSB 
_pdbx_database_status.process_site                    RCSB 
_pdbx_database_status.status_code_cs                  ? 
_pdbx_database_status.methods_development_category    ? 
_pdbx_database_status.pdb_format_compatible           Y 
_pdbx_database_status.status_code_nmr_data            ? 
# 
loop_
_audit_author.name 
_audit_author.pdbx_ordinal 
'Brunzelle, J.S.'                                               1 
'Wawrzak, Z.'                                                   2 
'Sandoval, J.'                                                  3 
'Skarina, T.'                                                   4 
'Savchenko, A.'                                                 5 
'Anderson, W.F.'                                                6 
'Center for Structural Genomics of Infectious Diseases (CSGID)' 7 
# 
_citation.abstract                  ? 
_citation.abstract_id_CAS           ? 
_citation.book_id_ISBN              ? 
_citation.book_publisher            ? 
_citation.book_publisher_city       ? 
_citation.book_title                ? 
_citation.coordinate_linkage        ? 
_citation.country                   ? 
_citation.database_id_Medline       ? 
_citation.details                   ? 
_citation.id                        primary 
_citation.journal_abbrev            'To Be Published' 
_citation.journal_id_ASTM           ? 
_citation.journal_id_CSD            0353 
_citation.journal_id_ISSN           ? 
_citation.journal_full              ? 
_citation.journal_issue             ? 
_citation.journal_volume            ? 
_citation.language                  ? 
_citation.page_first                ? 
_citation.page_last                 ? 
_citation.title                     
'X-Ray Crystal Structure of a Fragment (1-75) of a Transcriptional Regulator PdhR from Escherichia coli CFT073' 
_citation.year                      ? 
_citation.database_id_CSD           ? 
_citation.pdbx_database_id_DOI      ? 
_citation.pdbx_database_id_PubMed   ? 
_citation.unpublished_flag          ? 
# 
loop_
_citation_author.citation_id 
_citation_author.name 
_citation_author.ordinal 
_citation_author.identifier_ORCID 
primary 'Brunzelle, J.S.'                                               1 ? 
primary 'Wawrzak, Z.'                                                   2 ? 
primary 'Sandoval, J.'                                                  3 ? 
primary 'Skarina, T.'                                                   4 ? 
primary 'Savchenko, A.'                                                 5 ? 
primary 'Anderson, W.F.'                                                6 ? 
primary 'Center for Structural Genomics of Infectious Diseases (CSGID)' 7 ? 
# 
_cell.entry_id           5KVR 
_cell.length_a           45.270 
_cell.length_b           45.270 
_cell.length_c           59.160 
_cell.angle_alpha        90.00 
_cell.angle_beta         90.00 
_cell.angle_gamma        120.00 
_cell.Z_PDB              6 
_cell.pdbx_unique_axis   ? 
# 
_symmetry.entry_id                         5KVR 
_symmetry.space_group_name_H-M             'P 31 2 1' 
_symmetry.pdbx_full_space_group_name_H-M   ? 
_symmetry.cell_setting                     ? 
_symmetry.Int_Tables_number                152 
# 
loop_
_entity.id 
_entity.type 
_entity.src_method 
_entity.pdbx_description 
_entity.formula_weight 
_entity.pdbx_number_of_molecules 
_entity.pdbx_ec 
_entity.pdbx_mutation 
_entity.pdbx_fragment 
_entity.details 
1 polymer man 'Pyruvate dehydrogenase complex repressor' 8773.154 1  ? ? 'UNP residues 1-75' ? 
2 water   nat water                                      18.015   90 ? ? ?                   ? 
# 
_entity_poly.entity_id                      1 
_entity_poly.type                           'polypeptide(L)' 
_entity_poly.nstd_linkage                   no 
_entity_poly.nstd_monomer                   no 
_entity_poly.pdbx_seq_one_letter_code       NAMAYSKIRQPKLSDVIEQQLEFLILEGTLRPGEKLPPERELAKQFDVSRPSLREAIQRLEAKGLLLRRQGGGTFVQ 
_entity_poly.pdbx_seq_one_letter_code_can   NAMAYSKIRQPKLSDVIEQQLEFLILEGTLRPGEKLPPERELAKQFDVSRPSLREAIQRLEAKGLLLRRQGGGTFVQ 
_entity_poly.pdbx_strand_id                 A 
_entity_poly.pdbx_target_identifier         CSGID-IDP95705 
# 
loop_
_entity_poly_seq.entity_id 
_entity_poly_seq.num 
_entity_poly_seq.mon_id 
_entity_poly_seq.hetero 
1 1  ASN n 
1 2  ALA n 
1 3  MET n 
1 4  ALA n 
1 5  TYR n 
1 6  SER n 
1 7  LYS n 
1 8  ILE n 
1 9  ARG n 
1 10 GLN n 
1 11 PRO n 
1 12 LYS n 
1 13 LEU n 
1 14 SER n 
1 15 ASP n 
1 16 VAL n 
1 17 ILE n 
1 18 GLU n 
1 19 GLN n 
1 20 GLN n 
1 21 LEU n 
1 22 GLU n 
1 23 PHE n 
1 24 LEU n 
1 25 ILE n 
1 26 LEU n 
1 27 GLU n 
1 28 GLY n 
1 29 THR n 
1 30 LEU n 
1 31 ARG n 
1 32 PRO n 
1 33 GLY n 
1 34 GLU n 
1 35 LYS n 
1 36 LEU n 
1 37 PRO n 
1 38 PRO n 
1 39 GLU n 
1 40 ARG n 
1 41 GLU n 
1 42 LEU n 
1 43 ALA n 
1 44 LYS n 
1 45 GLN n 
1 46 PHE n 
1 47 ASP n 
1 48 VAL n 
1 49 SER n 
1 50 ARG n 
1 51 PRO n 
1 52 SER n 
1 53 LEU n 
1 54 ARG n 
1 55 GLU n 
1 56 ALA n 
1 57 ILE n 
1 58 GLN n 
1 59 ARG n 
1 60 LEU n 
1 61 GLU n 
1 62 ALA n 
1 63 LYS n 
1 64 GLY n 
1 65 LEU n 
1 66 LEU n 
1 67 LEU n 
1 68 ARG n 
1 69 ARG n 
1 70 GLN n 
1 71 GLY n 
1 72 GLY n 
1 73 GLY n 
1 74 THR n 
1 75 PHE n 
1 76 VAL n 
1 77 GLN n 
# 
_entity_src_gen.entity_id                          1 
_entity_src_gen.pdbx_src_id                        1 
_entity_src_gen.pdbx_alt_source_flag               sample 
_entity_src_gen.pdbx_seq_type                      'Biological sequence' 
_entity_src_gen.pdbx_beg_seq_num                   1 
_entity_src_gen.pdbx_end_seq_num                   77 
_entity_src_gen.gene_src_common_name               ? 
_entity_src_gen.gene_src_genus                     ? 
_entity_src_gen.pdbx_gene_src_gene                 'pdhR, c0140' 
_entity_src_gen.gene_src_species                   ? 
_entity_src_gen.gene_src_strain                    'CFT073 / ATCC 700928 / UPEC' 
_entity_src_gen.gene_src_tissue                    ? 
_entity_src_gen.gene_src_tissue_fraction           ? 
_entity_src_gen.gene_src_details                   ? 
_entity_src_gen.pdbx_gene_src_fragment             ? 
_entity_src_gen.pdbx_gene_src_scientific_name      'Escherichia coli O6:H1 (strain CFT073 / ATCC 700928 / UPEC)' 
_entity_src_gen.pdbx_gene_src_ncbi_taxonomy_id     199310 
_entity_src_gen.pdbx_gene_src_variant              ? 
_entity_src_gen.pdbx_gene_src_cell_line            ? 
_entity_src_gen.pdbx_gene_src_atcc                 ? 
_entity_src_gen.pdbx_gene_src_organ                ? 
_entity_src_gen.pdbx_gene_src_organelle            ? 
_entity_src_gen.pdbx_gene_src_cell                 ? 
_entity_src_gen.pdbx_gene_src_cellular_location    ? 
_entity_src_gen.host_org_common_name               ? 
_entity_src_gen.pdbx_host_org_scientific_name      'Escherichia coli' 
_entity_src_gen.pdbx_host_org_ncbi_taxonomy_id     469008 
_entity_src_gen.host_org_genus                     ? 
_entity_src_gen.pdbx_host_org_gene                 ? 
_entity_src_gen.pdbx_host_org_organ                ? 
_entity_src_gen.host_org_species                   ? 
_entity_src_gen.pdbx_host_org_tissue               ? 
_entity_src_gen.pdbx_host_org_tissue_fraction      ? 
_entity_src_gen.pdbx_host_org_strain               'BL21(DE3)-Magic' 
_entity_src_gen.pdbx_host_org_variant              ? 
_entity_src_gen.pdbx_host_org_cell_line            ? 
_entity_src_gen.pdbx_host_org_atcc                 ? 
_entity_src_gen.pdbx_host_org_culture_collection   ? 
_entity_src_gen.pdbx_host_org_cell                 ? 
_entity_src_gen.pdbx_host_org_organelle            ? 
_entity_src_gen.pdbx_host_org_cellular_location    ? 
_entity_src_gen.pdbx_host_org_vector_type          Plasmid 
_entity_src_gen.pdbx_host_org_vector               ? 
_entity_src_gen.host_org_details                   ? 
_entity_src_gen.expression_system_id               ? 
_entity_src_gen.plasmid_name                       ' pMCSG53 ' 
_entity_src_gen.plasmid_details                    ? 
_entity_src_gen.pdbx_description                   ? 
# 
_struct_ref.id                         1 
_struct_ref.db_name                    UNP 
_struct_ref.db_code                    PDHR_ECOL6 
_struct_ref.pdbx_db_accession          P0ACM0 
_struct_ref.pdbx_db_isoform            ? 
_struct_ref.entity_id                  1 
_struct_ref.pdbx_seq_one_letter_code   MAYSKIRQPKLSDVIEQQLEFLILEGTLRPGEKLPPERELAKQFDVSRPSLREAIQRLEAKGLLLRRQGGGTFVQ 
_struct_ref.pdbx_align_begin           1 
# 
_struct_ref_seq.align_id                      1 
_struct_ref_seq.ref_id                        1 
_struct_ref_seq.pdbx_PDB_id_code              5KVR 
_struct_ref_seq.pdbx_strand_id                A 
_struct_ref_seq.seq_align_beg                 3 
_struct_ref_seq.pdbx_seq_align_beg_ins_code   ? 
_struct_ref_seq.seq_align_end                 77 
_struct_ref_seq.pdbx_seq_align_end_ins_code   ? 
_struct_ref_seq.pdbx_db_accession             P0ACM0 
_struct_ref_seq.db_align_beg                  1 
_struct_ref_seq.pdbx_db_align_beg_ins_code    ? 
_struct_ref_seq.db_align_end                  75 
_struct_ref_seq.pdbx_db_align_end_ins_code    ? 
_struct_ref_seq.pdbx_auth_seq_align_beg       1 
_struct_ref_seq.pdbx_auth_seq_align_end       75 
# 
loop_
_struct_ref_seq_dif.align_id 
_struct_ref_seq_dif.pdbx_pdb_id_code 
_struct_ref_seq_dif.mon_id 
_struct_ref_seq_dif.pdbx_pdb_strand_id 
_struct_ref_seq_dif.seq_num 
_struct_ref_seq_dif.pdbx_pdb_ins_code 
_struct_ref_seq_dif.pdbx_seq_db_name 
_struct_ref_seq_dif.pdbx_seq_db_accession_code 
_struct_ref_seq_dif.db_mon_id 
_struct_ref_seq_dif.pdbx_seq_db_seq_num 
_struct_ref_seq_dif.details 
_struct_ref_seq_dif.pdbx_auth_seq_num 
_struct_ref_seq_dif.pdbx_ordinal 
1 5KVR ASN A 1 ? UNP P0ACM0 ? ? 'expression tag' -1 1 
1 5KVR ALA A 2 ? UNP P0ACM0 ? ? 'expression tag' 0  2 
# 
loop_
_chem_comp.id 
_chem_comp.type 
_chem_comp.mon_nstd_flag 
_chem_comp.name 
_chem_comp.pdbx_synonyms 
_chem_comp.formula 
_chem_comp.formula_weight 
ALA 'L-peptide linking' y ALANINE         ? 'C3 H7 N O2'     89.093  
ARG 'L-peptide linking' y ARGININE        ? 'C6 H15 N4 O2 1' 175.209 
ASN 'L-peptide linking' y ASPARAGINE      ? 'C4 H8 N2 O3'    132.118 
ASP 'L-peptide linking' y 'ASPARTIC ACID' ? 'C4 H7 N O4'     133.103 
GLN 'L-peptide linking' y GLUTAMINE       ? 'C5 H10 N2 O3'   146.144 
GLU 'L-peptide linking' y 'GLUTAMIC ACID' ? 'C5 H9 N O4'     147.129 
GLY 'peptide linking'   y GLYCINE         ? 'C2 H5 N O2'     75.067  
HOH non-polymer         . WATER           ? 'H2 O'           18.015  
ILE 'L-peptide linking' y ISOLEUCINE      ? 'C6 H13 N O2'    131.173 
LEU 'L-peptide linking' y LEUCINE         ? 'C6 H13 N O2'    131.173 
LYS 'L-peptide linking' y LYSINE          ? 'C6 H15 N2 O2 1' 147.195 
MET 'L-peptide linking' y METHIONINE      ? 'C5 H11 N O2 S'  149.211 
PHE 'L-peptide linking' y PHENYLALANINE   ? 'C9 H11 N O2'    165.189 
PRO 'L-peptide linking' y PROLINE         ? 'C5 H9 N O2'     115.130 
SER 'L-peptide linking' y SERINE          ? 'C3 H7 N O3'     105.093 
THR 'L-peptide linking' y THREONINE       ? 'C4 H9 N O3'     119.119 
TYR 'L-peptide linking' y TYROSINE        ? 'C9 H11 N O3'    181.189 
VAL 'L-peptide linking' y VALINE          ? 'C5 H11 N O2'    117.146 
# 
_exptl.absorpt_coefficient_mu     ? 
_exptl.absorpt_correction_T_max   ? 
_exptl.absorpt_correction_T_min   ? 
_exptl.absorpt_correction_type    ? 
_exptl.absorpt_process_details    ? 
_exptl.entry_id                   5KVR 
_exptl.crystals_number            1 
_exptl.details                    ? 
_exptl.method                     'X-RAY DIFFRACTION' 
_exptl.method_details             ? 
# 
_exptl_crystal.colour                      ? 
_exptl_crystal.density_diffrn              ? 
_exptl_crystal.density_Matthews            1.99 
_exptl_crystal.density_method              ? 
_exptl_crystal.density_percent_sol         38.34 
_exptl_crystal.description                 ? 
_exptl_crystal.F_000                       ? 
_exptl_crystal.id                          1 
_exptl_crystal.preparation                 ? 
_exptl_crystal.size_max                    ? 
_exptl_crystal.size_mid                    ? 
_exptl_crystal.size_min                    ? 
_exptl_crystal.size_rad                    ? 
_exptl_crystal.colour_lustre               ? 
_exptl_crystal.colour_modifier             ? 
_exptl_crystal.colour_primary              ? 
_exptl_crystal.density_meas                ? 
_exptl_crystal.density_meas_esd            ? 
_exptl_crystal.density_meas_gt             ? 
_exptl_crystal.density_meas_lt             ? 
_exptl_crystal.density_meas_temp           ? 
_exptl_crystal.density_meas_temp_esd       ? 
_exptl_crystal.density_meas_temp_gt        ? 
_exptl_crystal.density_meas_temp_lt        ? 
_exptl_crystal.pdbx_crystal_image_url      ? 
_exptl_crystal.pdbx_crystal_image_format   ? 
_exptl_crystal.pdbx_mosaicity              ? 
_exptl_crystal.pdbx_mosaicity_esd          ? 
# 
_exptl_crystal_grow.apparatus       ? 
_exptl_crystal_grow.atmosphere      ? 
_exptl_crystal_grow.crystal_id      1 
_exptl_crystal_grow.details         ? 
_exptl_crystal_grow.method          'VAPOR DIFFUSION, HANGING DROP' 
_exptl_crystal_grow.method_ref      ? 
_exptl_crystal_grow.pH              5.5 
_exptl_crystal_grow.pressure        ? 
_exptl_crystal_grow.pressure_esd    ? 
_exptl_crystal_grow.seeding         ? 
_exptl_crystal_grow.seeding_ref     ? 
_exptl_crystal_grow.temp            293 
_exptl_crystal_grow.temp_details    ? 
_exptl_crystal_grow.temp_esd        ? 
_exptl_crystal_grow.time            ? 
_exptl_crystal_grow.pdbx_details    
;25% P3350, NH4Acetate 0.2M, B-Tr 0.1M pH 5.5

Cryo-condition: paratone
;
_exptl_crystal_grow.pdbx_pH_range   ? 
# 
_diffrn.ambient_environment    ? 
_diffrn.ambient_temp           100 
_diffrn.ambient_temp_details   ? 
_diffrn.ambient_temp_esd       ? 
_diffrn.crystal_id             1 
_diffrn.crystal_support        ? 
_diffrn.crystal_treatment      ? 
_diffrn.details                ? 
_diffrn.id                     1 
_diffrn.ambient_pressure       ? 
_diffrn.ambient_pressure_esd   ? 
_diffrn.ambient_pressure_gt    ? 
_diffrn.ambient_pressure_lt    ? 
_diffrn.ambient_temp_gt        ? 
_diffrn.ambient_temp_lt        ? 
# 
_diffrn_detector.details                      'Be Lens' 
_diffrn_detector.detector                     CCD 
_diffrn_detector.diffrn_id                    1 
_diffrn_detector.type                         'MARMOSAIC 300 mm CCD' 
_diffrn_detector.area_resol_mean              ? 
_diffrn_detector.dtime                        ? 
_diffrn_detector.pdbx_frames_total            ? 
_diffrn_detector.pdbx_collection_time_total   ? 
_diffrn_detector.pdbx_collection_date         2016-07-06 
# 
_diffrn_radiation.collimation                      ? 
_diffrn_radiation.diffrn_id                        1 
_diffrn_radiation.filter_edge                      ? 
_diffrn_radiation.inhomogeneity                    ? 
_diffrn_radiation.monochromator                    'Single Laue Diamond' 
_diffrn_radiation.polarisn_norm                    ? 
_diffrn_radiation.polarisn_ratio                   ? 
_diffrn_radiation.probe                            ? 
_diffrn_radiation.type                             ? 
_diffrn_radiation.xray_symbol                      ? 
_diffrn_radiation.wavelength_id                    1 
_diffrn_radiation.pdbx_monochromatic_or_laue_m_l   M 
_diffrn_radiation.pdbx_wavelength_list             ? 
_diffrn_radiation.pdbx_wavelength                  ? 
_diffrn_radiation.pdbx_diffrn_protocol             'SINGLE WAVELENGTH' 
_diffrn_radiation.pdbx_analyzer                    ? 
_diffrn_radiation.pdbx_scattering_type             x-ray 
# 
_diffrn_radiation_wavelength.id           1 
_diffrn_radiation_wavelength.wavelength   0.97872 
_diffrn_radiation_wavelength.wt           1.0 
# 
_diffrn_source.current                     ? 
_diffrn_source.details                     ? 
_diffrn_source.diffrn_id                   1 
_diffrn_source.power                       ? 
_diffrn_source.size                        ? 
_diffrn_source.source                      SYNCHROTRON 
_diffrn_source.target                      ? 
_diffrn_source.type                        'APS BEAMLINE 21-ID-F' 
_diffrn_source.voltage                     ? 
_diffrn_source.take-off_angle              ? 
_diffrn_source.pdbx_wavelength_list        0.97872 
_diffrn_source.pdbx_wavelength             ? 
_diffrn_source.pdbx_synchrotron_beamline   21-ID-F 
_diffrn_source.pdbx_synchrotron_site       APS 
# 
_reflns.pdbx_diffrn_id               1 
_reflns.pdbx_ordinal                 1 
_reflns.entry_id                     5KVR 
_reflns.observed_criterion_sigma_I   -3.000 
_reflns.observed_criterion_sigma_F   ? 
_reflns.d_resolution_low             23.61 
_reflns.d_resolution_high            1.360 
_reflns.number_obs                   15449 
_reflns.number_all                   ? 
_reflns.percent_possible_obs         99.3 
_reflns.pdbx_Rmerge_I_obs            0.03900 
_reflns.pdbx_Rsym_value              ? 
_reflns.pdbx_netI_over_sigmaI        21.9000 
_reflns.B_iso_Wilson_estimate        ? 
_reflns.pdbx_redundancy              6.600 
# 
_reflns_shell.pdbx_diffrn_id         1 
_reflns_shell.pdbx_ordinal           1 
_reflns_shell.d_res_high             1.36 
_reflns_shell.d_res_low              1.40 
_reflns_shell.percent_possible_all   94.4 
_reflns_shell.Rmerge_I_obs           1.00900 
_reflns_shell.pdbx_Rsym_value        ? 
_reflns_shell.meanI_over_sigI_obs    1.500 
_reflns_shell.pdbx_redundancy        4.30 
_reflns_shell.number_measured_obs    ? 
_reflns_shell.number_unique_all      ? 
# 
_refine.pdbx_refine_id                           'X-RAY DIFFRACTION' 
_refine.entry_id                                 5KVR 
_refine.pdbx_diffrn_id                           1 
_refine.pdbx_TLS_residual_ADP_flag               ? 
_refine.ls_number_reflns_obs                     15422 
_refine.ls_number_reflns_all                     ? 
_refine.pdbx_ls_sigma_I                          ? 
_refine.pdbx_ls_sigma_F                          1.350 
_refine.pdbx_data_cutoff_high_absF               ? 
_refine.pdbx_data_cutoff_low_absF                ? 
_refine.pdbx_data_cutoff_high_rms_absF           ? 
_refine.ls_d_res_low                             23.61 
_refine.ls_d_res_high                            1.36 
_refine.ls_percent_reflns_obs                    99.2 
_refine.ls_R_factor_obs                          0.178 
_refine.ls_R_factor_all                          ? 
_refine.ls_R_factor_R_work                       0.177 
_refine.ls_R_factor_R_free                       0.207 
_refine.ls_R_factor_R_free_error                 ? 
_refine.ls_R_factor_R_free_error_details         ? 
_refine.ls_percent_reflns_R_free                 5.140 
_refine.ls_number_reflns_R_free                  792 
_refine.ls_number_parameters                     ? 
_refine.ls_number_restraints                     ? 
_refine.occupancy_min                            ? 
_refine.occupancy_max                            ? 
_refine.correlation_coeff_Fo_to_Fc               ? 
_refine.correlation_coeff_Fo_to_Fc_free          ? 
_refine.B_iso_mean                               28.35 
_refine.aniso_B[1][1]                            ? 
_refine.aniso_B[2][2]                            ? 
_refine.aniso_B[3][3]                            ? 
_refine.aniso_B[1][2]                            ? 
_refine.aniso_B[1][3]                            ? 
_refine.aniso_B[2][3]                            ? 
_refine.solvent_model_details                    ? 
_refine.solvent_model_param_ksol                 ? 
_refine.solvent_model_param_bsol                 ? 
_refine.pdbx_solvent_vdw_probe_radii             1.11 
_refine.pdbx_solvent_ion_probe_radii             ? 
_refine.pdbx_solvent_shrinkage_radii             0.90 
_refine.pdbx_ls_cross_valid_method               THROUGHOUT 
_refine.details                                  ? 
_refine.pdbx_starting_model                      5D4S 
_refine.pdbx_method_to_determine_struct          'MOLECULAR REPLACEMENT' 
_refine.pdbx_isotropic_thermal_model             ? 
_refine.pdbx_stereochemistry_target_values       ? 
_refine.pdbx_stereochem_target_val_spec_case     ? 
_refine.pdbx_R_Free_selection_details            ? 
_refine.pdbx_overall_ESU_R                       ? 
_refine.pdbx_overall_ESU_R_Free                  ? 
_refine.overall_SU_ML                            0.140 
_refine.pdbx_overall_phase_error                 25.820 
_refine.overall_SU_B                             ? 
_refine.overall_SU_R_Cruickshank_DPI             ? 
_refine.pdbx_overall_SU_R_free_Cruickshank_DPI   ? 
_refine.pdbx_overall_SU_R_Blow_DPI               ? 
_refine.pdbx_overall_SU_R_free_Blow_DPI          ? 
# 
_refine_hist.pdbx_refine_id                   'X-RAY DIFFRACTION' 
_refine_hist.cycle_id                         LAST 
_refine_hist.pdbx_number_atoms_protein        610 
_refine_hist.pdbx_number_atoms_nucleic_acid   0 
_refine_hist.pdbx_number_atoms_ligand         0 
_refine_hist.number_atoms_solvent             90 
_refine_hist.number_atoms_total               700 
_refine_hist.d_res_high                       1.36 
_refine_hist.d_res_low                        23.61 
# 
loop_
_refine_ls_restr.type 
_refine_ls_restr.dev_ideal 
_refine_ls_restr.dev_ideal_target 
_refine_ls_restr.weight 
_refine_ls_restr.number 
_refine_ls_restr.pdbx_refine_id 
_refine_ls_restr.pdbx_restraint_function 
f_bond_d           0.004  ? ? 625 'X-RAY DIFFRACTION' ? 
f_angle_d          0.675  ? ? 840 'X-RAY DIFFRACTION' ? 
f_dihedral_angle_d 20.960 ? ? 254 'X-RAY DIFFRACTION' ? 
f_chiral_restr     0.054  ? ? 93  'X-RAY DIFFRACTION' ? 
f_plane_restr      0.004  ? ? 112 'X-RAY DIFFRACTION' ? 
# 
loop_
_refine_ls_shell.pdbx_refine_id 
_refine_ls_shell.pdbx_total_number_of_bins_used 
_refine_ls_shell.d_res_high 
_refine_ls_shell.d_res_low 
_refine_ls_shell.number_reflns_R_work 
_refine_ls_shell.R_factor_R_work 
_refine_ls_shell.percent_reflns_obs 
_refine_ls_shell.R_factor_R_free 
_refine_ls_shell.R_factor_R_free_error 
_refine_ls_shell.percent_reflns_R_free 
_refine_ls_shell.number_reflns_R_free 
_refine_ls_shell.number_reflns_all 
_refine_ls_shell.R_factor_all 
_refine_ls_shell.R_factor_obs 
_refine_ls_shell.number_reflns_obs 
'X-RAY DIFFRACTION' . 1.3600 1.4452  2320 0.2996 96.00  0.3176 . . 133 . . . . 
'X-RAY DIFFRACTION' . 1.4452 1.5568  2431 0.2157 100.00 0.2622 . . 128 . . . . 
'X-RAY DIFFRACTION' . 1.5568 1.7134  2419 0.1874 100.00 0.2116 . . 126 . . . . 
'X-RAY DIFFRACTION' . 1.7134 1.9613  2437 0.1790 100.00 0.2369 . . 139 . . . . 
'X-RAY DIFFRACTION' . 1.9613 2.4706  2442 0.1733 100.00 0.2270 . . 136 . . . . 
'X-RAY DIFFRACTION' . 2.4706 23.6165 2581 0.1628 100.00 0.1722 . . 130 . . . . 
# 
_struct.entry_id                     5KVR 
_struct.title                        
'X-Ray Crystal Structure of a Fragment (1-75) of a Transcriptional Regulator PdhR from Escherichia coli CFT073' 
_struct.pdbx_model_details           ? 
_struct.pdbx_formula_weight          ? 
_struct.pdbx_formula_weight_method   ? 
_struct.pdbx_model_type_details      ? 
_struct.pdbx_CASP_flag               N 
# 
_struct_keywords.entry_id        5KVR 
_struct_keywords.text            
;CENTER FOR STRUCTURAL GENOMICS OF INFECTIOUS DISEASES, CSGID, NIAID, NATIONAL INSTITUTE OF ALLERGY AND INFECTIOUS DISEASES, Transcriptional Regulator PdhR, TRANSLATION
;
_struct_keywords.pdbx_keywords   TRANSLATION 
# 
loop_
_struct_asym.id 
_struct_asym.pdbx_blank_PDB_chainid_flag 
_struct_asym.pdbx_modified 
_struct_asym.entity_id 
_struct_asym.details 
A N N 1 ? 
B N N 2 ? 
# 
loop_
_struct_conf.conf_type_id 
_struct_conf.id 
_struct_conf.pdbx_PDB_helix_id 
_struct_conf.beg_label_comp_id 
_struct_conf.beg_label_asym_id 
_struct_conf.beg_label_seq_id 
_struct_conf.pdbx_beg_PDB_ins_code 
_struct_conf.end_label_comp_id 
_struct_conf.end_label_asym_id 
_struct_conf.end_label_seq_id 
_struct_conf.pdbx_end_PDB_ins_code 
_struct_conf.beg_auth_comp_id 
_struct_conf.beg_auth_asym_id 
_struct_conf.beg_auth_seq_id 
_struct_conf.end_auth_comp_id 
_struct_conf.end_auth_asym_id 
_struct_conf.end_auth_seq_id 
_struct_conf.pdbx_PDB_helix_class 
_struct_conf.details 
_struct_conf.pdbx_PDB_helix_length 
HELX_P HELX_P1 AA1 LYS A 12 ? GLU A 27 ? LYS A 10 GLU A 25 1 ? 16 
HELX_P HELX_P2 AA2 PRO A 38 ? ASP A 47 ? PRO A 36 ASP A 45 1 ? 10 
HELX_P HELX_P3 AA3 SER A 49 ? LYS A 63 ? SER A 47 LYS A 61 1 ? 15 
# 
_struct_conf_type.id          HELX_P 
_struct_conf_type.criteria    ? 
_struct_conf_type.reference   ? 
# 
_struct_sheet.id               AA1 
_struct_sheet.type             ? 
_struct_sheet.number_strands   2 
_struct_sheet.details          ? 
# 
_struct_sheet_order.sheet_id     AA1 
_struct_sheet_order.range_id_1   1 
_struct_sheet_order.range_id_2   2 
_struct_sheet_order.offset       ? 
_struct_sheet_order.sense        anti-parallel 
# 
loop_
_struct_sheet_range.sheet_id 
_struct_sheet_range.id 
_struct_sheet_range.beg_label_comp_id 
_struct_sheet_range.beg_label_asym_id 
_struct_sheet_range.beg_label_seq_id 
_struct_sheet_range.pdbx_beg_PDB_ins_code 
_struct_sheet_range.end_label_comp_id 
_struct_sheet_range.end_label_asym_id 
_struct_sheet_range.end_label_seq_id 
_struct_sheet_range.pdbx_end_PDB_ins_code 
_struct_sheet_range.beg_auth_comp_id 
_struct_sheet_range.beg_auth_asym_id 
_struct_sheet_range.beg_auth_seq_id 
_struct_sheet_range.end_auth_comp_id 
_struct_sheet_range.end_auth_asym_id 
_struct_sheet_range.end_auth_seq_id 
AA1 1 LEU A 66 ? ARG A 68 ? LEU A 64 ARG A 66 
AA1 2 THR A 74 ? VAL A 76 ? THR A 72 VAL A 74 
# 
_pdbx_struct_sheet_hbond.sheet_id                AA1 
_pdbx_struct_sheet_hbond.range_id_1              1 
_pdbx_struct_sheet_hbond.range_id_2              2 
_pdbx_struct_sheet_hbond.range_1_label_atom_id   N 
_pdbx_struct_sheet_hbond.range_1_label_comp_id   LEU 
_pdbx_struct_sheet_hbond.range_1_label_asym_id   A 
_pdbx_struct_sheet_hbond.range_1_label_seq_id    67 
_pdbx_struct_sheet_hbond.range_1_PDB_ins_code    ? 
_pdbx_struct_sheet_hbond.range_1_auth_atom_id    N 
_pdbx_struct_sheet_hbond.range_1_auth_comp_id    LEU 
_pdbx_struct_sheet_hbond.range_1_auth_asym_id    A 
_pdbx_struct_sheet_hbond.range_1_auth_seq_id     65 
_pdbx_struct_sheet_hbond.range_2_label_atom_id   O 
_pdbx_struct_sheet_hbond.range_2_label_comp_id   PHE 
_pdbx_struct_sheet_hbond.range_2_label_asym_id   A 
_pdbx_struct_sheet_hbond.range_2_label_seq_id    75 
_pdbx_struct_sheet_hbond.range_2_PDB_ins_code    ? 
_pdbx_struct_sheet_hbond.range_2_auth_atom_id    O 
_pdbx_struct_sheet_hbond.range_2_auth_comp_id    PHE 
_pdbx_struct_sheet_hbond.range_2_auth_asym_id    A 
_pdbx_struct_sheet_hbond.range_2_auth_seq_id     73 
# 
_atom_sites.entry_id                    5KVR 
_atom_sites.fract_transf_matrix[1][1]   -0.01218065 
_atom_sites.fract_transf_matrix[1][2]   -0.02168573 
_atom_sites.fract_transf_matrix[1][3]   -0.00565403 
_atom_sites.fract_transf_matrix[2][1]   -0.01396828 
_atom_sites.fract_transf_matrix[2][2]   -0.01179234 
_atom_sites.fract_transf_matrix[2][3]   0.01778862 
_atom_sites.fract_transf_matrix[3][1]   -0.01357261 
_atom_sites.fract_transf_matrix[3][2]   0.00886936 
_atom_sites.fract_transf_matrix[3][3]   -0.00477808 
_atom_sites.fract_transf_vector[1]      -0.014307 
_atom_sites.fract_transf_vector[2]      0.335578 
_atom_sites.fract_transf_vector[3]      -0.006737 
# 
loop_
_atom_type.symbol 
C 
H 
N 
O 
S 
# 
loop_
_atom_site.group_PDB 
_atom_site.id 
_atom_site.type_symbol 
_atom_site.label_atom_id 
_atom_site.label_alt_id 
_atom_site.label_comp_id 
_atom_site.label_asym_id 
_atom_site.label_entity_id 
_atom_site.label_seq_id 
_atom_site.pdbx_PDB_ins_code 
_atom_site.Cartn_x 
_atom_site.Cartn_y 
_atom_site.Cartn_z 
_atom_site.occupancy 
_atom_site.B_iso_or_equiv 
_atom_site.pdbx_formal_charge 
_atom_site.auth_seq_id 
_atom_site.auth_comp_id 
_atom_site.auth_asym_id 
_atom_site.auth_atom_id 
_atom_site.pdbx_PDB_model_num 
ATOM   1    N N    . ASN A 1 1  ? -17.155 -5.619  -37.587 1.00 58.99 ? -1  ASN A N    1 
ATOM   2    C CA   . ASN A 1 1  ? -16.022 -5.682  -38.555 1.00 51.12 ? -1  ASN A CA   1 
ATOM   3    C C    . ASN A 1 1  ? -14.743 -6.142  -37.854 1.00 41.69 ? -1  ASN A C    1 
ATOM   4    O O    . ASN A 1 1  ? -14.654 -7.289  -37.404 1.00 62.42 ? -1  ASN A O    1 
ATOM   5    C CB   . ASN A 1 1  ? -15.819 -4.323  -39.231 1.00 45.22 ? -1  ASN A CB   1 
ATOM   6    H H1   . ASN A 1 1  ? -17.806 -5.117  -37.925 1.00 70.79 ? -1  ASN A H1   1 
ATOM   7    H H2   . ASN A 1 1  ? -17.461 -6.440  -37.435 1.00 70.79 ? -1  ASN A H2   1 
ATOM   8    H H3   . ASN A 1 1  ? -16.871 -5.262  -36.821 1.00 70.79 ? -1  ASN A H3   1 
ATOM   9    H HA   . ASN A 1 1  ? -16.234 -6.331  -39.245 1.00 61.34 ? -1  ASN A HA   1 
ATOM   10   N N    . ALA A 1 2  ? -13.814 -5.226  -37.718 1.00 64.79 ? 0   ALA A N    1 
ATOM   11   C CA   . ALA A 1 2  ? -12.524 -5.483  -37.064 1.00 55.26 ? 0   ALA A CA   1 
ATOM   12   C C    . ALA A 1 2  ? -12.659 -5.860  -35.588 1.00 55.81 ? 0   ALA A C    1 
ATOM   13   O O    . ALA A 1 2  ? -13.601 -5.501  -34.939 1.00 58.60 ? 0   ALA A O    1 
ATOM   14   C CB   . ALA A 1 2  ? -11.626 -4.283  -37.194 1.00 61.21 ? 0   ALA A CB   1 
ATOM   15   H H    . ALA A 1 2  ? -13.917 -4.425  -37.996 1.00 77.75 ? 0   ALA A H    1 
ATOM   16   H HA   . ALA A 1 2  ? -12.080 -6.219  -37.513 1.00 66.31 ? 0   ALA A HA   1 
ATOM   17   H HB1  . ALA A 1 2  ? -10.713 -4.579  -37.163 1.00 73.46 ? 0   ALA A HB1  1 
ATOM   18   H HB2  . ALA A 1 2  ? -11.809 -3.850  -38.024 1.00 73.46 ? 0   ALA A HB2  1 
ATOM   19   H HB3  . ALA A 1 2  ? -11.827 -3.685  -36.474 1.00 73.46 ? 0   ALA A HB3  1 
ATOM   20   N N    . MET A 1 3  ? -11.724 -6.656  -35.094 1.00 55.33 ? 1   MET A N    1 
ATOM   21   C CA   . MET A 1 3  ? -11.789 -7.046  -33.706 1.00 52.25 ? 1   MET A CA   1 
ATOM   22   C C    . MET A 1 3  ? -11.451 -5.795  -32.942 1.00 34.92 ? 1   MET A C    1 
ATOM   23   O O    . MET A 1 3  ? -10.497 -5.097  -33.258 1.00 41.08 ? 1   MET A O    1 
ATOM   24   C CB   . MET A 1 3  ? -10.800 -8.173  -33.394 1.00 54.58 ? 1   MET A CB   1 
ATOM   25   C CG   . MET A 1 3  ? -10.433 -8.313  -31.928 1.00 42.21 ? 1   MET A CG   1 
ATOM   26   S SD   . MET A 1 3  ? -11.651 -9.185  -30.940 1.00 95.05 ? 1   MET A SD   1 
ATOM   27   C CE   . MET A 1 3  ? -10.839 -9.171  -29.349 1.00 60.92 ? 1   MET A CE   1 
ATOM   28   H H    . MET A 1 3  ? -11.059 -6.975  -35.532 1.00 66.40 ? 1   MET A H    1 
ATOM   29   H HA   . MET A 1 3  ? -12.694 -7.341  -33.480 1.00 62.70 ? 1   MET A HA   1 
ATOM   30   H HB2  . MET A 1 3  ? -11.195 -9.013  -33.668 1.00 65.49 ? 1   MET A HB2  1 
ATOM   31   H HB3  . MET A 1 3  ? -9.982  -8.016  -33.889 1.00 65.49 ? 1   MET A HB3  1 
ATOM   32   H HG2  . MET A 1 3  ? -9.600  -8.806  -31.866 1.00 50.65 ? 1   MET A HG2  1 
ATOM   33   H HG3  . MET A 1 3  ? -10.320 -7.434  -31.540 1.00 50.65 ? 1   MET A HG3  1 
ATOM   34   H HE1  . MET A 1 3  ? -10.180 -9.868  -29.329 1.00 73.10 ? 1   MET A HE1  1 
ATOM   35   H HE2  . MET A 1 3  ? -10.416 -8.320  -29.224 1.00 73.10 ? 1   MET A HE2  1 
ATOM   36   H HE3  . MET A 1 3  ? -11.493 -9.314  -28.663 1.00 73.10 ? 1   MET A HE3  1 
ATOM   37   N N    . ALA A 1 4  ? -12.243 -5.506  -31.932 1.00 39.00 ? 2   ALA A N    1 
ATOM   38   C CA   . ALA A 1 4  ? -11.973 -4.347  -31.121 1.00 39.31 ? 2   ALA A CA   1 
ATOM   39   C C    . ALA A 1 4  ? -11.350 -4.900  -29.868 1.00 37.79 ? 2   ALA A C    1 
ATOM   40   O O    . ALA A 1 4  ? -12.036 -5.447  -29.008 1.00 39.44 ? 2   ALA A O    1 
ATOM   41   C CB   . ALA A 1 4  ? -13.252 -3.603  -30.812 1.00 40.42 ? 2   ALA A CB   1 
ATOM   42   H H    . ALA A 1 4  ? -12.932 -5.962  -31.700 1.00 46.80 ? 2   ALA A H    1 
ATOM   43   H HA   . ALA A 1 4  ? -11.343 -3.752  -31.574 1.00 47.17 ? 2   ALA A HA   1 
ATOM   44   H HB1  . ALA A 1 4  ? -13.059 -2.898  -30.191 1.00 48.51 ? 2   ALA A HB1  1 
ATOM   45   H HB2  . ALA A 1 4  ? -13.598 -3.234  -31.625 1.00 48.51 ? 2   ALA A HB2  1 
ATOM   46   H HB3  . ALA A 1 4  ? -13.886 -4.214  -30.431 1.00 48.51 ? 2   ALA A HB3  1 
ATOM   47   N N    . TYR A 1 5  ? -10.039 -4.743  -29.775 1.00 34.31 ? 3   TYR A N    1 
ATOM   48   C CA   . TYR A 1 5  ? -9.313  -5.237  -28.643 1.00 32.41 ? 3   TYR A CA   1 
ATOM   49   C C    . TYR A 1 5  ? -9.621  -4.353  -27.460 1.00 33.62 ? 3   TYR A C    1 
ATOM   50   O O    . TYR A 1 5  ? -9.591  -3.144  -27.551 1.00 35.32 ? 3   TYR A O    1 
ATOM   51   C CB   . TYR A 1 5  ? -7.814  -5.236  -28.920 1.00 29.20 ? 3   TYR A CB   1 
ATOM   52   C CG   . TYR A 1 5  ? -7.370  -6.219  -29.969 1.00 28.43 ? 3   TYR A CG   1 
ATOM   53   C CD1  . TYR A 1 5  ? -6.868  -7.455  -29.621 1.00 28.67 ? 3   TYR A CD1  1 
ATOM   54   C CD2  . TYR A 1 5  ? -7.444  -5.905  -31.300 1.00 29.06 ? 3   TYR A CD2  1 
ATOM   55   C CE1  . TYR A 1 5  ? -6.457  -8.350  -30.585 1.00 29.48 ? 3   TYR A CE1  1 
ATOM   56   C CE2  . TYR A 1 5  ? -7.040  -6.795  -32.267 1.00 28.74 ? 3   TYR A CE2  1 
ATOM   57   C CZ   . TYR A 1 5  ? -6.546  -8.016  -31.900 1.00 29.64 ? 3   TYR A CZ   1 
ATOM   58   O OH   . TYR A 1 5  ? -6.140  -8.889  -32.869 1.00 30.74 ? 3   TYR A OH   1 
ATOM   59   H H    . TYR A 1 5  ? -9.559  -4.339  -30.359 1.00 41.18 ? 3   TYR A H    1 
ATOM   60   H HA   . TYR A 1 5  ? -9.599  -6.149  -28.440 1.00 38.89 ? 3   TYR A HA   1 
ATOM   61   H HB2  . TYR A 1 5  ? -7.564  -4.354  -29.227 1.00 35.04 ? 3   TYR A HB2  1 
ATOM   62   H HB3  . TYR A 1 5  ? -7.346  -5.442  -28.101 1.00 35.04 ? 3   TYR A HB3  1 
ATOM   63   H HD1  . TYR A 1 5  ? -6.806  -7.685  -28.725 1.00 34.40 ? 3   TYR A HD1  1 
ATOM   64   H HD2  . TYR A 1 5  ? -7.781  -5.080  -31.554 1.00 34.87 ? 3   TYR A HD2  1 
ATOM   65   H HE1  . TYR A 1 5  ? -6.121  -9.177  -30.337 1.00 35.38 ? 3   TYR A HE1  1 
ATOM   66   H HE2  . TYR A 1 5  ? -7.099  -6.567  -33.163 1.00 34.49 ? 3   TYR A HE2  1 
ATOM   67   H HH   . TYR A 1 5  ? -6.705  -9.466  -32.976 1.00 36.89 ? 3   TYR A HH   1 
ATOM   68   N N    . SER A 1 6  ? -9.913  -4.980  -26.345 1.00 32.86 ? 4   SER A N    1 
ATOM   69   C CA   . SER A 1 6  ? -10.213 -4.238  -25.137 1.00 32.39 ? 4   SER A CA   1 
ATOM   70   C C    . SER A 1 6  ? -8.946  -4.022  -24.324 1.00 31.11 ? 4   SER A C    1 
ATOM   71   O O    . SER A 1 6  ? -7.943  -4.721  -24.486 1.00 29.52 ? 4   SER A O    1 
ATOM   72   C CB   . SER A 1 6  ? -11.245 -4.992  -24.308 1.00 34.05 ? 4   SER A CB   1 
ATOM   73   O OG   . SER A 1 6  ? -12.418 -5.195  -25.074 1.00 35.63 ? 4   SER A OG   1 
ATOM   74   H H    . SER A 1 6  ? -9.963  -5.833  -26.258 1.00 39.43 ? 4   SER A H    1 
ATOM   75   H HA   . SER A 1 6  ? -10.580 -3.371  -25.371 1.00 38.86 ? 4   SER A HA   1 
ATOM   76   H HB2  . SER A 1 6  ? -10.880 -5.852  -24.049 1.00 40.86 ? 4   SER A HB2  1 
ATOM   77   H HB3  . SER A 1 6  ? -11.465 -4.470  -23.520 1.00 40.86 ? 4   SER A HB3  1 
ATOM   78   H HG   . SER A 1 6  ? -12.990 -5.611  -24.619 1.00 42.75 ? 4   SER A HG   1 
ATOM   79   N N    . LYS A 1 7  ? -9.004  -3.035  -23.437 1.00 31.18 ? 5   LYS A N    1 
ATOM   80   C CA   . LYS A 1 7  ? -7.855  -2.713  -22.609 1.00 30.85 ? 5   LYS A CA   1 
ATOM   81   C C    . LYS A 1 7  ? -7.437  -3.923  -21.785 1.00 29.78 ? 5   LYS A C    1 
ATOM   82   O O    . LYS A 1 7  ? -8.273  -4.626  -21.210 1.00 31.69 ? 5   LYS A O    1 
ATOM   83   C CB   . LYS A 1 7  ? -8.202  -1.553  -21.679 1.00 33.85 ? 5   LYS A CB   1 
ATOM   84   C CG   . LYS A 1 7  ? -8.566  -0.284  -22.414 1.00 37.43 ? 5   LYS A CG   1 
ATOM   85   C CD   . LYS A 1 7  ? -8.919  0.839   -21.456 1.00 41.44 ? 5   LYS A CD   1 
ATOM   86   C CE   . LYS A 1 7  ? -9.330  2.095   -22.210 1.00 43.89 ? 5   LYS A CE   1 
ATOM   87   N NZ   . LYS A 1 7  ? -8.242  2.595   -23.100 1.00 45.44 ? 5   LYS A NZ   1 
ATOM   88   H H    . LYS A 1 7  ? -9.694  -2.542  -23.298 1.00 37.41 ? 5   LYS A H    1 
ATOM   89   H HA   . LYS A 1 7  ? -7.110  -2.448  -23.172 1.00 37.02 ? 5   LYS A HA   1 
ATOM   90   H HB2  . LYS A 1 7  ? -8.959  -1.807  -21.128 1.00 40.62 ? 5   LYS A HB2  1 
ATOM   91   H HB3  . LYS A 1 7  ? -7.435  -1.362  -21.116 1.00 40.62 ? 5   LYS A HB3  1 
ATOM   92   H HG2  . LYS A 1 7  ? -7.810  0.002   -22.951 1.00 44.91 ? 5   LYS A HG2  1 
ATOM   93   H HG3  . LYS A 1 7  ? -9.335  -0.453  -22.981 1.00 44.91 ? 5   LYS A HG3  1 
ATOM   94   H HD2  . LYS A 1 7  ? -9.662  0.562   -20.897 1.00 49.73 ? 5   LYS A HD2  1 
ATOM   95   H HD3  . LYS A 1 7  ? -8.147  1.050   -20.911 1.00 49.73 ? 5   LYS A HD3  1 
ATOM   96   H HE2  . LYS A 1 7  ? -10.104 1.897   -22.761 1.00 52.66 ? 5   LYS A HE2  1 
ATOM   97   H HE3  . LYS A 1 7  ? -9.544  2.793   -21.572 1.00 52.66 ? 5   LYS A HE3  1 
ATOM   98   H HZ1  . LYS A 1 7  ? -8.511  3.328   -23.526 1.00 54.53 ? 5   LYS A HZ1  1 
ATOM   99   H HZ2  . LYS A 1 7  ? -7.519  2.789   -22.618 1.00 54.53 ? 5   LYS A HZ2  1 
ATOM   100  H HZ3  . LYS A 1 7  ? -8.029  1.973   -23.700 1.00 54.53 ? 5   LYS A HZ3  1 
ATOM   101  N N    . ILE A 1 8  ? -6.128  -4.171  -21.743 1.00 28.79 ? 6   ILE A N    1 
ATOM   102  C CA   . ILE A 1 8  ? -5.595  -5.202  -20.865 1.00 27.86 ? 6   ILE A CA   1 
ATOM   103  C C    . ILE A 1 8  ? -5.953  -4.846  -19.434 1.00 31.58 ? 6   ILE A C    1 
ATOM   104  O O    . ILE A 1 8  ? -5.775  -3.703  -18.996 1.00 34.26 ? 6   ILE A O    1 
ATOM   105  C CB   . ILE A 1 8  ? -4.076  -5.320  -21.051 1.00 26.25 ? 6   ILE A CB   1 
ATOM   106  C CG1  . ILE A 1 8  ? -3.735  -5.856  -22.446 1.00 25.16 ? 6   ILE A CG1  1 
ATOM   107  C CG2  . ILE A 1 8  ? -3.451  -6.193  -19.973 1.00 25.97 ? 6   ILE A CG2  1 
ATOM   108  C CD1  . ILE A 1 8  ? -4.094  -7.318  -22.672 1.00 25.25 ? 6   ILE A CD1  1 
ATOM   109  H H    . ILE A 1 8  ? -5.535  -3.757  -22.208 1.00 34.55 ? 6   ILE A H    1 
ATOM   110  H HA   . ILE A 1 8  ? -6.002  -6.055  -21.083 1.00 33.43 ? 6   ILE A HA   1 
ATOM   111  H HB   . ILE A 1 8  ? -3.696  -4.431  -20.972 1.00 31.50 ? 6   ILE A HB   1 
ATOM   112  H HG12 . ILE A 1 8  ? -4.217  -5.331  -23.105 1.00 30.19 ? 6   ILE A HG12 1 
ATOM   113  H HG13 . ILE A 1 8  ? -2.780  -5.762  -22.590 1.00 30.19 ? 6   ILE A HG13 1 
ATOM   114  H HG21 . ILE A 1 8  ? -2.493  -6.243  -20.123 1.00 31.16 ? 6   ILE A HG21 1 
ATOM   115  H HG22 . ILE A 1 8  ? -3.630  -5.799  -19.105 1.00 31.16 ? 6   ILE A HG22 1 
ATOM   116  H HG23 . ILE A 1 8  ? -3.841  -7.079  -20.021 1.00 31.16 ? 6   ILE A HG23 1 
ATOM   117  H HD11 . ILE A 1 8  ? -3.844  -7.567  -23.576 1.00 30.30 ? 6   ILE A HD11 1 
ATOM   118  H HD12 . ILE A 1 8  ? -3.610  -7.863  -22.033 1.00 30.30 ? 6   ILE A HD12 1 
ATOM   119  H HD13 . ILE A 1 8  ? -5.049  -7.430  -22.549 1.00 30.30 ? 6   ILE A HD13 1 
ATOM   120  N N    . ARG A 1 9  ? -6.471  -5.819  -18.698 1.00 33.21 ? 7   ARG A N    1 
ATOM   121  C CA   . ARG A 1 9  ? -6.760  -5.632  -17.286 1.00 35.28 ? 7   ARG A CA   1 
ATOM   122  C C    . ARG A 1 9  ? -5.500  -5.983  -16.503 1.00 35.94 ? 7   ARG A C    1 
ATOM   123  O O    . ARG A 1 9  ? -5.121  -7.155  -16.411 1.00 36.65 ? 7   ARG A O    1 
ATOM   124  C CB   . ARG A 1 9  ? -7.961  -6.476  -16.864 1.00 39.04 ? 7   ARG A CB   1 
ATOM   125  C CG   . ARG A 1 9  ? -9.241  -6.080  -17.606 1.00 42.32 ? 7   ARG A CG   1 
ATOM   126  C CD   . ARG A 1 9  ? -10.489 -6.779  -17.080 1.00 45.09 ? 7   ARG A CD   1 
ATOM   127  N NE   . ARG A 1 9  ? -10.373 -8.236  -17.141 1.00 48.07 ? 7   ARG A NE   1 
ATOM   128  C CZ   . ARG A 1 9  ? -10.302 -9.048  -16.089 1.00 51.34 ? 7   ARG A CZ   1 
ATOM   129  N NH1  . ARG A 1 9  ? -10.351 -8.571  -14.853 1.00 52.43 ? 7   ARG A NH1  1 
ATOM   130  N NH2  . ARG A 1 9  ? -10.191 -10.357 -16.278 1.00 52.73 ? 7   ARG A NH2  1 
ATOM   131  H H    . ARG A 1 9  ? -6.666  -6.602  -18.997 1.00 39.85 ? 7   ARG A H    1 
ATOM   132  H HA   . ARG A 1 9  ? -6.970  -4.700  -17.121 1.00 42.34 ? 7   ARG A HA   1 
ATOM   133  H HB2  . ARG A 1 9  ? -7.777  -7.409  -17.056 1.00 46.85 ? 7   ARG A HB2  1 
ATOM   134  H HB3  . ARG A 1 9  ? -8.115  -6.356  -15.914 1.00 46.85 ? 7   ARG A HB3  1 
ATOM   135  H HG2  . ARG A 1 9  ? -9.374  -5.124  -17.514 1.00 50.79 ? 7   ARG A HG2  1 
ATOM   136  H HG3  . ARG A 1 9  ? -9.143  -6.310  -18.544 1.00 50.79 ? 7   ARG A HG3  1 
ATOM   137  H HD2  . ARG A 1 9  ? -10.630 -6.526  -16.155 1.00 54.11 ? 7   ARG A HD2  1 
ATOM   138  H HD3  . ARG A 1 9  ? -11.252 -6.516  -17.618 1.00 54.11 ? 7   ARG A HD3  1 
ATOM   139  H HE   . ARG A 1 9  ? -10.348 -8.598  -17.921 1.00 57.69 ? 7   ARG A HE   1 
ATOM   140  H HH11 . ARG A 1 9  ? -10.421 -7.724  -14.720 1.00 62.92 ? 7   ARG A HH11 1 
ATOM   141  H HH12 . ARG A 1 9  ? -10.306 -9.108  -14.183 1.00 62.92 ? 7   ARG A HH12 1 
ATOM   142  H HH21 . ARG A 1 9  ? -10.162 -10.675 -17.076 1.00 63.27 ? 7   ARG A HH21 1 
ATOM   143  H HH22 . ARG A 1 9  ? -10.150 -10.887 -15.602 1.00 63.27 ? 7   ARG A HH22 1 
ATOM   144  N N    . GLN A 1 10 ? -4.827  -4.956  -15.987 1.00 35.17 ? 8   GLN A N    1 
ATOM   145  C CA   . GLN A 1 10 ? -3.721  -5.115  -15.048 1.00 32.10 ? 8   GLN A CA   1 
ATOM   146  C C    . GLN A 1 10 ? -4.075  -4.231  -13.862 1.00 31.01 ? 8   GLN A C    1 
ATOM   147  O O    . GLN A 1 10 ? -4.209  -3.000  -14.031 1.00 31.68 ? 8   GLN A O    1 
ATOM   148  C CB   . GLN A 1 10 ? -2.380  -4.679  -15.652 1.00 32.59 ? 8   GLN A CB   1 
ATOM   149  C CG   . GLN A 1 10 ? -1.206  -4.577  -14.649 1.00 32.53 ? 8   GLN A CG   1 
ATOM   150  C CD   . GLN A 1 10 ? -0.550  -5.913  -14.322 1.00 32.31 ? 8   GLN A CD   1 
ATOM   151  O OE1  . GLN A 1 10 ? -1.215  -6.873  -13.923 1.00 32.86 ? 8   GLN A OE1  1 
ATOM   152  N NE2  . GLN A 1 10 ? 0.775   -5.973  -14.478 1.00 32.52 ? 8   GLN A NE2  1 
ATOM   153  H H    . GLN A 1 10 ? -4.999  -4.134  -16.172 1.00 42.21 ? 8   GLN A H    1 
ATOM   154  H HA   . GLN A 1 10 ? -3.657  -6.037  -14.754 1.00 38.52 ? 8   GLN A HA   1 
ATOM   155  H HB2  . GLN A 1 10 ? -2.127  -5.323  -16.334 1.00 39.11 ? 8   GLN A HB2  1 
ATOM   156  H HB3  . GLN A 1 10 ? -2.496  -3.806  -16.058 1.00 39.11 ? 8   GLN A HB3  1 
ATOM   157  H HG2  . GLN A 1 10 ? -0.525  -3.997  -15.025 1.00 39.04 ? 8   GLN A HG2  1 
ATOM   158  H HG3  . GLN A 1 10 ? -1.537  -4.199  -13.820 1.00 39.04 ? 8   GLN A HG3  1 
ATOM   159  H HE21 . GLN A 1 10 ? 1.207   -5.280  -14.751 1.00 39.03 ? 8   GLN A HE21 1 
ATOM   160  H HE22 . GLN A 1 10 ? 1.195   -6.703  -14.308 1.00 39.03 ? 8   GLN A HE22 1 
ATOM   161  N N    . PRO A 1 11 ? -4.253  -4.784  -12.665 1.00 29.80 ? 9   PRO A N    1 
ATOM   162  C CA   . PRO A 1 11 ? -4.555  -3.930  -11.512 1.00 27.58 ? 9   PRO A CA   1 
ATOM   163  C C    . PRO A 1 11 ? -3.492  -2.857  -11.338 1.00 25.58 ? 9   PRO A C    1 
ATOM   164  O O    . PRO A 1 11 ? -2.321  -3.049  -11.679 1.00 25.99 ? 9   PRO A O    1 
ATOM   165  C CB   . PRO A 1 11 ? -4.571  -4.907  -10.328 1.00 29.70 ? 9   PRO A CB   1 
ATOM   166  C CG   . PRO A 1 11 ? -3.889  -6.143  -10.823 1.00 31.78 ? 9   PRO A CG   1 
ATOM   167  C CD   . PRO A 1 11 ? -4.150  -6.205  -12.286 1.00 30.66 ? 9   PRO A CD   1 
ATOM   168  H HA   . PRO A 1 11 ? -5.428  -3.516  -11.608 1.00 33.10 ? 9   PRO A HA   1 
ATOM   169  H HB2  . PRO A 1 11 ? -4.084  -4.524  -9.582  1.00 35.64 ? 9   PRO A HB2  1 
ATOM   170  H HB3  . PRO A 1 11 ? -5.487  -5.100  -10.077 1.00 35.64 ? 9   PRO A HB3  1 
ATOM   171  H HG2  . PRO A 1 11 ? -2.936  -6.079  -10.650 1.00 38.13 ? 9   PRO A HG2  1 
ATOM   172  H HG3  . PRO A 1 11 ? -4.263  -6.920  -10.378 1.00 38.13 ? 9   PRO A HG3  1 
ATOM   173  H HD2  . PRO A 1 11 ? -3.407  -6.626  -12.746 1.00 36.80 ? 9   PRO A HD2  1 
ATOM   174  H HD3  . PRO A 1 11 ? -4.986  -6.665  -12.462 1.00 36.80 ? 9   PRO A HD3  1 
ATOM   175  N N    . LYS A 1 12 ? -3.926  -1.703  -10.839 1.00 24.87 ? 10  LYS A N    1 
ATOM   176  C CA   . LYS A 1 12 ? -2.998  -0.621  -10.541 1.00 24.79 ? 10  LYS A CA   1 
ATOM   177  C C    . LYS A 1 12 ? -2.074  -1.039  -9.403  1.00 21.47 ? 10  LYS A C    1 
ATOM   178  O O    . LYS A 1 12 ? -2.511  -1.632  -8.414  1.00 20.72 ? 10  LYS A O    1 
ATOM   179  C CB   . LYS A 1 12 ? -3.773  0.630   -10.132 1.00 29.46 ? 10  LYS A CB   1 
ATOM   180  C CG   . LYS A 1 12 ? -4.745  1.143   -11.183 1.00 34.00 ? 10  LYS A CG   1 
ATOM   181  C CD   . LYS A 1 12 ? -4.013  1.736   -12.372 1.00 38.54 ? 10  LYS A CD   1 
ATOM   182  C CE   . LYS A 1 12 ? -4.972  2.430   -13.323 1.00 41.22 ? 10  LYS A CE   1 
ATOM   183  N NZ   . LYS A 1 12 ? -4.262  3.008   -14.496 1.00 42.87 ? 10  LYS A NZ   1 
ATOM   184  H H    . LYS A 1 12 ? -4.748  -1.523  -10.666 1.00 29.85 ? 10  LYS A H    1 
ATOM   185  H HA   . LYS A 1 12 ? -2.462  -0.419  -11.324 1.00 29.75 ? 10  LYS A HA   1 
ATOM   186  H HB2  . LYS A 1 12 ? -4.285  0.431   -9.332  1.00 35.35 ? 10  LYS A HB2  1 
ATOM   187  H HB3  . LYS A 1 12 ? -3.139  1.340   -9.947  1.00 35.35 ? 10  LYS A HB3  1 
ATOM   188  H HG2  . LYS A 1 12 ? -5.293  0.408   -11.499 1.00 40.80 ? 10  LYS A HG2  1 
ATOM   189  H HG3  . LYS A 1 12 ? -5.302  1.835   -10.794 1.00 40.80 ? 10  LYS A HG3  1 
ATOM   190  H HD2  . LYS A 1 12 ? -3.369  2.389   -12.058 1.00 46.25 ? 10  LYS A HD2  1 
ATOM   191  H HD3  . LYS A 1 12 ? -3.564  1.026   -12.857 1.00 46.25 ? 10  LYS A HD3  1 
ATOM   192  H HE2  . LYS A 1 12 ? -5.621  1.787   -13.649 1.00 49.47 ? 10  LYS A HE2  1 
ATOM   193  H HE3  . LYS A 1 12 ? -5.421  3.151   -12.855 1.00 49.47 ? 10  LYS A HE3  1 
ATOM   194  H HZ1  . LYS A 1 12 ? -4.844  3.409   -15.037 1.00 51.45 ? 10  LYS A HZ1  1 
ATOM   195  H HZ2  . LYS A 1 12 ? -3.662  3.606   -14.224 1.00 51.45 ? 10  LYS A HZ2  1 
ATOM   196  H HZ3  . LYS A 1 12 ? -3.845  2.364   -14.946 1.00 51.45 ? 10  LYS A HZ3  1 
ATOM   197  N N    . LEU A 1 13 ? -0.784  -0.738  -9.546  1.00 19.80 ? 11  LEU A N    1 
ATOM   198  C CA   . LEU A 1 13 ? 0.182   -1.208  -8.556  1.00 18.42 ? 11  LEU A CA   1 
ATOM   199  C C    . LEU A 1 13 ? -0.175  -0.725  -7.157  1.00 17.65 ? 11  LEU A C    1 
ATOM   200  O O    . LEU A 1 13 ? -0.036  -1.471  -6.183  1.00 17.31 ? 11  LEU A O    1 
ATOM   201  C CB   . LEU A 1 13 ? 1.595   -0.773  -8.946  1.00 18.85 ? 11  LEU A CB   1 
ATOM   202  C CG   . LEU A 1 13 ? 2.720   -1.245  -8.015  1.00 19.58 ? 11  LEU A CG   1 
ATOM   203  C CD1  . LEU A 1 13 ? 2.707   -2.756  -7.803  1.00 19.45 ? 11  LEU A CD1  1 
ATOM   204  C CD2  . LEU A 1 13 ? 4.063   -0.801  -8.561  1.00 21.27 ? 11  LEU A CD2  1 
ATOM   205  H H    . LEU A 1 13 ? -0.449  -0.275  -10.190 1.00 23.76 ? 11  LEU A H    1 
ATOM   206  H HA   . LEU A 1 13 ? 0.166   -2.178  -8.546  1.00 22.10 ? 11  LEU A HA   1 
ATOM   207  H HB2  . LEU A 1 13 ? 1.789   -1.119  -9.831  1.00 22.62 ? 11  LEU A HB2  1 
ATOM   208  H HB3  . LEU A 1 13 ? 1.622   0.196   -8.966  1.00 22.62 ? 11  LEU A HB3  1 
ATOM   209  H HG   . LEU A 1 13 ? 2.601   -0.824  -7.148  1.00 23.49 ? 11  LEU A HG   1 
ATOM   210  H HD11 . LEU A 1 13 ? 3.435   -2.997  -7.209  1.00 23.34 ? 11  LEU A HD11 1 
ATOM   211  H HD12 . LEU A 1 13 ? 1.860   -3.013  -7.408  1.00 23.34 ? 11  LEU A HD12 1 
ATOM   212  H HD13 . LEU A 1 13 ? 2.820   -3.196  -8.660  1.00 23.34 ? 11  LEU A HD13 1 
ATOM   213  H HD21 . LEU A 1 13 ? 4.763   -1.106  -7.963  1.00 25.52 ? 11  LEU A HD21 1 
ATOM   214  H HD22 . LEU A 1 13 ? 4.188   -1.190  -9.442  1.00 25.52 ? 11  LEU A HD22 1 
ATOM   215  H HD23 . LEU A 1 13 ? 4.076   0.166   -8.621  1.00 25.52 ? 11  LEU A HD23 1 
ATOM   216  N N    . SER A 1 14 ? -0.633  0.523   -7.028  1.00 17.46 ? 12  SER A N    1 
ATOM   217  C CA   . SER A 1 14 ? -1.009  1.017   -5.708  1.00 17.78 ? 12  SER A CA   1 
ATOM   218  C C    . SER A 1 14 ? -2.122  0.170   -5.098  1.00 17.99 ? 12  SER A C    1 
ATOM   219  O O    . SER A 1 14 ? -2.137  -0.061  -3.882  1.00 17.51 ? 12  SER A O    1 
ATOM   220  C CB   . SER A 1 14 ? -1.398  2.495   -5.779  1.00 19.51 ? 12  SER A CB   1 
ATOM   221  O OG   . SER A 1 14 ? -2.552  2.695   -6.569  1.00 24.15 ? 12  SER A OG   1 
ATOM   222  H H    . SER A 1 14 ? -0.732  1.086   -7.670  1.00 20.96 ? 12  SER A H    1 
ATOM   223  H HA   . SER A 1 14 ? -0.238  0.948   -5.123  1.00 21.34 ? 12  SER A HA   1 
ATOM   224  H HB2  . SER A 1 14 ? -1.574  2.817   -4.881  1.00 23.41 ? 12  SER A HB2  1 
ATOM   225  H HB3  . SER A 1 14 ? -0.663  2.995   -6.169  1.00 23.41 ? 12  SER A HB3  1 
ATOM   226  H HG   . SER A 1 14 ? -3.200  2.271   -6.243  1.00 28.97 ? 12  SER A HG   1 
ATOM   227  N N    . ASP A 1 15 ? -3.061  -0.307  -5.924  1.00 19.04 ? 13  ASP A N    1 
ATOM   228  C CA   . ASP A 1 15 ? -4.106  -1.196  -5.417  1.00 20.39 ? 13  ASP A CA   1 
ATOM   229  C C    . ASP A 1 15 ? -3.528  -2.535  -4.969  1.00 19.39 ? 13  ASP A C    1 
ATOM   230  O O    . ASP A 1 15 ? -3.954  -3.096  -3.952  1.00 19.72 ? 13  ASP A O    1 
ATOM   231  C CB   . ASP A 1 15 ? -5.172  -1.424  -6.484  1.00 23.38 ? 13  ASP A CB   1 
ATOM   232  C CG   . ASP A 1 15 ? -6.040  -0.198  -6.729  1.00 30.56 ? 13  ASP A CG   1 
ATOM   233  O OD1  . ASP A 1 15 ? -6.115  0.679   -5.844  1.00 32.85 ? 13  ASP A OD1  1 
ATOM   234  O OD2  . ASP A 1 15 ? -6.668  -0.123  -7.806  1.00 34.61 ? 13  ASP A OD2  1 
ATOM   235  H H    . ASP A 1 15 ? -3.113  -0.134  -6.764  1.00 22.85 ? 13  ASP A H    1 
ATOM   236  H HA   . ASP A 1 15 ? -4.531  -0.780  -4.650  1.00 24.47 ? 13  ASP A HA   1 
ATOM   237  H HB2  . ASP A 1 15 ? -4.737  -1.655  -7.320  1.00 28.05 ? 13  ASP A HB2  1 
ATOM   238  H HB3  . ASP A 1 15 ? -5.750  -2.150  -6.202  1.00 28.05 ? 13  ASP A HB3  1 
ATOM   239  N N    . VAL A 1 16 ? -2.556  -3.059  -5.714  1.00 20.02 ? 14  VAL A N    1 
ATOM   240  C CA   . VAL A 1 16 ? -1.923  -4.324  -5.351  1.00 19.43 ? 14  VAL A CA   1 
ATOM   241  C C    . VAL A 1 16 ? -1.222  -4.193  -4.006  1.00 18.44 ? 14  VAL A C    1 
ATOM   242  O O    . VAL A 1 16 ? -1.349  -5.061  -3.131  1.00 18.40 ? 14  VAL A O    1 
ATOM   243  C CB   . VAL A 1 16 ? -0.949  -4.763  -6.460  1.00 21.72 ? 14  VAL A CB   1 
ATOM   244  C CG1  . VAL A 1 16 ? -0.194  -6.025  -6.058  1.00 24.39 ? 14  VAL A CG1  1 
ATOM   245  C CG2  . VAL A 1 16 ? -1.694  -4.977  -7.770  1.00 22.29 ? 14  VAL A CG2  1 
ATOM   246  H H    . VAL A 1 16 ? -2.247  -2.703  -6.434  1.00 24.02 ? 14  VAL A H    1 
ATOM   247  H HA   . VAL A 1 16 ? -2.608  -5.006  -5.266  1.00 23.32 ? 14  VAL A HA   1 
ATOM   248  H HB   . VAL A 1 16 ? -0.296  -4.059  -6.600  1.00 26.07 ? 14  VAL A HB   1 
ATOM   249  H HG11 . VAL A 1 16 ? 0.409   -6.273  -6.776  1.00 29.27 ? 14  VAL A HG11 1 
ATOM   250  H HG12 . VAL A 1 16 ? 0.310   -5.847  -5.249  1.00 29.27 ? 14  VAL A HG12 1 
ATOM   251  H HG13 . VAL A 1 16 ? -0.833  -6.737  -5.900  1.00 29.27 ? 14  VAL A HG13 1 
ATOM   252  H HG21 . VAL A 1 16 ? -1.062  -5.253  -8.452  1.00 26.74 ? 14  VAL A HG21 1 
ATOM   253  H HG22 . VAL A 1 16 ? -2.365  -5.666  -7.643  1.00 26.74 ? 14  VAL A HG22 1 
ATOM   254  H HG23 . VAL A 1 16 ? -2.120  -4.145  -8.030  1.00 26.74 ? 14  VAL A HG23 1 
ATOM   255  N N    . ILE A 1 17 ? -0.462  -3.106  -3.828  1.00 17.48 ? 15  ILE A N    1 
ATOM   256  C CA   . ILE A 1 17 ? 0.228   -2.862  -2.564  1.00 16.40 ? 15  ILE A CA   1 
ATOM   257  C C    . ILE A 1 17 ? -0.780  -2.707  -1.435  1.00 16.04 ? 15  ILE A C    1 
ATOM   258  O O    . ILE A 1 17 ? -0.624  -3.277  -0.347  1.00 16.84 ? 15  ILE A O    1 
ATOM   259  C CB   . ILE A 1 17 ? 1.112   -1.609  -2.681  1.00 16.07 ? 15  ILE A CB   1 
ATOM   260  C CG1  . ILE A 1 17 ? 2.175   -1.773  -3.771  1.00 16.89 ? 15  ILE A CG1  1 
ATOM   261  C CG2  . ILE A 1 17 ? 1.757   -1.288  -1.336  1.00 17.08 ? 15  ILE A CG2  1 
ATOM   262  C CD1  . ILE A 1 17 ? 2.811   -0.450  -4.167  1.00 16.81 ? 15  ILE A CD1  1 
ATOM   263  H H    . ILE A 1 17 ? -0.333  -2.499  -4.422  1.00 20.98 ? 15  ILE A H    1 
ATOM   264  H HA   . ILE A 1 17 ? 0.800   -3.620  -2.360  1.00 19.68 ? 15  ILE A HA   1 
ATOM   265  H HB   . ILE A 1 17 ? 0.544   -0.863  -2.927  1.00 19.28 ? 15  ILE A HB   1 
ATOM   266  H HG12 . ILE A 1 17 ? 2.875   -2.359  -3.445  1.00 20.27 ? 15  ILE A HG12 1 
ATOM   267  H HG13 . ILE A 1 17 ? 1.761   -2.157  -4.561  1.00 20.27 ? 15  ILE A HG13 1 
ATOM   268  H HG21 . ILE A 1 17 ? 2.309   -0.496  -1.431  1.00 20.50 ? 15  ILE A HG21 1 
ATOM   269  H HG22 . ILE A 1 17 ? 1.058   -1.129  -0.682  1.00 20.50 ? 15  ILE A HG22 1 
ATOM   270  H HG23 . ILE A 1 17 ? 2.303   -2.041  -1.061  1.00 20.50 ? 15  ILE A HG23 1 
ATOM   271  H HD11 . ILE A 1 17 ? 3.473   -0.613  -4.857  1.00 20.18 ? 15  ILE A HD11 1 
ATOM   272  H HD12 . ILE A 1 17 ? 2.122   0.144   -4.503  1.00 20.18 ? 15  ILE A HD12 1 
ATOM   273  H HD13 . ILE A 1 17 ? 3.236   -0.059  -3.388  1.00 20.18 ? 15  ILE A HD13 1 
ATOM   274  N N    . GLU A 1 18 ? -1.814  -1.897  -1.667  1.00 16.75 ? 16  GLU A N    1 
ATOM   275  C CA   . GLU A 1 18 ? -2.843  -1.693  -0.656  1.00 16.90 ? 16  GLU A CA   1 
ATOM   276  C C    . GLU A 1 18 ? -3.423  -3.022  -0.192  1.00 18.05 ? 16  GLU A C    1 
ATOM   277  O O    . GLU A 1 18 ? -3.607  -3.246  1.010   1.00 18.04 ? 16  GLU A O    1 
ATOM   278  C CB   . GLU A 1 18 ? -3.948  -0.803  -1.235  1.00 17.44 ? 16  GLU A CB   1 
ATOM   279  C CG   . GLU A 1 18 ? -5.074  -0.479  -0.266  1.00 19.32 ? 16  GLU A CG   1 
ATOM   280  C CD   . GLU A 1 18 ? -6.254  0.203   -0.944  1.00 22.85 ? 16  GLU A CD   1 
ATOM   281  O OE1  . GLU A 1 18 ? -7.308  0.340   -0.288  1.00 24.98 ? 16  GLU A OE1  1 
ATOM   282  O OE2  . GLU A 1 18 ? -6.137  0.599   -2.125  1.00 23.87 ? 16  GLU A OE2  1 
ATOM   283  H H    . GLU A 1 18 ? -1.941  -1.461  -2.398  1.00 20.10 ? 16  GLU A H    1 
ATOM   284  H HA   . GLU A 1 18 ? -2.457  -1.242  0.111   1.00 20.28 ? 16  GLU A HA   1 
ATOM   285  H HB2  . GLU A 1 18 ? -3.552  0.037   -1.517  1.00 20.93 ? 16  GLU A HB2  1 
ATOM   286  H HB3  . GLU A 1 18 ? -4.339  -1.252  -2.000  1.00 20.93 ? 16  GLU A HB3  1 
ATOM   287  H HG2  . GLU A 1 18 ? -5.393  -1.303  0.135   1.00 23.19 ? 16  GLU A HG2  1 
ATOM   288  H HG3  . GLU A 1 18 ? -4.737  0.117   0.422   1.00 23.19 ? 16  GLU A HG3  1 
ATOM   289  N N    . GLN A 1 19 ? -3.712  -3.922  -1.130  1.00 18.51 ? 17  GLN A N    1 
ATOM   290  C CA   . GLN A 1 19 ? -4.360  -5.176  -0.760  1.00 20.34 ? 17  GLN A CA   1 
ATOM   291  C C    . GLN A 1 19 ? -3.414  -6.089  0.009   1.00 20.24 ? 17  GLN A C    1 
ATOM   292  O O    . GLN A 1 19 ? -3.839  -6.779  0.943   1.00 20.14 ? 17  GLN A O    1 
ATOM   293  C CB   . GLN A 1 19 ? -4.927  -5.857  -2.002  1.00 23.09 ? 17  GLN A CB   1 
ATOM   294  C CG   . GLN A 1 19 ? -6.109  -5.093  -2.583  1.00 27.98 ? 17  GLN A CG   1 
ATOM   295  C CD   . GLN A 1 19 ? -6.558  -5.608  -3.931  1.00 33.52 ? 17  GLN A CD   1 
ATOM   296  O OE1  . GLN A 1 19 ? -6.363  -6.779  -4.264  1.00 35.42 ? 17  GLN A OE1  1 
ATOM   297  N NE2  . GLN A 1 19 ? -7.168  -4.727  -4.722  1.00 35.50 ? 17  GLN A NE2  1 
ATOM   298  H H    . GLN A 1 19 ? -3.547  -3.833  -1.970  1.00 22.21 ? 17  GLN A H    1 
ATOM   299  H HA   . GLN A 1 19 ? -5.106  -4.974  -0.174  1.00 24.41 ? 17  GLN A HA   1 
ATOM   300  H HB2  . GLN A 1 19 ? -4.237  -5.907  -2.682  1.00 27.71 ? 17  GLN A HB2  1 
ATOM   301  H HB3  . GLN A 1 19 ? -5.230  -6.749  -1.767  1.00 27.71 ? 17  GLN A HB3  1 
ATOM   302  H HG2  . GLN A 1 19 ? -6.860  -5.165  -1.973  1.00 33.57 ? 17  GLN A HG2  1 
ATOM   303  H HG3  . GLN A 1 19 ? -5.859  -4.162  -2.689  1.00 33.57 ? 17  GLN A HG3  1 
ATOM   304  H HE21 . GLN A 1 19 ? -7.284  -3.918  -4.455  1.00 42.60 ? 17  GLN A HE21 1 
ATOM   305  H HE22 . GLN A 1 19 ? -7.443  -4.966  -5.500  1.00 42.60 ? 17  GLN A HE22 1 
ATOM   306  N N    . GLN A 1 20 ? -2.125  -6.089  -0.349  1.00 20.76 ? 18  GLN A N    1 
ATOM   307  C CA   . GLN A 1 20 ? -1.157  -6.914  0.369   1.00 21.54 ? 18  GLN A CA   1 
ATOM   308  C C    . GLN A 1 20 ? -0.942  -6.399  1.787   1.00 19.81 ? 18  GLN A C    1 
ATOM   309  O O    . GLN A 1 20 ? -0.960  -7.175  2.749   1.00 21.57 ? 18  GLN A O    1 
ATOM   310  C CB   . GLN A 1 20 ? 0.170   -6.968  -0.389  1.00 25.40 ? 18  GLN A CB   1 
ATOM   311  C CG   . GLN A 1 20 ? 1.321   -7.618  0.398   1.00 28.50 ? 18  GLN A CG   1 
ATOM   312  C CD   . GLN A 1 20 ? 1.101   -9.096  0.669   1.00 32.70 ? 18  GLN A CD   1 
ATOM   313  O OE1  . GLN A 1 20 ? 0.259   -9.737  0.040   1.00 35.95 ? 18  GLN A OE1  1 
ATOM   314  N NE2  . GLN A 1 20 ? 1.875   -9.650  1.598   1.00 32.84 ? 18  GLN A NE2  1 
ATOM   315  H H    . GLN A 1 20 ? -1.792  -5.627  -0.994  1.00 24.92 ? 18  GLN A H    1 
ATOM   316  H HA   . GLN A 1 20 ? -1.500  -7.819  0.431   1.00 25.85 ? 18  GLN A HA   1 
ATOM   317  H HB2  . GLN A 1 20 ? 0.043   -7.480  -1.203  1.00 30.48 ? 18  GLN A HB2  1 
ATOM   318  H HB3  . GLN A 1 20 ? 0.438   -6.063  -0.611  1.00 30.48 ? 18  GLN A HB3  1 
ATOM   319  H HG2  . GLN A 1 20 ? 2.142   -7.525  -0.111  1.00 34.21 ? 18  GLN A HG2  1 
ATOM   320  H HG3  . GLN A 1 20 ? 1.411   -7.168  1.254   1.00 34.21 ? 18  GLN A HG3  1 
ATOM   321  H HE21 . GLN A 1 20 ? 2.461   -9.174  2.009   1.00 39.41 ? 18  GLN A HE21 1 
ATOM   322  H HE22 . GLN A 1 20 ? 1.789   -10.484 1.787   1.00 39.41 ? 18  GLN A HE22 1 
ATOM   323  N N    . LEU A 1 21 ? -0.727  -5.093  1.938   1.00 18.03 ? 19  LEU A N    1 
ATOM   324  C CA   . LEU A 1 21 ? -0.578  -4.536  3.277   1.00 18.28 ? 19  LEU A CA   1 
ATOM   325  C C    . LEU A 1 21 ? -1.831  -4.766  4.108   1.00 17.64 ? 19  LEU A C    1 
ATOM   326  O O    . LEU A 1 21 ? -1.745  -5.139  5.284   1.00 17.67 ? 19  LEU A O    1 
ATOM   327  C CB   . LEU A 1 21 ? -0.263  -3.046  3.204   1.00 19.19 ? 19  LEU A CB   1 
ATOM   328  C CG   . LEU A 1 21 ? 1.209   -2.669  3.080   1.00 22.18 ? 19  LEU A CG   1 
ATOM   329  C CD1  . LEU A 1 21 ? 1.317   -1.193  2.772   1.00 22.03 ? 19  LEU A CD1  1 
ATOM   330  C CD2  . LEU A 1 21 ? 1.965   -3.005  4.364   1.00 23.54 ? 19  LEU A CD2  1 
ATOM   331  H H    . LEU A 1 21 ? -0.665  -4.522  1.298   1.00 21.64 ? 19  LEU A H    1 
ATOM   332  H HA   . LEU A 1 21 ? 0.163   -4.977  3.722   1.00 21.93 ? 19  LEU A HA   1 
ATOM   333  H HB2  . LEU A 1 21 ? -0.721  -2.676  2.433   1.00 23.03 ? 19  LEU A HB2  1 
ATOM   334  H HB3  . LEU A 1 21 ? -0.601  -2.625  4.011   1.00 23.03 ? 19  LEU A HB3  1 
ATOM   335  H HG   . LEU A 1 21 ? 1.609   -3.166  2.349   1.00 26.62 ? 19  LEU A HG   1 
ATOM   336  H HD11 . LEU A 1 21 ? 2.254   -0.955  2.694   1.00 26.44 ? 19  LEU A HD11 1 
ATOM   337  H HD12 . LEU A 1 21 ? 0.857   -1.011  1.938   1.00 26.44 ? 19  LEU A HD12 1 
ATOM   338  H HD13 . LEU A 1 21 ? 0.907   -0.690  3.494   1.00 26.44 ? 19  LEU A HD13 1 
ATOM   339  H HD21 . LEU A 1 21 ? 2.897   -2.756  4.257   1.00 28.25 ? 19  LEU A HD21 1 
ATOM   340  H HD22 . LEU A 1 21 ? 1.573   -2.510  5.100   1.00 28.25 ? 19  LEU A HD22 1 
ATOM   341  H HD23 . LEU A 1 21 ? 1.895   -3.958  4.532   1.00 28.25 ? 19  LEU A HD23 1 
ATOM   342  N N    . GLU A 1 22 ? -3.009  -4.550  3.517   1.00 17.44 ? 20  GLU A N    1 
ATOM   343  C CA   . GLU A 1 22 ? -4.245  -4.794  4.255   1.00 17.93 ? 20  GLU A CA   1 
ATOM   344  C C    . GLU A 1 22 ? -4.323  -6.241  4.727   1.00 17.10 ? 20  GLU A C    1 
ATOM   345  O O    . GLU A 1 22 ? -4.699  -6.511  5.874   1.00 16.88 ? 20  GLU A O    1 
ATOM   346  C CB   . GLU A 1 22 ? -5.459  -4.436  3.394   1.00 18.75 ? 20  GLU A CB   1 
ATOM   347  C CG   . GLU A 1 22 ? -6.801  -4.755  4.057   1.00 20.30 ? 20  GLU A CG   1 
ATOM   348  C CD   . GLU A 1 22 ? -7.938  -3.894  3.534   1.00 25.99 ? 20  GLU A CD   1 
ATOM   349  O OE1  . GLU A 1 22 ? -7.721  -3.121  2.577   1.00 29.61 ? 20  GLU A OE1  1 
ATOM   350  O OE2  . GLU A 1 22 ? -9.050  -3.976  4.087   1.00 28.17 ? 20  GLU A OE2  1 
ATOM   351  H H    . GLU A 1 22 ? -3.117  -4.270  2.711   1.00 20.93 ? 20  GLU A H    1 
ATOM   352  H HA   . GLU A 1 22 ? -4.258  -4.224  5.040   1.00 21.51 ? 20  GLU A HA   1 
ATOM   353  H HB2  . GLU A 1 22 ? -5.439  -3.484  3.207   1.00 22.50 ? 20  GLU A HB2  1 
ATOM   354  H HB3  . GLU A 1 22 ? -5.411  -4.936  2.564   1.00 22.50 ? 20  GLU A HB3  1 
ATOM   355  H HG2  . GLU A 1 22 ? -7.026  -5.682  3.885   1.00 24.37 ? 20  GLU A HG2  1 
ATOM   356  H HG3  . GLU A 1 22 ? -6.725  -4.603  5.011   1.00 24.37 ? 20  GLU A HG3  1 
ATOM   357  N N    . PHE A 1 23 ? -3.969  -7.189  3.856   1.00 18.54 ? 21  PHE A N    1 
ATOM   358  C CA   . PHE A 1 23 ? -4.002  -8.595  4.245   1.00 18.67 ? 21  PHE A CA   1 
ATOM   359  C C    . PHE A 1 23 ? -3.053  -8.866  5.407   1.00 18.10 ? 21  PHE A C    1 
ATOM   360  O O    . PHE A 1 23 ? -3.427  -9.526  6.382   1.00 19.06 ? 21  PHE A O    1 
ATOM   361  C CB   . PHE A 1 23 ? -3.667  -9.472  3.041   1.00 21.26 ? 21  PHE A CB   1 
ATOM   362  C CG   . PHE A 1 23 ? -3.811  -10.945 3.303   1.00 24.98 ? 21  PHE A CG   1 
ATOM   363  C CD1  . PHE A 1 23 ? -5.063  -11.541 3.319   1.00 27.51 ? 21  PHE A CD1  1 
ATOM   364  C CD2  . PHE A 1 23 ? -2.697  -11.734 3.526   1.00 27.41 ? 21  PHE A CD2  1 
ATOM   365  C CE1  . PHE A 1 23 ? -5.199  -12.902 3.558   1.00 29.04 ? 21  PHE A CE1  1 
ATOM   366  C CE2  . PHE A 1 23 ? -2.826  -13.092 3.763   1.00 28.41 ? 21  PHE A CE2  1 
ATOM   367  C CZ   . PHE A 1 23 ? -4.079  -13.676 3.778   1.00 28.66 ? 21  PHE A CZ   1 
ATOM   368  H H    . PHE A 1 23 ? -3.710  -7.046  3.049   1.00 22.25 ? 21  PHE A H    1 
ATOM   369  H HA   . PHE A 1 23 ? -4.901  -8.819  4.535   1.00 22.40 ? 21  PHE A HA   1 
ATOM   370  H HB2  . PHE A 1 23 ? -4.263  -9.242  2.311   1.00 25.52 ? 21  PHE A HB2  1 
ATOM   371  H HB3  . PHE A 1 23 ? -2.748  -9.306  2.780   1.00 25.52 ? 21  PHE A HB3  1 
ATOM   372  H HD1  . PHE A 1 23 ? -5.821  -11.023 3.170   1.00 33.01 ? 21  PHE A HD1  1 
ATOM   373  H HD2  . PHE A 1 23 ? -1.850  -11.348 3.516   1.00 32.89 ? 21  PHE A HD2  1 
ATOM   374  H HE1  . PHE A 1 23 ? -6.043  -13.292 3.566   1.00 34.85 ? 21  PHE A HE1  1 
ATOM   375  H HE2  . PHE A 1 23 ? -2.070  -13.612 3.912   1.00 34.10 ? 21  PHE A HE2  1 
ATOM   376  H HZ   . PHE A 1 23 ? -4.167  -14.587 3.939   1.00 34.39 ? 21  PHE A HZ   1 
ATOM   377  N N    . LEU A 1 24 ? -1.831  -8.328  5.342   1.00 17.94 ? 22  LEU A N    1 
ATOM   378  C CA   . LEU A 1 24 ? -0.882  -8.507  6.440   1.00 17.97 ? 22  LEU A CA   1 
ATOM   379  C C    . LEU A 1 24 ? -1.451  -7.986  7.751   1.00 17.84 ? 22  LEU A C    1 
ATOM   380  O O    . LEU A 1 24 ? -1.263  -8.600  8.809   1.00 19.28 ? 22  LEU A O    1 
ATOM   381  C CB   . LEU A 1 24 ? 0.427   -7.783  6.125   1.00 20.18 ? 22  LEU A CB   1 
ATOM   382  C CG   . LEU A 1 24 ? 1.267   -8.339  4.976   1.00 22.17 ? 22  LEU A CG   1 
ATOM   383  C CD1  . LEU A 1 24 ? 2.474   -7.436  4.739   1.00 23.85 ? 22  LEU A CD1  1 
ATOM   384  C CD2  . LEU A 1 24 ? 1.709   -9.768  5.259   1.00 24.02 ? 22  LEU A CD2  1 
ATOM   385  H H    . LEU A 1 24 ? -1.533  -7.862  4.684   1.00 21.53 ? 22  LEU A H    1 
ATOM   386  H HA   . LEU A 1 24 ? -0.690  -9.453  6.546   1.00 21.57 ? 22  LEU A HA   1 
ATOM   387  H HB2  . LEU A 1 24 ? 0.218   -6.862  5.906   1.00 24.21 ? 22  LEU A HB2  1 
ATOM   388  H HB3  . LEU A 1 24 ? 0.983   -7.804  6.920   1.00 24.21 ? 22  LEU A HB3  1 
ATOM   389  H HG   . LEU A 1 24 ? 0.731   -8.345  4.166   1.00 26.61 ? 22  LEU A HG   1 
ATOM   390  H HD11 . LEU A 1 24 ? 3.000   -7.797  4.008   1.00 28.62 ? 22  LEU A HD11 1 
ATOM   391  H HD12 . LEU A 1 24 ? 2.162   -6.545  4.514   1.00 28.62 ? 22  LEU A HD12 1 
ATOM   392  H HD13 . LEU A 1 24 ? 3.008   -7.405  5.547   1.00 28.62 ? 22  LEU A HD13 1 
ATOM   393  H HD21 . LEU A 1 24 ? 2.237   -10.090 4.511   1.00 28.82 ? 22  LEU A HD21 1 
ATOM   394  H HD22 . LEU A 1 24 ? 2.241   -9.779  6.069   1.00 28.82 ? 22  LEU A HD22 1 
ATOM   395  H HD23 . LEU A 1 24 ? 0.923   -10.326 5.372   1.00 28.82 ? 22  LEU A HD23 1 
ATOM   396  N N    . ILE A 1 25 ? -2.122  -6.837  7.710   1.00 16.76 ? 23  ILE A N    1 
ATOM   397  C CA   . ILE A 1 25 ? -2.684  -6.261  8.925   1.00 16.55 ? 23  ILE A CA   1 
ATOM   398  C C    . ILE A 1 25 ? -3.858  -7.099  9.422   1.00 16.63 ? 23  ILE A C    1 
ATOM   399  O O    . ILE A 1 25 ? -3.931  -7.466  10.603  1.00 16.94 ? 23  ILE A O    1 
ATOM   400  C CB   . ILE A 1 25 ? -3.088  -4.800  8.665   1.00 16.24 ? 23  ILE A CB   1 
ATOM   401  C CG1  . ILE A 1 25 ? -1.839  -3.959  8.354   1.00 16.12 ? 23  ILE A CG1  1 
ATOM   402  C CG2  . ILE A 1 25 ? -3.870  -4.241  9.846   1.00 16.95 ? 23  ILE A CG2  1 
ATOM   403  C CD1  . ILE A 1 25 ? -2.135  -2.558  7.865   1.00 16.58 ? 23  ILE A CD1  1 
ATOM   404  H H    . ILE A 1 25 ? -2.263  -6.377  6.998   1.00 20.11 ? 23  ILE A H    1 
ATOM   405  H HA   . ILE A 1 25 ? -2.004  -6.262  9.617   1.00 19.86 ? 23  ILE A HA   1 
ATOM   406  H HB   . ILE A 1 25 ? -3.666  -4.782  7.886   1.00 19.49 ? 23  ILE A HB   1 
ATOM   407  H HG12 . ILE A 1 25 ? -1.306  -3.884  9.161   1.00 19.35 ? 23  ILE A HG12 1 
ATOM   408  H HG13 . ILE A 1 25 ? -1.326  -4.409  7.664   1.00 19.35 ? 23  ILE A HG13 1 
ATOM   409  H HG21 . ILE A 1 25 ? -4.112  -3.322  9.658   1.00 20.35 ? 23  ILE A HG21 1 
ATOM   410  H HG22 . ILE A 1 25 ? -4.669  -4.775  9.976   1.00 20.35 ? 23  ILE A HG22 1 
ATOM   411  H HG23 . ILE A 1 25 ? -3.313  -4.281  10.640  1.00 20.35 ? 23  ILE A HG23 1 
ATOM   412  H HD11 . ILE A 1 25 ? -1.297  -2.101  7.693   1.00 19.90 ? 23  ILE A HD11 1 
ATOM   413  H HD12 . ILE A 1 25 ? -2.656  -2.612  7.048   1.00 19.90 ? 23  ILE A HD12 1 
ATOM   414  H HD13 . ILE A 1 25 ? -2.636  -2.086  8.547   1.00 19.90 ? 23  ILE A HD13 1 
ATOM   415  N N    . LEU A 1 26 ? -4.796  -7.422  8.529   1.00 16.20 ? 24  LEU A N    1 
ATOM   416  C CA   . LEU A 1 26 ? -5.999  -8.121  8.971   1.00 18.16 ? 24  LEU A CA   1 
ATOM   417  C C    . LEU A 1 26 ? -5.663  -9.506  9.499   1.00 18.95 ? 24  LEU A C    1 
ATOM   418  O O    . LEU A 1 26 ? -6.290  -9.982  10.452  1.00 19.38 ? 24  LEU A O    1 
ATOM   419  C CB   . LEU A 1 26 ? -7.009  -8.202  7.828   1.00 17.70 ? 24  LEU A CB   1 
ATOM   420  C CG   . LEU A 1 26 ? -7.574  -6.858  7.362   1.00 18.73 ? 24  LEU A CG   1 
ATOM   421  C CD1  . LEU A 1 26 ? -8.523  -7.071  6.205   1.00 20.23 ? 24  LEU A CD1  1 
ATOM   422  C CD2  . LEU A 1 26 ? -8.280  -6.110  8.490   1.00 20.02 ? 24  LEU A CD2  1 
ATOM   423  H H    . LEU A 1 26 ? -4.762  -7.251  7.687   1.00 19.44 ? 24  LEU A H    1 
ATOM   424  H HA   . LEU A 1 26 ? -6.406  -7.617  9.693   1.00 21.79 ? 24  LEU A HA   1 
ATOM   425  H HB2  . LEU A 1 26 ? -6.579  -8.618  7.065   1.00 21.23 ? 24  LEU A HB2  1 
ATOM   426  H HB3  . LEU A 1 26 ? -7.757  -8.748  8.118   1.00 21.23 ? 24  LEU A HB3  1 
ATOM   427  H HG   . LEU A 1 26 ? -6.843  -6.302  7.049   1.00 22.48 ? 24  LEU A HG   1 
ATOM   428  H HD11 . LEU A 1 26 ? -8.872  -6.212  5.921   1.00 24.28 ? 24  LEU A HD11 1 
ATOM   429  H HD12 . LEU A 1 26 ? -8.041  -7.491  5.476   1.00 24.28 ? 24  LEU A HD12 1 
ATOM   430  H HD13 . LEU A 1 26 ? -9.250  -7.645  6.495   1.00 24.28 ? 24  LEU A HD13 1 
ATOM   431  H HD21 . LEU A 1 26 ? -8.619  -5.268  8.147   1.00 24.03 ? 24  LEU A HD21 1 
ATOM   432  H HD22 . LEU A 1 26 ? -9.014  -6.654  8.817   1.00 24.03 ? 24  LEU A HD22 1 
ATOM   433  H HD23 . LEU A 1 26 ? -7.645  -5.945  9.205   1.00 24.03 ? 24  LEU A HD23 1 
ATOM   434  N N    . GLU A 1 27 ? -4.683  -10.172 8.892   1.00 19.77 ? 25  GLU A N    1 
ATOM   435  C CA   . GLU A 1 27 ? -4.281  -11.499 9.333   1.00 22.76 ? 25  GLU A CA   1 
ATOM   436  C C    . GLU A 1 27 ? -3.445  -11.477 10.604  1.00 22.18 ? 25  GLU A C    1 
ATOM   437  O O    . GLU A 1 27 ? -3.278  -12.529 11.232  1.00 24.29 ? 25  GLU A O    1 
ATOM   438  C CB   . GLU A 1 27 ? -3.510  -12.194 8.215   1.00 25.42 ? 25  GLU A CB   1 
ATOM   439  C CG   . GLU A 1 27 ? -4.397  -12.624 7.065   1.00 28.88 ? 25  GLU A CG   1 
ATOM   440  C CD   . GLU A 1 27 ? -5.346  -13.742 7.451   1.00 32.25 ? 25  GLU A CD   1 
ATOM   441  O OE1  . GLU A 1 27 ? -4.858  -14.828 7.834   1.00 33.66 ? 25  GLU A OE1  1 
ATOM   442  O OE2  . GLU A 1 27 ? -6.576  -13.529 7.386   1.00 32.16 ? 25  GLU A OE2  1 
ATOM   443  H H    . GLU A 1 27 ? -4.236  -9.874  8.221   1.00 23.73 ? 25  GLU A H    1 
ATOM   444  H HA   . GLU A 1 27 ? -5.079  -12.022 9.513   1.00 27.31 ? 25  GLU A HA   1 
ATOM   445  H HB2  . GLU A 1 27 ? -2.841  -11.583 7.867   1.00 30.51 ? 25  GLU A HB2  1 
ATOM   446  H HB3  . GLU A 1 27 ? -3.080  -12.986 8.575   1.00 30.51 ? 25  GLU A HB3  1 
ATOM   447  H HG2  . GLU A 1 27 ? -4.929  -11.866 6.774   1.00 34.66 ? 25  GLU A HG2  1 
ATOM   448  H HG3  . GLU A 1 27 ? -3.841  -12.939 6.335   1.00 34.66 ? 25  GLU A HG3  1 
ATOM   449  N N    . GLY A 1 28 ? -2.930  -10.316 11.001  1.00 22.06 ? 26  GLY A N    1 
ATOM   450  C CA   . GLY A 1 28 ? -2.150  -10.200 12.212  1.00 22.09 ? 26  GLY A CA   1 
ATOM   451  C C    . GLY A 1 28 ? -0.659  -10.328 12.022  1.00 22.59 ? 26  GLY A C    1 
ATOM   452  O O    . GLY A 1 28 ? 0.074   -10.338 13.019  1.00 23.33 ? 26  GLY A O    1 
ATOM   453  H H    . GLY A 1 28 ? -3.023  -9.576  10.575  1.00 26.47 ? 26  GLY A H    1 
ATOM   454  H HA2  . GLY A 1 28 ? -2.327  -9.337  12.618  1.00 26.50 ? 26  GLY A HA2  1 
ATOM   455  H HA3  . GLY A 1 28 ? -2.433  -10.888 12.835  1.00 26.50 ? 26  GLY A HA3  1 
ATOM   456  N N    . THR A 1 29 ? -0.186  -10.437 10.779  1.00 21.61 ? 27  THR A N    1 
ATOM   457  C CA   . THR A 1 29 ? 1.251   -10.488 10.535  1.00 23.67 ? 27  THR A CA   1 
ATOM   458  C C    . THR A 1 29 ? 1.919   -9.190  10.967  1.00 22.08 ? 27  THR A C    1 
ATOM   459  O O    . THR A 1 29 ? 3.023   -9.203  11.523  1.00 23.82 ? 27  THR A O    1 
ATOM   460  C CB   . THR A 1 29 ? 1.508   -10.760 9.054   1.00 25.81 ? 27  THR A CB   1 
ATOM   461  O OG1  . THR A 1 29 ? 0.871   -11.989 8.681   1.00 26.51 ? 27  THR A OG1  1 
ATOM   462  C CG2  . THR A 1 29 ? 3.007   -10.856 8.768   1.00 26.06 ? 27  THR A CG2  1 
ATOM   463  H H    . THR A 1 29 ? -0.671  -10.482 10.071  1.00 25.93 ? 27  THR A H    1 
ATOM   464  H HA   . THR A 1 29 ? 1.638   -11.214 11.048  1.00 28.40 ? 27  THR A HA   1 
ATOM   465  H HB   . THR A 1 29 ? 1.142   -10.035 8.524   1.00 30.97 ? 27  THR A HB   1 
ATOM   466  H HG1  . THR A 1 29 ? 1.007   -12.149 7.867   1.00 31.82 ? 27  THR A HG1  1 
ATOM   467  H HG21 . THR A 1 29 ? 3.154   -11.029 7.825   1.00 31.27 ? 27  THR A HG21 1 
ATOM   468  H HG22 . THR A 1 29 ? 3.444   -10.023 9.008   1.00 31.27 ? 27  THR A HG22 1 
ATOM   469  H HG23 . THR A 1 29 ? 3.398   -11.577 9.285   1.00 31.27 ? 27  THR A HG23 1 
ATOM   470  N N    . LEU A 1 30 ? 1.274   -8.064  10.709  1.00 20.51 ? 28  LEU A N    1 
ATOM   471  C CA   . LEU A 1 30 ? 1.667   -6.786  11.282  1.00 20.64 ? 28  LEU A CA   1 
ATOM   472  C C    . LEU A 1 30 ? 0.750   -6.525  12.467  1.00 21.90 ? 28  LEU A C    1 
ATOM   473  O O    . LEU A 1 30 ? -0.474  -6.542  12.317  1.00 23.49 ? 28  LEU A O    1 
ATOM   474  C CB   . LEU A 1 30 ? 1.535   -5.663  10.256  1.00 20.21 ? 28  LEU A CB   1 
ATOM   475  C CG   . LEU A 1 30 ? 2.394   -5.817  9.007   1.00 21.26 ? 28  LEU A CG   1 
ATOM   476  C CD1  . LEU A 1 30 ? 2.163   -4.654  8.064   1.00 21.11 ? 28  LEU A CD1  1 
ATOM   477  C CD2  . LEU A 1 30 ? 3.861   -5.922  9.365   1.00 23.37 ? 28  LEU A CD2  1 
ATOM   478  H H    . LEU A 1 30 ? 0.589   -8.012  10.191  1.00 24.61 ? 28  LEU A H    1 
ATOM   479  H HA   . LEU A 1 30 ? 2.584   -6.827  11.594  1.00 24.76 ? 28  LEU A HA   1 
ATOM   480  H HB2  . LEU A 1 30 ? 0.609   -5.614  9.970   1.00 24.25 ? 28  LEU A HB2  1 
ATOM   481  H HB3  . LEU A 1 30 ? 1.787   -4.827  10.680  1.00 24.25 ? 28  LEU A HB3  1 
ATOM   482  H HG   . LEU A 1 30 ? 2.138   -6.632  8.546   1.00 25.51 ? 28  LEU A HG   1 
ATOM   483  H HD11 . LEU A 1 30 ? 2.718   -4.771  7.276   1.00 25.33 ? 28  LEU A HD11 1 
ATOM   484  H HD12 . LEU A 1 30 ? 1.227   -4.634  7.810   1.00 25.33 ? 28  LEU A HD12 1 
ATOM   485  H HD13 . LEU A 1 30 ? 2.401   -3.829  8.516   1.00 25.33 ? 28  LEU A HD13 1 
ATOM   486  H HD21 . LEU A 1 30 ? 4.378   -6.019  8.551   1.00 28.05 ? 28  LEU A HD21 1 
ATOM   487  H HD22 . LEU A 1 30 ? 4.129   -5.117  9.834   1.00 28.05 ? 28  LEU A HD22 1 
ATOM   488  H HD23 . LEU A 1 30 ? 3.992   -6.696  9.935   1.00 28.05 ? 28  LEU A HD23 1 
ATOM   489  N N    . ARG A 1 31 ? 1.341   -6.300  13.634  1.00 23.98 ? 29  ARG A N    1 
ATOM   490  C CA   . ARG A 1 31 ? 0.578   -6.158  14.862  1.00 24.12 ? 29  ARG A CA   1 
ATOM   491  C C    . ARG A 1 31 ? 0.096   -4.718  15.027  1.00 21.23 ? 29  ARG A C    1 
ATOM   492  O O    . ARG A 1 31 ? 0.735   -3.783  14.537  1.00 21.18 ? 29  ARG A O    1 
ATOM   493  C CB   . ARG A 1 31 ? 1.452   -6.504  16.068  1.00 28.35 ? 29  ARG A CB   1 
ATOM   494  C CG   . ARG A 1 31 ? 2.344   -7.731  15.926  1.00 32.41 ? 29  ARG A CG   1 
ATOM   495  C CD   . ARG A 1 31 ? 1.551   -9.030  15.851  1.00 34.58 ? 29  ARG A CD   1 
ATOM   496  N NE   . ARG A 1 31 ? 0.598   -9.141  16.953  1.00 35.77 ? 29  ARG A NE   1 
ATOM   497  C CZ   . ARG A 1 31 ? -0.721  -9.273  16.822  1.00 36.20 ? 29  ARG A CZ   1 
ATOM   498  N NH1  . ARG A 1 31 ? -1.284  -9.340  15.624  1.00 36.82 ? 29  ARG A NH1  1 
ATOM   499  N NH2  . ARG A 1 31 ? -1.482  -9.354  17.909  1.00 34.91 ? 29  ARG A NH2  1 
ATOM   500  H H    . ARG A 1 31 ? 2.191   -6.225  13.740  1.00 28.77 ? 29  ARG A H    1 
ATOM   501  H HA   . ARG A 1 31 ? -0.191  -6.750  14.848  1.00 28.94 ? 29  ARG A HA   1 
ATOM   502  H HB2  . ARG A 1 31 ? 2.030   -5.747  16.251  1.00 34.02 ? 29  ARG A HB2  1 
ATOM   503  H HB3  . ARG A 1 31 ? 0.871   -6.656  16.830  1.00 34.02 ? 29  ARG A HB3  1 
ATOM   504  H HG2  . ARG A 1 31 ? 2.865   -7.650  15.112  1.00 38.89 ? 29  ARG A HG2  1 
ATOM   505  H HG3  . ARG A 1 31 ? 2.933   -7.783  16.694  1.00 38.89 ? 29  ARG A HG3  1 
ATOM   506  H HD2  . ARG A 1 31 ? 1.056   -9.055  15.017  1.00 41.50 ? 29  ARG A HD2  1 
ATOM   507  H HD3  . ARG A 1 31 ? 2.164   -9.781  15.901  1.00 41.50 ? 29  ARG A HD3  1 
ATOM   508  H HE   . ARG A 1 31 ? 0.915   -9.119  17.753  1.00 42.92 ? 29  ARG A HE   1 
ATOM   509  H HH11 . ARG A 1 31 ? -0.798  -9.287  14.917  1.00 44.18 ? 29  ARG A HH11 1 
ATOM   510  H HH12 . ARG A 1 31 ? -2.137  -9.429  15.555  1.00 44.18 ? 29  ARG A HH12 1 
ATOM   511  H HH21 . ARG A 1 31 ? -1.123  -9.316  18.689  1.00 41.90 ? 29  ARG A HH21 1 
ATOM   512  H HH22 . ARG A 1 31 ? -2.334  -9.447  17.831  1.00 41.90 ? 29  ARG A HH22 1 
ATOM   513  N N    . PRO A 1 32 ? -1.009  -4.504  15.743  1.00 21.44 ? 30  PRO A N    1 
ATOM   514  C CA   . PRO A 1 32 ? -1.372  -3.134  16.115  1.00 22.22 ? 30  PRO A CA   1 
ATOM   515  C C    . PRO A 1 32 ? -0.190  -2.441  16.776  1.00 21.84 ? 30  PRO A C    1 
ATOM   516  O O    . PRO A 1 32 ? 0.487   -3.011  17.637  1.00 22.62 ? 30  PRO A O    1 
ATOM   517  C CB   . PRO A 1 32 ? -2.533  -3.329  17.095  1.00 23.69 ? 30  PRO A CB   1 
ATOM   518  C CG   . PRO A 1 32 ? -3.136  -4.621  16.713  1.00 23.08 ? 30  PRO A CG   1 
ATOM   519  C CD   . PRO A 1 32 ? -2.011  -5.481  16.200  1.00 23.44 ? 30  PRO A CD   1 
ATOM   520  H HA   . PRO A 1 32 ? -1.667  -2.628  15.342  1.00 26.66 ? 30  PRO A HA   1 
ATOM   521  H HB2  . PRO A 1 32 ? -2.192  -3.364  18.003  1.00 28.43 ? 30  PRO A HB2  1 
ATOM   522  H HB3  . PRO A 1 32 ? -3.172  -2.607  16.992  1.00 28.43 ? 30  PRO A HB3  1 
ATOM   523  H HG2  . PRO A 1 32 ? -3.546  -5.029  17.492  1.00 27.69 ? 30  PRO A HG2  1 
ATOM   524  H HG3  . PRO A 1 32 ? -3.796  -4.476  16.017  1.00 27.69 ? 30  PRO A HG3  1 
ATOM   525  H HD2  . PRO A 1 32 ? -1.650  -6.026  16.916  1.00 28.13 ? 30  PRO A HD2  1 
ATOM   526  H HD3  . PRO A 1 32 ? -2.315  -6.026  15.457  1.00 28.13 ? 30  PRO A HD3  1 
ATOM   527  N N    . GLY A 1 33 ? 0.070   -1.205  16.354  1.00 22.51 ? 31  GLY A N    1 
ATOM   528  C CA   . GLY A 1 33 ? 1.165   -0.426  16.888  1.00 23.27 ? 31  GLY A CA   1 
ATOM   529  C C    . GLY A 1 33 ? 2.469   -0.579  16.141  1.00 23.71 ? 31  GLY A C    1 
ATOM   530  O O    . GLY A 1 33 ? 3.407   0.180   16.403  1.00 25.26 ? 31  GLY A O    1 
ATOM   531  H H    . GLY A 1 33 ? -0.385  -0.796  15.750  1.00 27.01 ? 31  GLY A H    1 
ATOM   532  H HA2  . GLY A 1 33 ? 0.920   0.512   16.875  1.00 27.93 ? 31  GLY A HA2  1 
ATOM   533  H HA3  . GLY A 1 33 ? 1.315   -0.686  17.810  1.00 27.93 ? 31  GLY A HA3  1 
ATOM   534  N N    . GLU A 1 34 ? 2.578   -1.515  15.241  1.00 22.92 ? 32  GLU A N    1 
ATOM   535  C CA   . GLU A 1 34 ? 3.782   -1.688  14.481  1.00 22.96 ? 32  GLU A CA   1 
ATOM   536  C C    . GLU A 1 34 ? 4.037   -0.475  13.586  1.00 20.02 ? 32  GLU A C    1 
ATOM   537  O O    . GLU A 1 34 ? 3.185   0.061   12.984  1.00 20.43 ? 32  GLU A O    1 
ATOM   538  C CB   . GLU A 1 34 ? 3.673   -2.919  13.623  1.00 27.39 ? 32  GLU A CB   1 
ATOM   539  C CG   . GLU A 1 34 ? 4.840   -3.131  12.734  1.00 33.17 ? 32  GLU A CG   1 
ATOM   540  C CD   . GLU A 1 34 ? 5.524   -4.395  13.014  1.00 38.46 ? 32  GLU A CD   1 
ATOM   541  O OE1  . GLU A 1 34 ? 6.744   -4.345  12.871  1.00 40.12 ? 32  GLU A OE1  1 
ATOM   542  O OE2  . GLU A 1 34 ? 4.811   -5.379  13.375  1.00 40.82 ? 32  GLU A OE2  1 
ATOM   543  H H    . GLU A 1 34 ? 1.944   -2.052  15.076  1.00 27.51 ? 32  GLU A H    1 
ATOM   544  H HA   . GLU A 1 34 ? 4.535   -1.803  15.076  1.00 27.55 ? 32  GLU A HA   1 
ATOM   545  H HB2  . GLU A 1 34 ? 3.542   -3.670  14.204  1.00 32.87 ? 32  GLU A HB2  1 
ATOM   546  H HB3  . GLU A 1 34 ? 2.907   -2.820  13.055  1.00 32.87 ? 32  GLU A HB3  1 
ATOM   547  H HG2  . GLU A 1 34 ? 4.546   -3.141  11.819  1.00 39.81 ? 32  GLU A HG2  1 
ATOM   548  H HG3  . GLU A 1 34 ? 5.470   -2.418  12.871  1.00 39.81 ? 32  GLU A HG3  1 
ATOM   549  N N    . LYS A 1 35 ? 5.276   -0.071  13.544  1.00 20.28 ? 33  LYS A N    1 
ATOM   550  C CA   . LYS A 1 35 ? 5.683   1.061   12.724  1.00 19.69 ? 33  LYS A CA   1 
ATOM   551  C C    . LYS A 1 35 ? 6.220   0.540   11.400  1.00 20.60 ? 33  LYS A C    1 
ATOM   552  O O    . LYS A 1 35 ? 7.088   -0.339  11.377  1.00 24.05 ? 33  LYS A O    1 
ATOM   553  C CB   . LYS A 1 35 ? 6.764   1.865   13.443  1.00 22.35 ? 33  LYS A CB   1 
ATOM   554  C CG   . LYS A 1 35 ? 7.101   3.182   12.782  1.00 24.21 ? 33  LYS A CG   1 
ATOM   555  C CD   . LYS A 1 35 ? 8.253   3.840   13.509  1.00 26.90 ? 33  LYS A CD   1 
ATOM   556  C CE   . LYS A 1 35 ? 8.540   5.217   12.971  1.00 29.85 ? 33  LYS A CE   1 
ATOM   557  N NZ   . LYS A 1 35 ? 9.666   5.836   13.710  1.00 33.15 ? 33  LYS A NZ   1 
ATOM   558  H H    . LYS A 1 35 ? 5.922   -0.425  13.990  1.00 24.33 ? 33  LYS A H    1 
ATOM   559  H HA   . LYS A 1 35 ? 4.922   1.637   12.553  1.00 23.62 ? 33  LYS A HA   1 
ATOM   560  H HB2  . LYS A 1 35 ? 6.462   2.056   14.345  1.00 26.82 ? 33  LYS A HB2  1 
ATOM   561  H HB3  . LYS A 1 35 ? 7.576   1.335   13.475  1.00 26.82 ? 33  LYS A HB3  1 
ATOM   562  H HG2  . LYS A 1 35 ? 7.366   3.026   11.862  1.00 29.05 ? 33  LYS A HG2  1 
ATOM   563  H HG3  . LYS A 1 35 ? 6.332   3.772   12.821  1.00 29.05 ? 33  LYS A HG3  1 
ATOM   564  H HD2  . LYS A 1 35 ? 8.030   3.922   14.450  1.00 32.27 ? 33  LYS A HD2  1 
ATOM   565  H HD3  . LYS A 1 35 ? 9.050   3.299   13.400  1.00 32.27 ? 33  LYS A HD3  1 
ATOM   566  H HE2  . LYS A 1 35 ? 8.785   5.153   12.035  1.00 35.82 ? 33  LYS A HE2  1 
ATOM   567  H HE3  . LYS A 1 35 ? 7.756   5.777   13.080  1.00 35.82 ? 33  LYS A HE3  1 
ATOM   568  H HZ1  . LYS A 1 35 ? 9.830   6.649   13.387  1.00 39.78 ? 33  LYS A HZ1  1 
ATOM   569  H HZ2  . LYS A 1 35 ? 9.462   5.904   14.574  1.00 39.78 ? 33  LYS A HZ2  1 
ATOM   570  H HZ3  . LYS A 1 35 ? 10.397  5.337   13.623  1.00 39.78 ? 33  LYS A HZ3  1 
ATOM   571  N N    . LEU A 1 36 ? 5.692   1.067   10.303  1.00 19.57 ? 34  LEU A N    1 
ATOM   572  C CA   . LEU A 1 36 ? 6.212   0.704   8.998   1.00 19.90 ? 34  LEU A CA   1 
ATOM   573  C C    . LEU A 1 36 ? 7.601   1.313   8.809   1.00 21.15 ? 34  LEU A C    1 
ATOM   574  O O    . LEU A 1 36 ? 7.918   2.347   9.400   1.00 22.39 ? 34  LEU A O    1 
ATOM   575  C CB   . LEU A 1 36 ? 5.301   1.234   7.898   1.00 20.10 ? 34  LEU A CB   1 
ATOM   576  C CG   . LEU A 1 36 ? 3.860   0.731   7.837   1.00 20.47 ? 34  LEU A CG   1 
ATOM   577  C CD1  . LEU A 1 36 ? 3.185   1.279   6.589   1.00 21.69 ? 34  LEU A CD1  1 
ATOM   578  C CD2  . LEU A 1 36 ? 3.792   -0.791  7.861   1.00 23.32 ? 34  LEU A CD2  1 
ATOM   579  H H    . LEU A 1 36 ? 5.042   1.630   10.288  1.00 23.48 ? 34  LEU A H    1 
ATOM   580  H HA   . LEU A 1 36 ? 6.276   -0.262  8.921   1.00 23.88 ? 34  LEU A HA   1 
ATOM   581  H HB2  . LEU A 1 36 ? 5.256   2.198   7.990   1.00 24.12 ? 34  LEU A HB2  1 
ATOM   582  H HB3  . LEU A 1 36 ? 5.709   1.019   7.045   1.00 24.12 ? 34  LEU A HB3  1 
ATOM   583  H HG   . LEU A 1 36 ? 3.377   1.064   8.609   1.00 24.56 ? 34  LEU A HG   1 
ATOM   584  H HD11 . LEU A 1 36 ? 2.271   0.955   6.557   1.00 26.03 ? 34  LEU A HD11 1 
ATOM   585  H HD12 . LEU A 1 36 ? 3.191   2.248   6.627   1.00 26.03 ? 34  LEU A HD12 1 
ATOM   586  H HD13 . LEU A 1 36 ? 3.672   0.975   5.807   1.00 26.03 ? 34  LEU A HD13 1 
ATOM   587  H HD21 . LEU A 1 36 ? 2.863   -1.067  7.821   1.00 27.98 ? 34  LEU A HD21 1 
ATOM   588  H HD22 . LEU A 1 36 ? 4.275   -1.142  7.096   1.00 27.98 ? 34  LEU A HD22 1 
ATOM   589  H HD23 . LEU A 1 36 ? 4.198   -1.112  8.683   1.00 27.98 ? 34  LEU A HD23 1 
ATOM   590  N N    . PRO A 1 37 ? 8.450   0.691   7.993   1.00 21.91 ? 35  PRO A N    1 
ATOM   591  C CA   . PRO A 1 37 ? 9.677   1.367   7.584   1.00 21.82 ? 35  PRO A CA   1 
ATOM   592  C C    . PRO A 1 37 ? 9.345   2.645   6.843   1.00 21.96 ? 35  PRO A C    1 
ATOM   593  O O    . PRO A 1 37 ? 8.265   2.767   6.235   1.00 22.39 ? 35  PRO A O    1 
ATOM   594  C CB   . PRO A 1 37 ? 10.351  0.343   6.654   1.00 22.78 ? 35  PRO A CB   1 
ATOM   595  C CG   . PRO A 1 37 ? 9.708   -0.959  6.948   1.00 22.28 ? 35  PRO A CG   1 
ATOM   596  C CD   . PRO A 1 37 ? 8.319   -0.647  7.395   1.00 22.35 ? 35  PRO A CD   1 
ATOM   597  H HA   . PRO A 1 37 ? 10.247  1.556   8.346   1.00 26.18 ? 35  PRO A HA   1 
ATOM   598  H HB2  . PRO A 1 37 ? 10.200  0.596   5.730   1.00 27.34 ? 35  PRO A HB2  1 
ATOM   599  H HB3  . PRO A 1 37 ? 11.301  0.305   6.847   1.00 27.34 ? 35  PRO A HB3  1 
ATOM   600  H HG2  . PRO A 1 37 ? 9.691   -1.501  6.144   1.00 26.74 ? 35  PRO A HG2  1 
ATOM   601  H HG3  . PRO A 1 37 ? 10.198  -1.411  7.652   1.00 26.74 ? 35  PRO A HG3  1 
ATOM   602  H HD2  . PRO A 1 37 ? 7.717   -0.620  6.636   1.00 26.82 ? 35  PRO A HD2  1 
ATOM   603  H HD3  . PRO A 1 37 ? 8.025   -1.288  8.061   1.00 26.82 ? 35  PRO A HD3  1 
ATOM   604  N N    . PRO A 1 38 ? 10.244  3.629   6.859   1.00 23.13 ? 36  PRO A N    1 
ATOM   605  C CA   . PRO A 1 38 ? 10.016  4.820   6.036   1.00 23.88 ? 36  PRO A CA   1 
ATOM   606  C C    . PRO A 1 38 ? 9.863   4.442   4.569   1.00 22.46 ? 36  PRO A C    1 
ATOM   607  O O    . PRO A 1 38 ? 10.332  3.396   4.111   1.00 23.56 ? 36  PRO A O    1 
ATOM   608  C CB   . PRO A 1 38 ? 11.270  5.669   6.268   1.00 24.32 ? 36  PRO A CB   1 
ATOM   609  C CG   . PRO A 1 38 ? 12.299  4.710   6.760   1.00 25.47 ? 36  PRO A CG   1 
ATOM   610  C CD   . PRO A 1 38 ? 11.552  3.668   7.532   1.00 24.48 ? 36  PRO A CD   1 
ATOM   611  H HA   . PRO A 1 38 ? 9.231   5.303   6.336   1.00 28.65 ? 36  PRO A HA   1 
ATOM   612  H HB2  . PRO A 1 38 ? 11.550  6.075   5.432   1.00 29.18 ? 36  PRO A HB2  1 
ATOM   613  H HB3  . PRO A 1 38 ? 11.086  6.348   6.935   1.00 29.18 ? 36  PRO A HB3  1 
ATOM   614  H HG2  . PRO A 1 38 ? 12.758  4.309   6.004   1.00 30.56 ? 36  PRO A HG2  1 
ATOM   615  H HG3  . PRO A 1 38 ? 12.929  5.174   7.334   1.00 30.56 ? 36  PRO A HG3  1 
ATOM   616  H HD2  . PRO A 1 38 ? 11.996  2.810   7.461   1.00 29.38 ? 36  PRO A HD2  1 
ATOM   617  H HD3  . PRO A 1 38 ? 11.448  3.941   8.457   1.00 29.38 ? 36  PRO A HD3  1 
ATOM   618  N N    . GLU A 1 39 ? 9.201   5.332   3.826   1.00 21.43 ? 37  GLU A N    1 
ATOM   619  C CA   . GLU A 1 39 ? 8.810   5.046   2.447   1.00 19.40 ? 37  GLU A CA   1 
ATOM   620  C C    . GLU A 1 39 ? 9.964   4.489   1.613   1.00 20.00 ? 37  GLU A C    1 
ATOM   621  O O    . GLU A 1 39 ? 9.804   3.486   0.907   1.00 21.47 ? 37  GLU A O    1 
ATOM   622  C CB   . GLU A 1 39 ? 8.257   6.318   1.810   1.00 21.05 ? 37  GLU A CB   1 
ATOM   623  C CG   . GLU A 1 39 ? 7.715   6.133   0.409   1.00 21.62 ? 37  GLU A CG   1 
ATOM   624  C CD   . GLU A 1 39 ? 7.343   7.452   -0.231  1.00 20.19 ? 37  GLU A CD   1 
ATOM   625  O OE1  . GLU A 1 39 ? 8.223   8.076   -0.870  1.00 20.26 ? 37  GLU A OE1  1 
ATOM   626  O OE2  . GLU A 1 39 ? 6.175   7.870   -0.075  1.00 20.39 ? 37  GLU A OE2  1 
ATOM   627  H H    . GLU A 1 39 ? 8.964   6.112   4.102   1.00 25.72 ? 37  GLU A H    1 
ATOM   628  H HA   . GLU A 1 39 ? 8.101   4.384   2.453   1.00 23.28 ? 37  GLU A HA   1 
ATOM   629  H HB2  . GLU A 1 39 ? 7.534   6.653   2.363   1.00 25.27 ? 37  GLU A HB2  1 
ATOM   630  H HB3  . GLU A 1 39 ? 8.967   6.977   1.766   1.00 25.27 ? 37  GLU A HB3  1 
ATOM   631  H HG2  . GLU A 1 39 ? 8.393   5.711   -0.142  1.00 25.94 ? 37  GLU A HG2  1 
ATOM   632  H HG3  . GLU A 1 39 ? 6.920   5.578   0.445   1.00 25.94 ? 37  GLU A HG3  1 
ATOM   633  N N    . ARG A 1 40 ? 11.125  5.149   1.637   1.00 20.07 ? 38  ARG A N    1 
ATOM   634  C CA   . ARG A 1 40 ? 12.224  4.688   0.791   1.00 19.95 ? 38  ARG A CA   1 
ATOM   635  C C    . ARG A 1 40 ? 12.588  3.244   1.104   1.00 23.93 ? 38  ARG A C    1 
ATOM   636  O O    . ARG A 1 40 ? 12.795  2.432   0.192   1.00 26.23 ? 38  ARG A O    1 
ATOM   637  C CB   . ARG A 1 40 ? 13.450  5.587   0.959   1.00 24.74 ? 38  ARG A CB   1 
ATOM   638  C CG   . ARG A 1 40 ? 14.599  5.220   0.011   1.00 24.16 ? 38  ARG A CG   1 
ATOM   639  C CD   . ARG A 1 40 ? 15.870  5.991   0.325   1.00 32.08 ? 38  ARG A CD   1 
ATOM   640  N NE   . ARG A 1 40 ? 16.151  5.954   1.755   1.00 29.76 ? 38  ARG A NE   1 
ATOM   641  C CZ   . ARG A 1 40 ? 16.558  4.873   2.411   1.00 35.07 ? 38  ARG A CZ   1 
ATOM   642  N NH1  . ARG A 1 40 ? 16.751  3.726   1.769   1.00 28.11 ? 38  ARG A NH1  1 
ATOM   643  N NH2  . ARG A 1 40 ? 16.770  4.938   3.718   1.00 38.58 ? 38  ARG A NH2  1 
ATOM   644  H H    . ARG A 1 40 ? 11.297  5.842   2.118   1.00 24.09 ? 38  ARG A H    1 
ATOM   645  H HA   . ARG A 1 40 ? 11.947  4.732   -0.137  1.00 23.94 ? 38  ARG A HA   1 
ATOM   646  H HB2  . ARG A 1 40 ? 13.195  6.504   0.778   1.00 29.68 ? 38  ARG A HB2  1 
ATOM   647  H HB3  . ARG A 1 40 ? 13.777  5.507   1.869   1.00 29.68 ? 38  ARG A HB3  1 
ATOM   648  H HG2  . ARG A 1 40 ? 14.792  4.273   0.095   1.00 29.00 ? 38  ARG A HG2  1 
ATOM   649  H HG3  . ARG A 1 40 ? 14.337  5.427   -0.900  1.00 29.00 ? 38  ARG A HG3  1 
ATOM   650  H HD2  . ARG A 1 40 ? 16.617  5.589   -0.146  1.00 38.50 ? 38  ARG A HD2  1 
ATOM   651  H HD3  . ARG A 1 40 ? 15.761  6.917   0.057   1.00 38.50 ? 38  ARG A HD3  1 
ATOM   652  H HE   . ARG A 1 40 ? 16.046  6.679   2.203   1.00 35.72 ? 38  ARG A HE   1 
ATOM   653  H HH11 . ARG A 1 40 ? 16.610  3.679   0.921   1.00 33.73 ? 38  ARG A HH11 1 
ATOM   654  H HH12 . ARG A 1 40 ? 17.017  3.031   2.200   1.00 33.73 ? 38  ARG A HH12 1 
ATOM   655  H HH21 . ARG A 1 40 ? 16.650  5.680   4.138   1.00 46.30 ? 38  ARG A HH21 1 
ATOM   656  H HH22 . ARG A 1 40 ? 17.040  4.243   4.146   1.00 46.30 ? 38  ARG A HH22 1 
ATOM   657  N N    . GLU A 1 41 ? 12.665  2.900   2.389   1.00 24.52 ? 39  GLU A N    1 
ATOM   658  C CA   . GLU A 1 41 ? 13.070  1.551   2.763   1.00 26.09 ? 39  GLU A CA   1 
ATOM   659  C C    . GLU A 1 41 ? 11.973  0.536   2.452   1.00 24.20 ? 39  GLU A C    1 
ATOM   660  O O    . GLU A 1 41 ? 12.252  -0.550  1.933   1.00 25.30 ? 39  GLU A O    1 
ATOM   661  C CB   . GLU A 1 41 ? 13.437  1.518   4.248   1.00 29.77 ? 39  GLU A CB   1 
ATOM   662  C CG   . GLU A 1 41 ? 14.182  0.266   4.692   1.00 35.91 ? 39  GLU A CG   1 
ATOM   663  C CD   . GLU A 1 41 ? 15.440  -0.001  3.875   1.00 39.82 ? 39  GLU A CD   1 
ATOM   664  O OE1  . GLU A 1 41 ? 16.286  0.913   3.729   1.00 41.75 ? 39  GLU A OE1  1 
ATOM   665  O OE2  . GLU A 1 41 ? 15.575  -1.133  3.373   1.00 41.39 ? 39  GLU A OE2  1 
ATOM   666  H H    . GLU A 1 41 ? 12.491  3.420   3.052   1.00 29.43 ? 39  GLU A H    1 
ATOM   667  H HA   . GLU A 1 41 ? 13.858  1.304   2.254   1.00 31.31 ? 39  GLU A HA   1 
ATOM   668  H HB2  . GLU A 1 41 ? 14.003  2.282   4.444   1.00 35.73 ? 39  GLU A HB2  1 
ATOM   669  H HB3  . GLU A 1 41 ? 12.620  1.575   4.769   1.00 35.73 ? 39  GLU A HB3  1 
ATOM   670  H HG2  . GLU A 1 41 ? 14.444  0.366   5.620   1.00 43.10 ? 39  GLU A HG2  1 
ATOM   671  H HG3  . GLU A 1 41 ? 13.595  -0.501  4.594   1.00 43.10 ? 39  GLU A HG3  1 
ATOM   672  N N    . LEU A 1 42 ? 10.717  0.868   2.763   1.00 21.79 ? 40  LEU A N    1 
ATOM   673  C CA   . LEU A 1 42 ? 9.630   -0.066  2.494   1.00 20.29 ? 40  LEU A CA   1 
ATOM   674  C C    . LEU A 1 42 ? 9.462   -0.297  0.995   1.00 19.83 ? 40  LEU A C    1 
ATOM   675  O O    . LEU A 1 42 ? 9.228   -1.428  0.555   1.00 20.43 ? 40  LEU A O    1 
ATOM   676  C CB   . LEU A 1 42 ? 8.332   0.444   3.123   1.00 19.75 ? 40  LEU A CB   1 
ATOM   677  C CG   . LEU A 1 42 ? 7.103   -0.464  2.985   1.00 19.94 ? 40  LEU A CG   1 
ATOM   678  C CD1  . LEU A 1 42 ? 7.389   -1.891  3.444   1.00 20.53 ? 40  LEU A CD1  1 
ATOM   679  C CD2  . LEU A 1 42 ? 5.921   0.113   3.763   1.00 19.44 ? 40  LEU A CD2  1 
ATOM   680  H H    . LEU A 1 42 ? 10.475  1.610   3.122   1.00 26.15 ? 40  LEU A H    1 
ATOM   681  H HA   . LEU A 1 42 ? 9.843   -0.920  2.903   1.00 24.35 ? 40  LEU A HA   1 
ATOM   682  H HB2  . LEU A 1 42 ? 8.486   0.577   4.072   1.00 23.70 ? 40  LEU A HB2  1 
ATOM   683  H HB3  . LEU A 1 42 ? 8.109   1.294   2.713   1.00 23.70 ? 40  LEU A HB3  1 
ATOM   684  H HG   . LEU A 1 42 ? 6.849   -0.502  2.049   1.00 23.93 ? 40  LEU A HG   1 
ATOM   685  H HD11 . LEU A 1 42 ? 6.587   -2.424  3.339   1.00 24.64 ? 40  LEU A HD11 1 
ATOM   686  H HD12 . LEU A 1 42 ? 8.106   -2.259  2.903   1.00 24.64 ? 40  LEU A HD12 1 
ATOM   687  H HD13 . LEU A 1 42 ? 7.656   -1.875  4.377   1.00 24.64 ? 40  LEU A HD13 1 
ATOM   688  H HD21 . LEU A 1 42 ? 5.158   -0.476  3.661   1.00 23.33 ? 40  LEU A HD21 1 
ATOM   689  H HD22 . LEU A 1 42 ? 6.164   0.182   4.699   1.00 23.33 ? 40  LEU A HD22 1 
ATOM   690  H HD23 . LEU A 1 42 ? 5.710   0.992   3.410   1.00 23.33 ? 40  LEU A HD23 1 
ATOM   691  N N    . ALA A 1 43 ? 9.597   0.757   0.190   1.00 19.61 ? 41  ALA A N    1 
ATOM   692  C CA   . ALA A 1 43 ? 9.495   0.585   -1.258  1.00 18.91 ? 41  ALA A CA   1 
ATOM   693  C C    . ALA A 1 43 ? 10.607  -0.315  -1.783  1.00 19.63 ? 41  ALA A C    1 
ATOM   694  O O    . ALA A 1 43 ? 10.391  -1.110  -2.707  1.00 20.41 ? 41  ALA A O    1 
ATOM   695  C CB   . ALA A 1 43 ? 9.542   1.944   -1.956  1.00 19.14 ? 41  ALA A CB   1 
ATOM   696  H H    . ALA A 1 43 ? 9.744   1.564   0.449   1.00 23.53 ? 41  ALA A H    1 
ATOM   697  H HA   . ALA A 1 43 ? 8.645   0.168   -1.468  1.00 22.69 ? 41  ALA A HA   1 
ATOM   698  H HB1  . ALA A 1 43 ? 9.474   1.808   -2.914  1.00 22.96 ? 41  ALA A HB1  1 
ATOM   699  H HB2  . ALA A 1 43 ? 8.801   2.485   -1.644  1.00 22.96 ? 41  ALA A HB2  1 
ATOM   700  H HB3  . ALA A 1 43 ? 10.383  2.379   -1.743  1.00 22.96 ? 41  ALA A HB3  1 
ATOM   701  N N    . LYS A 1 44 ? 11.803  -0.204  -1.204  1.00 20.43 ? 42  LYS A N    1 
ATOM   702  C CA   . LYS A 1 44 ? 12.909  -1.078  -1.586  1.00 23.34 ? 42  LYS A CA   1 
ATOM   703  C C    . LYS A 1 44 ? 12.592  -2.530  -1.251  1.00 23.49 ? 42  LYS A C    1 
ATOM   704  O O    . LYS A 1 44 ? 12.783  -3.431  -2.078  1.00 23.67 ? 42  LYS A O    1 
ATOM   705  C CB   . LYS A 1 44 ? 14.178  -0.611  -0.867  1.00 26.10 ? 42  LYS A CB   1 
ATOM   706  C CG   . LYS A 1 44 ? 15.454  -1.332  -1.252  1.00 27.40 ? 42  LYS A CG   1 
ATOM   707  C CD   . LYS A 1 44 ? 16.641  -0.699  -0.540  1.00 31.26 ? 42  LYS A CD   1 
ATOM   708  C CE   . LYS A 1 44 ? 17.949  -1.384  -0.883  1.00 34.12 ? 42  LYS A CE   1 
ATOM   709  N NZ   . LYS A 1 44 ? 18.036  -2.748  -0.296  1.00 36.30 ? 42  LYS A NZ   1 
ATOM   710  H H    . LYS A 1 44 ? 11.997  0.366   -0.591  1.00 24.51 ? 42  LYS A H    1 
ATOM   711  H HA   . LYS A 1 44 ? 13.057  -1.010  -2.543  1.00 28.01 ? 42  LYS A HA   1 
ATOM   712  H HB2  . LYS A 1 44 ? 14.308  0.331   -1.058  1.00 31.32 ? 42  LYS A HB2  1 
ATOM   713  H HB3  . LYS A 1 44 ? 14.052  -0.733  0.087   1.00 31.32 ? 42  LYS A HB3  1 
ATOM   714  H HG2  . LYS A 1 44 ? 15.395  -2.263  -0.986  1.00 32.88 ? 42  LYS A HG2  1 
ATOM   715  H HG3  . LYS A 1 44 ? 15.594  -1.259  -2.210  1.00 32.88 ? 42  LYS A HG3  1 
ATOM   716  H HD2  . LYS A 1 44 ? 16.711  0.232   -0.803  1.00 37.51 ? 42  LYS A HD2  1 
ATOM   717  H HD3  . LYS A 1 44 ? 16.508  -0.765  0.419   1.00 37.51 ? 42  LYS A HD3  1 
ATOM   718  H HE2  . LYS A 1 44 ? 18.023  -1.465  -1.847  1.00 40.95 ? 42  LYS A HE2  1 
ATOM   719  H HE3  . LYS A 1 44 ? 18.686  -0.858  -0.535  1.00 40.95 ? 42  LYS A HE3  1 
ATOM   720  H HZ1  . LYS A 1 44 ? 18.813  -3.124  -0.515  1.00 43.56 ? 42  LYS A HZ1  1 
ATOM   721  H HZ2  . LYS A 1 44 ? 17.977  -2.702  0.591   1.00 43.56 ? 42  LYS A HZ2  1 
ATOM   722  H HZ3  . LYS A 1 44 ? 17.373  -3.255  -0.605  1.00 43.56 ? 42  LYS A HZ3  1 
ATOM   723  N N    . GLN A 1 45 ? 12.095  -2.779  -0.038  1.00 22.66 ? 43  GLN A N    1 
ATOM   724  C CA   . GLN A 1 45 ? 11.752  -4.141  0.361   1.00 24.31 ? 43  GLN A CA   1 
ATOM   725  C C    . GLN A 1 45 ? 10.623  -4.697  -0.499  1.00 23.28 ? 43  GLN A C    1 
ATOM   726  O O    . GLN A 1 45 ? 10.686  -5.844  -0.958  1.00 24.53 ? 43  GLN A O    1 
ATOM   727  C CB   . GLN A 1 45 ? 11.371  -4.172  1.838   1.00 28.03 ? 43  GLN A CB   1 
ATOM   728  C CG   . GLN A 1 45 ? 12.528  -3.865  2.775   1.00 30.54 ? 43  GLN A CG   1 
ATOM   729  C CD   . GLN A 1 45 ? 12.196  -4.146  4.230   1.00 34.02 ? 43  GLN A CD   1 
ATOM   730  O OE1  . GLN A 1 45 ? 12.390  -3.296  5.096   1.00 36.81 ? 43  GLN A OE1  1 
ATOM   731  N NE2  . GLN A 1 45 ? 11.700  -5.351  4.505   1.00 34.25 ? 43  GLN A NE2  1 
ATOM   732  H H    . GLN A 1 45 ? 11.948  -2.183  0.564   1.00 27.19 ? 43  GLN A H    1 
ATOM   733  H HA   . GLN A 1 45 ? 12.528  -4.709  0.240   1.00 29.18 ? 43  GLN A HA   1 
ATOM   734  H HB2  . GLN A 1 45 ? 10.678  -3.512  1.997   1.00 33.64 ? 43  GLN A HB2  1 
ATOM   735  H HB3  . GLN A 1 45 ? 11.039  -5.056  2.058   1.00 33.64 ? 43  GLN A HB3  1 
ATOM   736  H HG2  . GLN A 1 45 ? 13.288  -4.415  2.530   1.00 36.65 ? 43  GLN A HG2  1 
ATOM   737  H HG3  . GLN A 1 45 ? 12.758  -2.927  2.696   1.00 36.65 ? 43  GLN A HG3  1 
ATOM   738  H HE21 . GLN A 1 45 ? 11.582  -5.922  3.874   1.00 41.10 ? 43  GLN A HE21 1 
ATOM   739  H HE22 . GLN A 1 45 ? 11.495  -5.557  5.315   1.00 41.10 ? 43  GLN A HE22 1 
ATOM   740  N N    . PHE A 1 46 ? 9.574   -3.898  -0.725  1.00 22.03 ? 44  PHE A N    1 
ATOM   741  C CA   . PHE A 1 46 ? 8.483   -4.310  -1.602  1.00 20.42 ? 44  PHE A CA   1 
ATOM   742  C C    . PHE A 1 46 ? 8.909   -4.394  -3.061  1.00 21.35 ? 44  PHE A C    1 
ATOM   743  O O    . PHE A 1 46 ? 8.237   -5.065  -3.851  1.00 21.24 ? 44  PHE A O    1 
ATOM   744  C CB   . PHE A 1 46 ? 7.324   -3.307  -1.506  1.00 18.97 ? 44  PHE A CB   1 
ATOM   745  C CG   . PHE A 1 46 ? 6.374   -3.527  -0.341  1.00 18.81 ? 44  PHE A CG   1 
ATOM   746  C CD1  . PHE A 1 46 ? 6.294   -4.739  0.328   1.00 20.09 ? 44  PHE A CD1  1 
ATOM   747  C CD2  . PHE A 1 46 ? 5.527   -2.503  0.050   1.00 18.83 ? 44  PHE A CD2  1 
ATOM   748  C CE1  . PHE A 1 46 ? 5.399   -4.910  1.373   1.00 21.40 ? 44  PHE A CE1  1 
ATOM   749  C CE2  . PHE A 1 46 ? 4.632   -2.671  1.089   1.00 19.58 ? 44  PHE A CE2  1 
ATOM   750  C CZ   . PHE A 1 46 ? 4.569   -3.874  1.751   1.00 20.09 ? 44  PHE A CZ   1 
ATOM   751  H H    . PHE A 1 46 ? 9.475   -3.116  -0.381  1.00 26.43 ? 44  PHE A H    1 
ATOM   752  H HA   . PHE A 1 46 ? 8.159   -5.182  -1.326  1.00 24.50 ? 44  PHE A HA   1 
ATOM   753  H HB2  . PHE A 1 46 ? 7.694   -2.415  -1.415  1.00 22.76 ? 44  PHE A HB2  1 
ATOM   754  H HB3  . PHE A 1 46 ? 6.802   -3.359  -2.322  1.00 22.76 ? 44  PHE A HB3  1 
ATOM   755  H HD1  . PHE A 1 46 ? 6.849   -5.442  0.077   1.00 24.11 ? 44  PHE A HD1  1 
ATOM   756  H HD2  . PHE A 1 46 ? 5.563   -1.687  -0.394  1.00 22.59 ? 44  PHE A HD2  1 
ATOM   757  H HE1  . PHE A 1 46 ? 5.358   -5.725  1.820   1.00 25.68 ? 44  PHE A HE1  1 
ATOM   758  H HE2  . PHE A 1 46 ? 4.077   -1.969  1.343   1.00 23.50 ? 44  PHE A HE2  1 
ATOM   759  H HZ   . PHE A 1 46 ? 3.971   -3.989  2.455   1.00 24.10 ? 44  PHE A HZ   1 
ATOM   760  N N    . ASP A 1 47 ? 10.003  -3.729  -3.430  1.00 21.36 ? 45  ASP A N    1 
ATOM   761  C CA   . ASP A 1 47 ? 10.433  -3.600  -4.826  1.00 22.01 ? 45  ASP A CA   1 
ATOM   762  C C    . ASP A 1 47 ? 9.350   -2.952  -5.691  1.00 20.42 ? 45  ASP A C    1 
ATOM   763  O O    . ASP A 1 47 ? 8.947   -3.480  -6.733  1.00 22.11 ? 45  ASP A O    1 
ATOM   764  C CB   . ASP A 1 47 ? 10.900  -4.936  -5.413  1.00 26.21 ? 45  ASP A CB   1 
ATOM   765  C CG   . ASP A 1 47 ? 11.728  -4.759  -6.673  1.00 30.17 ? 45  ASP A CG   1 
ATOM   766  O OD1  . ASP A 1 47 ? 12.280  -3.655  -6.864  1.00 30.59 ? 45  ASP A OD1  1 
ATOM   767  O OD2  . ASP A 1 47 ? 11.836  -5.713  -7.470  1.00 33.43 ? 45  ASP A OD2  1 
ATOM   768  H H    . ASP A 1 47 ? 10.528  -3.332  -2.875  1.00 25.64 ? 45  ASP A H    1 
ATOM   769  H HA   . ASP A 1 47 ? 11.199  -3.004  -4.844  1.00 26.41 ? 45  ASP A HA   1 
ATOM   770  H HB2  . ASP A 1 47 ? 11.446  -5.398  -4.757  1.00 31.45 ? 45  ASP A HB2  1 
ATOM   771  H HB3  . ASP A 1 47 ? 10.124  -5.473  -5.637  1.00 31.45 ? 45  ASP A HB3  1 
ATOM   772  N N    . VAL A 1 48 ? 8.885   -1.781  -5.252  1.00 19.05 ? 46  VAL A N    1 
ATOM   773  C CA   . VAL A 1 48 ? 7.875   -1.010  -5.964  1.00 19.01 ? 46  VAL A CA   1 
ATOM   774  C C    . VAL A 1 48 ? 8.297   0.451   -5.974  1.00 19.83 ? 46  VAL A C    1 
ATOM   775  O O    . VAL A 1 48 ? 9.131   0.888   -5.177  1.00 21.09 ? 46  VAL A O    1 
ATOM   776  C CB   . VAL A 1 48 ? 6.472   -1.146  -5.326  1.00 18.81 ? 46  VAL A CB   1 
ATOM   777  C CG1  . VAL A 1 48 ? 6.003   -2.596  -5.370  1.00 18.21 ? 46  VAL A CG1  1 
ATOM   778  C CG2  . VAL A 1 48 ? 6.479   -0.623  -3.899  1.00 18.78 ? 46  VAL A CG2  1 
ATOM   779  H H    . VAL A 1 48 ? 9.150   -1.406  -4.524  1.00 22.86 ? 46  VAL A H    1 
ATOM   780  H HA   . VAL A 1 48 ? 7.823   -1.319  -6.882  1.00 22.81 ? 46  VAL A HA   1 
ATOM   781  H HB   . VAL A 1 48 ? 5.842   -0.612  -5.836  1.00 22.57 ? 46  VAL A HB   1 
ATOM   782  H HG11 . VAL A 1 48 ? 5.123   -2.655  -4.964  1.00 21.85 ? 46  VAL A HG11 1 
ATOM   783  H HG12 . VAL A 1 48 ? 5.963   -2.887  -6.294  1.00 21.85 ? 46  VAL A HG12 1 
ATOM   784  H HG13 . VAL A 1 48 ? 6.632   -3.146  -4.877  1.00 21.85 ? 46  VAL A HG13 1 
ATOM   785  H HG21 . VAL A 1 48 ? 5.590   -0.720  -3.524  1.00 22.54 ? 46  VAL A HG21 1 
ATOM   786  H HG22 . VAL A 1 48 ? 7.116   -1.137  -3.379  1.00 22.54 ? 46  VAL A HG22 1 
ATOM   787  H HG23 . VAL A 1 48 ? 6.736   0.312   -3.906  1.00 22.54 ? 46  VAL A HG23 1 
ATOM   788  N N    . SER A 1 49 ? 7.703   1.210   -6.889  1.00 19.38 ? 47  SER A N    1 
ATOM   789  C CA   . SER A 1 49 ? 7.956   2.638   -6.951  1.00 20.65 ? 47  SER A CA   1 
ATOM   790  C C    . SER A 1 49 ? 7.438   3.311   -5.691  1.00 20.35 ? 47  SER A C    1 
ATOM   791  O O    . SER A 1 49 ? 6.468   2.867   -5.069  1.00 20.85 ? 47  SER A O    1 
ATOM   792  C CB   . SER A 1 49 ? 7.249   3.246   -8.155  1.00 23.56 ? 47  SER A CB   1 
ATOM   793  O OG   . SER A 1 49 ? 5.906   3.545   -7.834  1.00 24.75 ? 47  SER A OG   1 
ATOM   794  H H    . SER A 1 49 ? 7.152   0.919   -7.482  1.00 23.25 ? 47  SER A H    1 
ATOM   795  H HA   . SER A 1 49 ? 8.909   2.802   -7.029  1.00 24.79 ? 47  SER A HA   1 
ATOM   796  H HB2  . SER A 1 49 ? 7.704   4.064   -8.410  1.00 28.27 ? 47  SER A HB2  1 
ATOM   797  H HB3  . SER A 1 49 ? 7.268   2.612   -8.889  1.00 28.27 ? 47  SER A HB3  1 
ATOM   798  H HG   . SER A 1 49 ? 5.518   3.880   -8.500  1.00 29.70 ? 47  SER A HG   1 
ATOM   799  N N    . ARG A 1 50 ? 8.089   4.399   -5.325  1.00 21.07 ? 48  ARG A N    1 
ATOM   800  C CA   . ARG A 1 50 ? 7.718   5.120   -4.119  1.00 19.11 ? 48  ARG A CA   1 
ATOM   801  C C    . ARG A 1 50 ? 6.350   5.779   -4.255  1.00 18.95 ? 48  ARG A C    1 
ATOM   802  O O    . ARG A 1 50 ? 5.564   5.735   -3.303  1.00 19.30 ? 48  ARG A O    1 
ATOM   803  C CB   . ARG A 1 50 ? 8.804   6.125   -3.734  1.00 20.38 ? 48  ARG A CB   1 
ATOM   804  C CG   . ARG A 1 50 ? 10.072  5.434   -3.273  1.00 21.18 ? 48  ARG A CG   1 
ATOM   805  C CD   . ARG A 1 50 ? 11.170  6.405   -2.943  1.00 22.21 ? 48  ARG A CD   1 
ATOM   806  N NE   . ARG A 1 50 ? 10.811  7.287   -1.839  1.00 21.26 ? 48  ARG A NE   1 
ATOM   807  C CZ   . ARG A 1 50 ? 11.682  8.047   -1.193  1.00 21.34 ? 48  ARG A CZ   1 
ATOM   808  N NH1  . ARG A 1 50 ? 12.963  8.028   -1.537  1.00 21.29 ? 48  ARG A NH1  1 
ATOM   809  N NH2  . ARG A 1 50 ? 11.273  8.824   -0.201  1.00 22.77 ? 48  ARG A NH2  1 
ATOM   810  H H    . ARG A 1 50 ? 8.748   4.743   -5.757  1.00 25.29 ? 48  ARG A H    1 
ATOM   811  H HA   . ARG A 1 50 ? 7.654   4.480   -3.393  1.00 22.94 ? 48  ARG A HA   1 
ATOM   812  H HB2  . ARG A 1 50 ? 9.020   6.673   -4.505  1.00 24.46 ? 48  ARG A HB2  1 
ATOM   813  H HB3  . ARG A 1 50 ? 8.480   6.682   -3.009  1.00 24.46 ? 48  ARG A HB3  1 
ATOM   814  H HG2  . ARG A 1 50 ? 9.879   4.916   -2.475  1.00 25.42 ? 48  ARG A HG2  1 
ATOM   815  H HG3  . ARG A 1 50 ? 10.390  4.850   -3.980  1.00 25.42 ? 48  ARG A HG3  1 
ATOM   816  H HD2  . ARG A 1 50 ? 11.967  5.912   -2.690  1.00 26.65 ? 48  ARG A HD2  1 
ATOM   817  H HD3  . ARG A 1 50 ? 11.352  6.956   -3.722  1.00 26.65 ? 48  ARG A HD3  1 
ATOM   818  H HE   . ARG A 1 50 ? 9.975   7.395   -1.666  1.00 25.52 ? 48  ARG A HE   1 
ATOM   819  H HH11 . ARG A 1 50 ? 13.228  7.523   -2.181  1.00 25.55 ? 48  ARG A HH11 1 
ATOM   820  H HH12 . ARG A 1 50 ? 13.529  8.521   -1.117  1.00 25.55 ? 48  ARG A HH12 1 
ATOM   821  H HH21 . ARG A 1 50 ? 10.441  8.835   0.022   1.00 27.32 ? 48  ARG A HH21 1 
ATOM   822  H HH22 . ARG A 1 50 ? 11.837  9.317   0.221   1.00 27.32 ? 48  ARG A HH22 1 
ATOM   823  N N    . PRO A 1 51 ? 6.007   6.389   -5.393  1.00 19.23 ? 49  PRO A N    1 
ATOM   824  C CA   . PRO A 1 51 ? 4.662   6.987   -5.492  1.00 19.88 ? 49  PRO A CA   1 
ATOM   825  C C    . PRO A 1 51 ? 3.531   5.981   -5.355  1.00 18.63 ? 49  PRO A C    1 
ATOM   826  O O    . PRO A 1 51 ? 2.491   6.302   -4.767  1.00 18.41 ? 49  PRO A O    1 
ATOM   827  C CB   . PRO A 1 51 ? 4.673   7.660   -6.872  1.00 21.98 ? 49  PRO A CB   1 
ATOM   828  C CG   . PRO A 1 51 ? 6.108   7.898   -7.163  1.00 22.72 ? 49  PRO A CG   1 
ATOM   829  C CD   . PRO A 1 51 ? 6.839   6.735   -6.559  1.00 20.86 ? 49  PRO A CD   1 
ATOM   830  H HA   . PRO A 1 51 ? 4.556   7.671   -4.812  1.00 23.86 ? 49  PRO A HA   1 
ATOM   831  H HB2  . PRO A 1 51 ? 4.282   7.065   -7.530  1.00 26.37 ? 49  PRO A HB2  1 
ATOM   832  H HB3  . PRO A 1 51 ? 4.186   8.499   -6.832  1.00 26.37 ? 49  PRO A HB3  1 
ATOM   833  H HG2  . PRO A 1 51 ? 6.244   7.927   -8.123  1.00 27.27 ? 49  PRO A HG2  1 
ATOM   834  H HG3  . PRO A 1 51 ? 6.389   8.729   -6.752  1.00 27.27 ? 49  PRO A HG3  1 
ATOM   835  H HD2  . PRO A 1 51 ? 6.872   5.993   -7.185  1.00 25.03 ? 49  PRO A HD2  1 
ATOM   836  H HD3  . PRO A 1 51 ? 7.727   7.002   -6.276  1.00 25.03 ? 49  PRO A HD3  1 
ATOM   837  N N    A SER A 1 52 ? 3.696   4.767   -5.890  0.47 18.82 ? 50  SER A N    1 
ATOM   838  N N    B SER A 1 52 ? 3.698   4.768   -5.893  0.53 18.47 ? 50  SER A N    1 
ATOM   839  C CA   A SER A 1 52 ? 2.636   3.772   -5.770  0.47 17.86 ? 50  SER A CA   1 
ATOM   840  C CA   B SER A 1 52 ? 2.644   3.769   -5.770  0.53 16.89 ? 50  SER A CA   1 
ATOM   841  C C    A SER A 1 52 ? 2.466   3.320   -4.325  0.47 17.13 ? 50  SER A C    1 
ATOM   842  C C    B SER A 1 52 ? 2.467   3.339   -4.320  0.53 16.72 ? 50  SER A C    1 
ATOM   843  O O    A SER A 1 52 ? 1.336   3.154   -3.850  0.47 17.17 ? 50  SER A O    1 
ATOM   844  O O    B SER A 1 52 ? 1.335   3.209   -3.838  0.53 16.80 ? 50  SER A O    1 
ATOM   845  C CB   A SER A 1 52 ? 2.921   2.580   -6.685  0.47 18.68 ? 50  SER A CB   1 
ATOM   846  C CB   B SER A 1 52 ? 2.946   2.562   -6.660  0.53 17.20 ? 50  SER A CB   1 
ATOM   847  O OG   A SER A 1 52 ? 2.767   2.930   -8.051  0.47 20.43 ? 50  SER A OG   1 
ATOM   848  O OG   B SER A 1 52 ? 4.062   1.828   -6.184  0.53 18.60 ? 50  SER A OG   1 
ATOM   849  H H    A SER A 1 52 ? 4.395   4.503   -6.314  0.47 22.58 ? 50  SER A H    1 
ATOM   850  H H    B SER A 1 52 ? 4.396   4.508   -6.323  0.53 22.16 ? 50  SER A H    1 
ATOM   851  H HA   A SER A 1 52 ? 1.799   4.171   -6.056  0.47 21.43 ? 50  SER A HA   1 
ATOM   852  H HA   B SER A 1 52 ? 1.806   4.157   -6.070  0.53 20.27 ? 50  SER A HA   1 
ATOM   853  H HB2  A SER A 1 52 ? 3.832   2.281   -6.537  0.47 22.42 ? 50  SER A HB2  1 
ATOM   854  H HB2  B SER A 1 52 ? 2.170   1.980   -6.673  0.53 20.64 ? 50  SER A HB2  1 
ATOM   855  H HB3  A SER A 1 52 ? 2.301   1.864   -6.471  0.47 22.42 ? 50  SER A HB3  1 
ATOM   856  H HB3  B SER A 1 52 ? 3.138   2.875   -7.558  0.53 20.64 ? 50  SER A HB3  1 
ATOM   857  H HG   A SER A 1 52 ? 3.299   3.549   -8.251  0.47 24.52 ? 50  SER A HG   1 
ATOM   858  H HG   B SER A 1 52 ? 4.744   2.319   -6.169  0.53 22.32 ? 50  SER A HG   1 
ATOM   859  N N    . LEU A 1 53 ? 3.574   3.120   -3.607  1.00 16.35 ? 51  LEU A N    1 
ATOM   860  C CA   . LEU A 1 53 ? 3.484   2.809   -2.184  1.00 16.33 ? 51  LEU A CA   1 
ATOM   861  C C    . LEU A 1 53 ? 2.846   3.961   -1.429  1.00 16.47 ? 51  LEU A C    1 
ATOM   862  O O    . LEU A 1 53 ? 2.003   3.752   -0.550  1.00 16.27 ? 51  LEU A O    1 
ATOM   863  C CB   . LEU A 1 53 ? 4.875   2.523   -1.621  1.00 16.04 ? 51  LEU A CB   1 
ATOM   864  C CG   . LEU A 1 53 ? 4.964   2.346   -0.103  1.00 15.70 ? 51  LEU A CG   1 
ATOM   865  C CD1  . LEU A 1 53 ? 4.083   1.195   0.368   1.00 15.51 ? 51  LEU A CD1  1 
ATOM   866  C CD2  . LEU A 1 53 ? 6.406   2.119   0.315   1.00 17.05 ? 51  LEU A CD2  1 
ATOM   867  H H    A LEU A 1 53 ? 4.376   3.159   -3.917  0.47 19.63 ? 51  LEU A H    1 
ATOM   868  H H    B LEU A 1 53 ? 4.376   3.145   -3.919  0.53 19.63 ? 51  LEU A H    1 
ATOM   869  H HA   . LEU A 1 53 ? 2.935   2.018   -2.061  1.00 19.60 ? 51  LEU A HA   1 
ATOM   870  H HB2  . LEU A 1 53 ? 5.206   1.708   -2.027  1.00 19.25 ? 51  LEU A HB2  1 
ATOM   871  H HB3  . LEU A 1 53 ? 5.457   3.261   -1.860  1.00 19.25 ? 51  LEU A HB3  1 
ATOM   872  H HG   . LEU A 1 53 ? 4.652   3.157   0.327   1.00 18.84 ? 51  LEU A HG   1 
ATOM   873  H HD11 . LEU A 1 53 ? 4.163   1.111   1.331   1.00 18.61 ? 51  LEU A HD11 1 
ATOM   874  H HD12 . LEU A 1 53 ? 3.162   1.384   0.127   1.00 18.61 ? 51  LEU A HD12 1 
ATOM   875  H HD13 . LEU A 1 53 ? 4.376   0.377   -0.062  1.00 18.61 ? 51  LEU A HD13 1 
ATOM   876  H HD21 . LEU A 1 53 ? 6.442   2.009   1.278   1.00 20.46 ? 51  LEU A HD21 1 
ATOM   877  H HD22 . LEU A 1 53 ? 6.738   1.320   -0.122  1.00 20.46 ? 51  LEU A HD22 1 
ATOM   878  H HD23 . LEU A 1 53 ? 6.936   2.886   0.049   1.00 20.46 ? 51  LEU A HD23 1 
ATOM   879  N N    . ARG A 1 54 ? 3.242   5.187   -1.763  1.00 15.86 ? 52  ARG A N    1 
ATOM   880  C CA   . ARG A 1 54 ? 2.716   6.361   -1.079  1.00 16.51 ? 52  ARG A CA   1 
ATOM   881  C C    . ARG A 1 54 ? 1.202   6.425   -1.203  1.00 17.05 ? 52  ARG A C    1 
ATOM   882  O O    . ARG A 1 54 ? 0.498   6.695   -0.224  1.00 16.76 ? 52  ARG A O    1 
ATOM   883  C CB   . ARG A 1 54 ? 3.357   7.612   -1.679  1.00 17.13 ? 52  ARG A CB   1 
ATOM   884  C CG   . ARG A 1 54 ? 3.038   8.902   -0.951  1.00 17.31 ? 52  ARG A CG   1 
ATOM   885  C CD   . ARG A 1 54 ? 3.741   10.096  -1.582  1.00 18.82 ? 52  ARG A CD   1 
ATOM   886  N NE   . ARG A 1 54 ? 5.172   9.844   -1.716  1.00 19.58 ? 52  ARG A NE   1 
ATOM   887  C CZ   . ARG A 1 54 ? 5.953   10.384  -2.640  1.00 21.24 ? 52  ARG A CZ   1 
ATOM   888  N NH1  . ARG A 1 54 ? 5.459   11.241  -3.526  1.00 21.95 ? 52  ARG A NH1  1 
ATOM   889  N NH2  . ARG A 1 54 ? 7.236   10.058  -2.682  1.00 23.27 ? 52  ARG A NH2  1 
ATOM   890  H H    . ARG A 1 54 ? 3.813   5.364   -2.381  1.00 19.03 ? 52  ARG A H    1 
ATOM   891  H HA   . ARG A 1 54 ? 2.946   6.318   -0.138  1.00 19.81 ? 52  ARG A HA   1 
ATOM   892  H HB2  . ARG A 1 54 ? 4.321   7.501   -1.669  1.00 20.56 ? 52  ARG A HB2  1 
ATOM   893  H HB3  . ARG A 1 54 ? 3.050   7.709   -2.594  1.00 20.56 ? 52  ARG A HB3  1 
ATOM   894  H HG2  . ARG A 1 54 ? 2.082   9.059   -0.985  1.00 20.78 ? 52  ARG A HG2  1 
ATOM   895  H HG3  . ARG A 1 54 ? 3.332   8.829   -0.030  1.00 20.78 ? 52  ARG A HG3  1 
ATOM   896  H HD2  . ARG A 1 54 ? 3.374   10.256  -2.465  1.00 22.59 ? 52  ARG A HD2  1 
ATOM   897  H HD3  . ARG A 1 54 ? 3.619   10.876  -1.018  1.00 22.59 ? 52  ARG A HD3  1 
ATOM   898  H HE   . ARG A 1 54 ? 5.535   9.304   -1.154  1.00 23.49 ? 52  ARG A HE   1 
ATOM   899  H HH11 . ARG A 1 54 ? 4.624   11.447  -3.504  1.00 26.34 ? 52  ARG A HH11 1 
ATOM   900  H HH12 . ARG A 1 54 ? 5.973   11.589  -4.121  1.00 26.34 ? 52  ARG A HH12 1 
ATOM   901  H HH21 . ARG A 1 54 ? 7.559   9.507   -2.107  1.00 27.93 ? 52  ARG A HH21 1 
ATOM   902  H HH22 . ARG A 1 54 ? 7.751   10.413  -3.273  1.00 27.93 ? 52  ARG A HH22 1 
ATOM   903  N N    . GLU A 1 55 ? 0.688   6.155   -2.392  1.00 16.82 ? 53  GLU A N    1 
ATOM   904  C CA   . GLU A 1 55 ? -0.748  6.152   -2.615  1.00 16.87 ? 53  GLU A CA   1 
ATOM   905  C C    . GLU A 1 55 ? -1.432  5.018   -1.835  1.00 16.28 ? 53  GLU A C    1 
ATOM   906  O O    . GLU A 1 55 ? -2.466  5.219   -1.231  1.00 16.28 ? 53  GLU A O    1 
ATOM   907  C CB   . GLU A 1 55 ? -1.036  6.068   -4.112  1.00 20.02 ? 53  GLU A CB   1 
ATOM   908  C CG   . GLU A 1 55 ? -2.498  6.036   -4.473  1.00 27.25 ? 53  GLU A CG   1 
ATOM   909  C CD   . GLU A 1 55 ? -2.727  6.232   -5.957  1.00 33.63 ? 53  GLU A CD   1 
ATOM   910  O OE1  . GLU A 1 55 ? -1.759  6.294   -6.712  1.00 36.46 ? 53  GLU A OE1  1 
ATOM   911  O OE2  . GLU A 1 55 ? -3.885  6.338   -6.339  1.00 37.20 ? 53  GLU A OE2  1 
ATOM   912  H H    . GLU A 1 55 ? 1.158   5.952   -3.073  1.00 20.19 ? 53  GLU A H    1 
ATOM   913  H HA   . GLU A 1 55 ? -1.120  6.992   -2.293  1.00 20.24 ? 53  GLU A HA   1 
ATOM   914  H HB2  . GLU A 1 55 ? -0.654  6.845   -4.538  1.00 24.02 ? 53  GLU A HB2  1 
ATOM   915  H HB3  . GLU A 1 55 ? -0.626  5.268   -4.462  1.00 24.02 ? 53  GLU A HB3  1 
ATOM   916  H HG2  . GLU A 1 55 ? -2.870  5.180   -4.220  1.00 32.70 ? 53  GLU A HG2  1 
ATOM   917  H HG3  . GLU A 1 55 ? -2.953  6.747   -4.004  1.00 32.70 ? 53  GLU A HG3  1 
ATOM   918  N N    . ALA A 1 56 ? -0.829  3.840   -1.839  1.00 14.65 ? 54  ALA A N    1 
ATOM   919  C CA   . ALA A 1 56 ? -1.402  2.728   -1.088  1.00 14.20 ? 54  ALA A CA   1 
ATOM   920  C C    . ALA A 1 56 ? -1.528  3.078   0.387   1.00 15.45 ? 54  ALA A C    1 
ATOM   921  O O    . ALA A 1 56 ? -2.549  2.783   1.020   1.00 15.15 ? 54  ALA A O    1 
ATOM   922  C CB   . ALA A 1 56 ? -0.534  1.482   -1.248  1.00 15.39 ? 54  ALA A CB   1 
ATOM   923  H H    . ALA A 1 56 ? -0.103  3.655   -2.261  1.00 17.58 ? 54  ALA A H    1 
ATOM   924  H HA   . ALA A 1 56 ? -2.287  2.530   -1.431  1.00 17.04 ? 54  ALA A HA   1 
ATOM   925  H HB1  . ALA A 1 56 ? -0.931  0.755   -0.742  1.00 18.47 ? 54  ALA A HB1  1 
ATOM   926  H HB2  . ALA A 1 56 ? -0.491  1.248   -2.189  1.00 18.47 ? 54  ALA A HB2  1 
ATOM   927  H HB3  . ALA A 1 56 ? 0.355   1.673   -0.912  1.00 18.47 ? 54  ALA A HB3  1 
ATOM   928  N N    . ILE A 1 57 ? -0.493  3.698   0.951   1.00 14.52 ? 55  ILE A N    1 
ATOM   929  C CA   . ILE A 1 57 ? -0.527  4.055   2.363   1.00 14.52 ? 55  ILE A CA   1 
ATOM   930  C C    . ILE A 1 57 ? -1.628  5.072   2.622   1.00 15.31 ? 55  ILE A C    1 
ATOM   931  O O    . ILE A 1 57 ? -2.347  4.983   3.621   1.00 15.09 ? 55  ILE A O    1 
ATOM   932  C CB   . ILE A 1 57 ? 0.864   4.534   2.826   1.00 14.74 ? 55  ILE A CB   1 
ATOM   933  C CG1  . ILE A 1 57 ? 1.808   3.325   2.923   1.00 15.26 ? 55  ILE A CG1  1 
ATOM   934  C CG2  . ILE A 1 57 ? 0.782   5.269   4.158   1.00 14.74 ? 55  ILE A CG2  1 
ATOM   935  C CD1  . ILE A 1 57 ? 3.247   3.671   3.209   1.00 15.87 ? 55  ILE A CD1  1 
ATOM   936  H H    . ILE A 1 57 ? 0.230   3.920   0.542   1.00 17.43 ? 55  ILE A H    1 
ATOM   937  H HA   . ILE A 1 57 ? -0.743  3.260   2.874   1.00 17.42 ? 55  ILE A HA   1 
ATOM   938  H HB   . ILE A 1 57 ? 1.216   5.145   2.160   1.00 17.69 ? 55  ILE A HB   1 
ATOM   939  H HG12 . ILE A 1 57 ? 1.498   2.745   3.637   1.00 18.31 ? 55  ILE A HG12 1 
ATOM   940  H HG13 . ILE A 1 57 ? 1.784   2.845   2.080   1.00 18.31 ? 55  ILE A HG13 1 
ATOM   941  H HG21 . ILE A 1 57 ? 1.673   5.554   4.417   1.00 17.69 ? 55  ILE A HG21 1 
ATOM   942  H HG22 . ILE A 1 57 ? 0.203   6.041   4.058   1.00 17.69 ? 55  ILE A HG22 1 
ATOM   943  H HG23 . ILE A 1 57 ? 0.419   4.668   4.828   1.00 17.69 ? 55  ILE A HG23 1 
ATOM   944  H HD11 . ILE A 1 57 ? 3.765   2.852   3.252   1.00 19.05 ? 55  ILE A HD11 1 
ATOM   945  H HD12 . ILE A 1 57 ? 3.582   4.238   2.498   1.00 19.05 ? 55  ILE A HD12 1 
ATOM   946  H HD13 . ILE A 1 57 ? 3.295   4.139   4.058   1.00 19.05 ? 55  ILE A HD13 1 
ATOM   947  N N    . GLN A 1 58 ? -1.794  6.044   1.720   1.00 13.92 ? 56  GLN A N    1 
ATOM   948  C CA   . GLN A 1 58 ? -2.882  7.005   1.866   1.00 15.57 ? 56  GLN A CA   1 
ATOM   949  C C    . GLN A 1 58 ? -4.233  6.306   1.921   1.00 15.25 ? 56  GLN A C    1 
ATOM   950  O O    . GLN A 1 58 ? -5.080  6.642   2.757   1.00 16.77 ? 56  GLN A O    1 
ATOM   951  C CB   . GLN A 1 58 ? -2.854  8.008   0.717   1.00 16.76 ? 56  GLN A CB   1 
ATOM   952  C CG   . GLN A 1 58 ? -1.669  8.934   0.745   1.00 16.01 ? 56  GLN A CG   1 
ATOM   953  C CD   . GLN A 1 58 ? -1.364  9.545   -0.609  1.00 17.04 ? 56  GLN A CD   1 
ATOM   954  O OE1  . GLN A 1 58 ? -2.113  9.372   -1.575  1.00 18.25 ? 56  GLN A OE1  1 
ATOM   955  N NE2  . GLN A 1 58 ? -0.255  10.255  -0.688  1.00 17.64 ? 56  GLN A NE2  1 
ATOM   956  H H    . GLN A 1 58 ? -1.297  6.164   1.028   1.00 16.71 ? 56  GLN A H    1 
ATOM   957  H HA   . GLN A 1 58 ? -2.763  7.494   2.694   1.00 18.68 ? 56  GLN A HA   1 
ATOM   958  H HB2  . GLN A 1 58 ? -2.831  7.522   -0.122  1.00 20.11 ? 56  GLN A HB2  1 
ATOM   959  H HB3  . GLN A 1 58 ? -3.657  8.552   0.758   1.00 20.11 ? 56  GLN A HB3  1 
ATOM   960  H HG2  . GLN A 1 58 ? -1.848  9.658   1.366   1.00 19.22 ? 56  GLN A HG2  1 
ATOM   961  H HG3  . GLN A 1 58 ? -0.887  8.437   1.032   1.00 19.22 ? 56  GLN A HG3  1 
ATOM   962  H HE21 . GLN A 1 58 ? 0.245   10.349  0.004   1.00 21.17 ? 56  GLN A HE21 1 
ATOM   963  H HE22 . GLN A 1 58 ? -0.035  10.624  -1.433  1.00 21.17 ? 56  GLN A HE22 1 
ATOM   964  N N    . ARG A 1 59 ? -4.452  5.324   1.048   1.00 15.31 ? 57  ARG A N    1 
ATOM   965  C CA   . ARG A 1 59 ? -5.724  4.606   1.049   1.00 15.91 ? 57  ARG A CA   1 
ATOM   966  C C    . ARG A 1 59 ? -5.920  3.817   2.341   1.00 15.50 ? 57  ARG A C    1 
ATOM   967  O O    . ARG A 1 59 ? -7.036  3.741   2.866   1.00 17.86 ? 57  ARG A O    1 
ATOM   968  C CB   . ARG A 1 59 ? -5.804  3.670   -0.155  1.00 17.67 ? 57  ARG A CB   1 
ATOM   969  C CG   . ARG A 1 59 ? -5.722  4.361   -1.511  1.00 20.66 ? 57  ARG A CG   1 
ATOM   970  C CD   . ARG A 1 59 ? -6.859  5.344   -1.755  1.00 24.47 ? 57  ARG A CD   1 
ATOM   971  N NE   . ARG A 1 59 ? -6.761  5.914   -3.098  1.00 27.77 ? 57  ARG A NE   1 
ATOM   972  C CZ   . ARG A 1 59 ? -7.563  6.856   -3.588  1.00 30.64 ? 57  ARG A CZ   1 
ATOM   973  N NH1  . ARG A 1 59 ? -8.547  7.358   -2.851  1.00 30.37 ? 57  ARG A NH1  1 
ATOM   974  N NH2  . ARG A 1 59 ? -7.378  7.297   -4.827  1.00 32.67 ? 57  ARG A NH2  1 
ATOM   975  H H    . ARG A 1 59 ? -3.891  5.059   0.453   1.00 18.37 ? 57  ARG A H    1 
ATOM   976  H HA   . ARG A 1 59 ? -6.449  5.247   0.977   1.00 19.09 ? 57  ARG A HA   1 
ATOM   977  H HB2  . ARG A 1 59 ? -5.069  3.038   -0.103  1.00 21.20 ? 57  ARG A HB2  1 
ATOM   978  H HB3  . ARG A 1 59 ? -6.647  3.191   -0.119  1.00 21.20 ? 57  ARG A HB3  1 
ATOM   979  H HG2  . ARG A 1 59 ? -4.887  4.852   -1.565  1.00 24.79 ? 57  ARG A HG2  1 
ATOM   980  H HG3  . ARG A 1 59 ? -5.755  3.689   -2.209  1.00 24.79 ? 57  ARG A HG3  1 
ATOM   981  H HD2  . ARG A 1 59 ? -7.709  4.882   -1.678  1.00 29.36 ? 57  ARG A HD2  1 
ATOM   982  H HD3  . ARG A 1 59 ? -6.806  6.067   -1.109  1.00 29.36 ? 57  ARG A HD3  1 
ATOM   983  H HE   . ARG A 1 59 ? -6.138  5.617   -3.611  1.00 33.32 ? 57  ARG A HE   1 
ATOM   984  H HH11 . ARG A 1 59 ? -8.670  7.074   -2.048  1.00 36.44 ? 57  ARG A HH11 1 
ATOM   985  H HH12 . ARG A 1 59 ? -9.060  7.966   -3.176  1.00 36.44 ? 57  ARG A HH12 1 
ATOM   986  H HH21 . ARG A 1 59 ? -6.742  6.974   -5.308  1.00 39.20 ? 57  ARG A HH21 1 
ATOM   987  H HH22 . ARG A 1 59 ? -7.893  7.906   -5.149  1.00 39.20 ? 57  ARG A HH22 1 
ATOM   988  N N    . LEU A 1 60 ? -4.844  3.220   2.873   1.00 15.30 ? 58  LEU A N    1 
ATOM   989  C CA   . LEU A 1 60 ? -4.962  2.481   4.126   1.00 15.81 ? 58  LEU A CA   1 
ATOM   990  C C    . LEU A 1 60 ? -5.186  3.414   5.310   1.00 15.58 ? 58  LEU A C    1 
ATOM   991  O O    . LEU A 1 60 ? -5.894  3.050   6.257   1.00 16.01 ? 58  LEU A O    1 
ATOM   992  C CB   . LEU A 1 60 ? -3.717  1.621   4.343   1.00 16.85 ? 58  LEU A CB   1 
ATOM   993  C CG   . LEU A 1 60 ? -3.533  0.518   3.294   1.00 17.61 ? 58  LEU A CG   1 
ATOM   994  C CD1  . LEU A 1 60 ? -2.102  -0.015  3.288   1.00 20.11 ? 58  LEU A CD1  1 
ATOM   995  C CD2  . LEU A 1 60 ? -4.525  -0.614  3.522   1.00 17.63 ? 58  LEU A CD2  1 
ATOM   996  H H    . LEU A 1 60 ? -4.055  3.229   2.532   1.00 18.36 ? 58  LEU A H    1 
ATOM   997  H HA   . LEU A 1 60 ? -5.726  1.886   4.068   1.00 18.97 ? 58  LEU A HA   1 
ATOM   998  H HB2  . LEU A 1 60 ? -2.933  2.192   4.311   1.00 20.23 ? 58  LEU A HB2  1 
ATOM   999  H HB3  . LEU A 1 60 ? -3.779  1.194   5.212   1.00 20.23 ? 58  LEU A HB3  1 
ATOM   1000 H HG   . LEU A 1 60 ? -3.710  0.893   2.417   1.00 21.14 ? 58  LEU A HG   1 
ATOM   1001 H HD11 . LEU A 1 60 ? -2.026  -0.708  2.613   1.00 24.13 ? 58  LEU A HD11 1 
ATOM   1002 H HD12 . LEU A 1 60 ? -1.495  0.714   3.083   1.00 24.13 ? 58  LEU A HD12 1 
ATOM   1003 H HD13 . LEU A 1 60 ? -1.898  -0.381  4.163   1.00 24.13 ? 58  LEU A HD13 1 
ATOM   1004 H HD21 . LEU A 1 60 ? -4.386  -1.296  2.846   1.00 21.16 ? 58  LEU A HD21 1 
ATOM   1005 H HD22 . LEU A 1 60 ? -4.378  -0.989  4.405   1.00 21.16 ? 58  LEU A HD22 1 
ATOM   1006 H HD23 . LEU A 1 60 ? -5.426  -0.262  3.457   1.00 21.16 ? 58  LEU A HD23 1 
ATOM   1007 N N    . GLU A 1 61 ? -4.585  4.606   5.280   1.00 16.03 ? 59  GLU A N    1 
ATOM   1008 C CA   . GLU A 1 61 ? -4.921  5.635   6.259   1.00 17.46 ? 59  GLU A CA   1 
ATOM   1009 C C    . GLU A 1 61 ? -6.405  5.960   6.210   1.00 16.64 ? 59  GLU A C    1 
ATOM   1010 O O    . GLU A 1 61 ? -7.074  6.037   7.246   1.00 17.70 ? 59  GLU A O    1 
ATOM   1011 C CB   . GLU A 1 61 ? -4.117  6.900   5.967   1.00 19.85 ? 59  GLU A CB   1 
ATOM   1012 C CG   . GLU A 1 61 ? -2.647  6.835   6.300   1.00 23.16 ? 59  GLU A CG   1 
ATOM   1013 C CD   . GLU A 1 61 ? -1.933  8.138   5.964   1.00 28.57 ? 59  GLU A CD   1 
ATOM   1014 O OE1  . GLU A 1 61 ? -1.424  8.269   4.829   1.00 31.78 ? 59  GLU A OE1  1 
ATOM   1015 O OE2  . GLU A 1 61 ? -1.908  9.045   6.823   1.00 33.15 ? 59  GLU A OE2  1 
ATOM   1016 H H    . GLU A 1 61 ? -3.988  4.840   4.708   1.00 19.24 ? 59  GLU A H    1 
ATOM   1017 H HA   . GLU A 1 61 ? -4.699  5.323   7.150   1.00 20.95 ? 59  GLU A HA   1 
ATOM   1018 H HB2  . GLU A 1 61 ? -4.191  7.098   5.020   1.00 23.82 ? 59  GLU A HB2  1 
ATOM   1019 H HB3  . GLU A 1 61 ? -4.498  7.629   6.480   1.00 23.82 ? 59  GLU A HB3  1 
ATOM   1020 H HG2  . GLU A 1 61 ? -2.542  6.667   7.250   1.00 27.79 ? 59  GLU A HG2  1 
ATOM   1021 H HG3  . GLU A 1 61 ? -2.235  6.121   5.787   1.00 27.79 ? 59  GLU A HG3  1 
ATOM   1022 N N    . ALA A 1 62 ? -6.936  6.170   5.003   1.00 17.72 ? 60  ALA A N    1 
ATOM   1023 C CA   . ALA A 1 62 ? -8.343  6.523   4.863   1.00 19.06 ? 60  ALA A CA   1 
ATOM   1024 C C    . ALA A 1 62 ? -9.251  5.435   5.423   1.00 18.99 ? 60  ALA A C    1 
ATOM   1025 O O    . ALA A 1 62 ? -10.312 5.740   5.984   1.00 22.04 ? 60  ALA A O    1 
ATOM   1026 C CB   . ALA A 1 62 ? -8.656  6.816   3.394   1.00 18.86 ? 60  ALA A CB   1 
ATOM   1027 H H    . ALA A 1 62 ? -6.506  6.116   4.261   1.00 21.26 ? 60  ALA A H    1 
ATOM   1028 H HA   . ALA A 1 62 ? -8.512  7.334   5.366   1.00 22.87 ? 60  ALA A HA   1 
ATOM   1029 H HB1  . ALA A 1 62 ? -9.594  7.049   3.311   1.00 22.64 ? 60  ALA A HB1  1 
ATOM   1030 H HB2  . ALA A 1 62 ? -8.103  7.556   3.095   1.00 22.64 ? 60  ALA A HB2  1 
ATOM   1031 H HB3  . ALA A 1 62 ? -8.464  6.025   2.866   1.00 22.64 ? 60  ALA A HB3  1 
ATOM   1032 N N    . LYS A 1 63 ? -8.839  4.171   5.312   1.00 18.03 ? 61  LYS A N    1 
ATOM   1033 C CA   . LYS A 1 63 ? -9.582  3.049   5.870   1.00 18.93 ? 61  LYS A CA   1 
ATOM   1034 C C    . LYS A 1 63 ? -9.423  2.920   7.379   1.00 17.32 ? 61  LYS A C    1 
ATOM   1035 O O    . LYS A 1 63 ? -10.167 2.154   8.002   1.00 18.89 ? 61  LYS A O    1 
ATOM   1036 C CB   . LYS A 1 63 ? -9.107  1.740   5.225   1.00 19.88 ? 61  LYS A CB   1 
ATOM   1037 C CG   . LYS A 1 63 ? -9.700  1.444   3.858   1.00 22.25 ? 61  LYS A CG   1 
ATOM   1038 C CD   . LYS A 1 63 ? -9.036  0.239   3.228   1.00 22.96 ? 61  LYS A CD   1 
ATOM   1039 C CE   . LYS A 1 63 ? -9.708  -0.129  1.927   1.00 24.84 ? 61  LYS A CE   1 
ATOM   1040 N NZ   . LYS A 1 63 ? -9.033  -1.274  1.269   1.00 27.63 ? 61  LYS A NZ   1 
ATOM   1041 H H    . LYS A 1 63 ? -8.116  3.937   4.910   1.00 21.63 ? 61  LYS A H    1 
ATOM   1042 H HA   . LYS A 1 63 ? -10.525 3.161   5.673   1.00 22.71 ? 61  LYS A HA   1 
ATOM   1043 H HB2  . LYS A 1 63 ? -8.143  1.778   5.123   1.00 23.86 ? 61  LYS A HB2  1 
ATOM   1044 H HB3  . LYS A 1 63 ? -9.343  1.004   5.810   1.00 23.86 ? 61  LYS A HB3  1 
ATOM   1045 H HG2  . LYS A 1 63 ? -10.647 1.257   3.952   1.00 26.70 ? 61  LYS A HG2  1 
ATOM   1046 H HG3  . LYS A 1 63 ? -9.563  2.207   3.275   1.00 26.70 ? 61  LYS A HG3  1 
ATOM   1047 H HD2  . LYS A 1 63 ? -8.106  0.443   3.046   1.00 27.56 ? 61  LYS A HD2  1 
ATOM   1048 H HD3  . LYS A 1 63 ? -9.104  -0.518  3.832   1.00 27.56 ? 61  LYS A HD3  1 
ATOM   1049 H HE2  . LYS A 1 63 ? -10.629 -0.379  2.100   1.00 29.81 ? 61  LYS A HE2  1 
ATOM   1050 H HE3  . LYS A 1 63 ? -9.675  0.630   1.323   1.00 29.81 ? 61  LYS A HE3  1 
ATOM   1051 H HZ1  . LYS A 1 63 ? -9.445  -1.473  0.505   1.00 33.16 ? 61  LYS A HZ1  1 
ATOM   1052 H HZ2  . LYS A 1 63 ? -8.185  -1.068  1.095   1.00 33.16 ? 61  LYS A HZ2  1 
ATOM   1053 H HZ3  . LYS A 1 63 ? -9.054  -1.986  1.802   1.00 33.16 ? 61  LYS A HZ3  1 
ATOM   1054 N N    . GLY A 1 64 ? -8.469  3.626   7.975   1.00 15.92 ? 62  GLY A N    1 
ATOM   1055 C CA   . GLY A 1 64 ? -8.207  3.502   9.394   1.00 15.43 ? 62  GLY A CA   1 
ATOM   1056 C C    . GLY A 1 64 ? -7.312  2.347   9.780   1.00 15.76 ? 62  GLY A C    1 
ATOM   1057 O O    . GLY A 1 64 ? -7.211  2.034   10.971  1.00 17.81 ? 62  GLY A O    1 
ATOM   1058 H H    . GLY A 1 64 ? -7.958  4.187   7.572   1.00 19.10 ? 62  GLY A H    1 
ATOM   1059 H HA2  . GLY A 1 64 ? -7.792  4.320   9.710   1.00 18.52 ? 62  GLY A HA2  1 
ATOM   1060 H HA3  . GLY A 1 64 ? -9.050  3.394   9.862   1.00 18.52 ? 62  GLY A HA3  1 
ATOM   1061 N N    . LEU A 1 65 ? -6.653  1.703   8.816   1.00 14.71 ? 63  LEU A N    1 
ATOM   1062 C CA   . LEU A 1 65 ? -5.713  0.632   9.127   1.00 15.22 ? 63  LEU A CA   1 
ATOM   1063 C C    . LEU A 1 65 ? -4.316  1.149   9.428   1.00 15.68 ? 63  LEU A C    1 
ATOM   1064 O O    . LEU A 1 65 ? -3.537  0.443   10.081  1.00 17.61 ? 63  LEU A O    1 
ATOM   1065 C CB   . LEU A 1 65 ? -5.644  -0.374  7.977   1.00 16.13 ? 63  LEU A CB   1 
ATOM   1066 C CG   . LEU A 1 65 ? -6.925  -1.188  7.786   1.00 17.92 ? 63  LEU A CG   1 
ATOM   1067 C CD1  . LEU A 1 65 ? -6.848  -1.998  6.507   1.00 20.80 ? 63  LEU A CD1  1 
ATOM   1068 C CD2  . LEU A 1 65 ? -7.184  -2.104  8.975   1.00 19.13 ? 63  LEU A CD2  1 
ATOM   1069 H H    . LEU A 1 65 ? -6.734  1.867   7.976   1.00 17.65 ? 63  LEU A H    1 
ATOM   1070 H HA   . LEU A 1 65 ? -6.028  0.160   9.915   1.00 18.27 ? 63  LEU A HA   1 
ATOM   1071 H HB2  . LEU A 1 65 ? -5.472  0.105   7.152   1.00 19.36 ? 63  LEU A HB2  1 
ATOM   1072 H HB3  . LEU A 1 65 ? -4.921  -0.998  8.150   1.00 19.36 ? 63  LEU A HB3  1 
ATOM   1073 H HG   . LEU A 1 65 ? -7.676  -0.578  7.710   1.00 21.51 ? 63  LEU A HG   1 
ATOM   1074 H HD11 . LEU A 1 65 ? -7.669  -2.504  6.404   1.00 24.96 ? 63  LEU A HD11 1 
ATOM   1075 H HD12 . LEU A 1 65 ? -6.738  -1.392  5.756   1.00 24.96 ? 63  LEU A HD12 1 
ATOM   1076 H HD13 . LEU A 1 65 ? -6.091  -2.601  6.560   1.00 24.96 ? 63  LEU A HD13 1 
ATOM   1077 H HD21 . LEU A 1 65 ? -8.002  -2.600  8.818   1.00 22.96 ? 63  LEU A HD21 1 
ATOM   1078 H HD22 . LEU A 1 65 ? -6.438  -2.716  9.070   1.00 22.96 ? 63  LEU A HD22 1 
ATOM   1079 H HD23 . LEU A 1 65 ? -7.273  -1.564  9.776   1.00 22.96 ? 63  LEU A HD23 1 
ATOM   1080 N N    . LEU A 1 66 ? -3.994  2.361   8.979   1.00 14.87 ? 64  LEU A N    1 
ATOM   1081 C CA   . LEU A 1 66 ? -2.728  3.006   9.272   1.00 15.03 ? 64  LEU A CA   1 
ATOM   1082 C C    . LEU A 1 66 ? -3.007  4.422   9.747   1.00 15.99 ? 64  LEU A C    1 
ATOM   1083 O O    . LEU A 1 66 ? -4.056  5.000   9.457   1.00 18.49 ? 64  LEU A O    1 
ATOM   1084 C CB   . LEU A 1 66 ? -1.828  3.085   8.030   1.00 15.08 ? 64  LEU A CB   1 
ATOM   1085 C CG   . LEU A 1 66 ? -1.358  1.780   7.389   1.00 16.44 ? 64  LEU A CG   1 
ATOM   1086 C CD1  . LEU A 1 66 ? -0.552  2.114   6.145   1.00 16.63 ? 64  LEU A CD1  1 
ATOM   1087 C CD2  . LEU A 1 66 ? -0.534  0.937   8.348   1.00 16.57 ? 64  LEU A CD2  1 
ATOM   1088 H H    . LEU A 1 66 ? -4.513  2.839   8.487   1.00 17.84 ? 64  LEU A H    1 
ATOM   1089 H HA   . LEU A 1 66 ? -2.261  2.522   9.972   1.00 18.04 ? 64  LEU A HA   1 
ATOM   1090 H HB2  . LEU A 1 66 ? -2.309  3.577   7.347   1.00 18.10 ? 64  LEU A HB2  1 
ATOM   1091 H HB3  . LEU A 1 66 ? -1.031  3.582   8.274   1.00 18.10 ? 64  LEU A HB3  1 
ATOM   1092 H HG   . LEU A 1 66 ? -2.131  1.262   7.118   1.00 19.72 ? 64  LEU A HG   1 
ATOM   1093 H HD11 . LEU A 1 66 ? -0.250  1.289   5.733   1.00 19.96 ? 64  LEU A HD11 1 
ATOM   1094 H HD12 . LEU A 1 66 ? -1.115  2.607   5.527   1.00 19.96 ? 64  LEU A HD12 1 
ATOM   1095 H HD13 . LEU A 1 66 ? 0.212   2.655   6.400   1.00 19.96 ? 64  LEU A HD13 1 
ATOM   1096 H HD21 . LEU A 1 66 ? -0.259  0.123   7.897   1.00 19.89 ? 64  LEU A HD21 1 
ATOM   1097 H HD22 . LEU A 1 66 ? 0.248   1.443   8.621   1.00 19.89 ? 64  LEU A HD22 1 
ATOM   1098 H HD23 . LEU A 1 66 ? -1.075  0.720   9.123   1.00 19.89 ? 64  LEU A HD23 1 
ATOM   1099 N N    . LEU A 1 67 ? -2.045  4.989   10.468  1.00 18.03 ? 65  LEU A N    1 
ATOM   1100 C CA   . LEU A 1 67 ? -2.125  6.378   10.891  1.00 19.46 ? 65  LEU A CA   1 
ATOM   1101 C C    . LEU A 1 67 ? -0.729  6.976   10.855  1.00 21.77 ? 65  LEU A C    1 
ATOM   1102 O O    . LEU A 1 67 ? 0.203   6.419   11.443  1.00 22.60 ? 65  LEU A O    1 
ATOM   1103 C CB   . LEU A 1 67 ? -2.707  6.473   12.306  1.00 21.40 ? 65  LEU A CB   1 
ATOM   1104 C CG   . LEU A 1 67 ? -2.743  7.869   12.939  1.00 24.49 ? 65  LEU A CG   1 
ATOM   1105 C CD1  . LEU A 1 67 ? -3.549  8.837   12.097  1.00 26.37 ? 65  LEU A CD1  1 
ATOM   1106 C CD2  . LEU A 1 67 ? -3.316  7.791   14.334  1.00 24.65 ? 65  LEU A CD2  1 
ATOM   1107 H H    . LEU A 1 67 ? -1.331  4.584   10.728  1.00 21.64 ? 65  LEU A H    1 
ATOM   1108 H HA   . LEU A 1 67 ? -2.696  6.873   10.283  1.00 23.35 ? 65  LEU A HA   1 
ATOM   1109 H HB2  . LEU A 1 67 ? -3.619  6.145   12.282  1.00 25.68 ? 65  LEU A HB2  1 
ATOM   1110 H HB3  . LEU A 1 67 ? -2.178  5.907   12.890  1.00 25.68 ? 65  LEU A HB3  1 
ATOM   1111 H HG   . LEU A 1 67 ? -1.837  8.210   13.005  1.00 29.38 ? 65  LEU A HG   1 
ATOM   1112 H HD11 . LEU A 1 67 ? -3.549  9.705   12.529  1.00 31.64 ? 65  LEU A HD11 1 
ATOM   1113 H HD12 . LEU A 1 67 ? -3.144  8.904   11.219  1.00 31.64 ? 65  LEU A HD12 1 
ATOM   1114 H HD13 . LEU A 1 67 ? -4.457  8.506   12.021  1.00 31.64 ? 65  LEU A HD13 1 
ATOM   1115 H HD21 . LEU A 1 67 ? -3.331  8.681   14.719  1.00 29.58 ? 65  LEU A HD21 1 
ATOM   1116 H HD22 . LEU A 1 67 ? -4.217  7.435   14.286  1.00 29.58 ? 65  LEU A HD22 1 
ATOM   1117 H HD23 . LEU A 1 67 ? -2.758  7.207   14.872  1.00 29.58 ? 65  LEU A HD23 1 
ATOM   1118 N N    . ARG A 1 68 ? -0.585  8.105   10.167  1.00 22.37 ? 66  ARG A N    1 
ATOM   1119 C CA   . ARG A 1 68 ? 0.685   8.815   10.122  1.00 24.97 ? 66  ARG A CA   1 
ATOM   1120 C C    . ARG A 1 68 ? 0.715   9.884   11.204  1.00 30.16 ? 66  ARG A C    1 
ATOM   1121 O O    . ARG A 1 68 ? -0.264  10.610  11.408  1.00 31.89 ? 66  ARG A O    1 
ATOM   1122 C CB   . ARG A 1 68 ? 0.914   9.467   8.752   1.00 24.64 ? 66  ARG A CB   1 
ATOM   1123 C CG   . ARG A 1 68 ? 2.236   10.233  8.636   1.00 25.27 ? 66  ARG A CG   1 
ATOM   1124 C CD   . ARG A 1 68 ? 2.566   10.589  7.192   1.00 26.25 ? 66  ARG A CD   1 
ATOM   1125 N NE   . ARG A 1 68 ? 3.017   9.429   6.421   1.00 26.58 ? 66  ARG A NE   1 
ATOM   1126 C CZ   . ARG A 1 68 ? 2.375   8.881   5.390   1.00 27.41 ? 66  ARG A CZ   1 
ATOM   1127 N NH1  . ARG A 1 68 ? 1.224   9.376   4.947   1.00 27.67 ? 66  ARG A NH1  1 
ATOM   1128 N NH2  . ARG A 1 68 ? 2.901   7.826   4.784   1.00 29.03 ? 66  ARG A NH2  1 
ATOM   1129 H H    . ARG A 1 68 ? -1.213  8.480   9.715   1.00 26.84 ? 66  ARG A H    1 
ATOM   1130 H HA   . ARG A 1 68 ? 1.409   8.191   10.288  1.00 29.96 ? 66  ARG A HA   1 
ATOM   1131 H HB2  . ARG A 1 68 ? 0.914   8.773   8.073   1.00 29.57 ? 66  ARG A HB2  1 
ATOM   1132 H HB3  . ARG A 1 68 ? 0.193   10.093  8.581   1.00 29.57 ? 66  ARG A HB3  1 
ATOM   1133 H HG2  . ARG A 1 68 ? 2.172   11.056  9.144   1.00 30.32 ? 66  ARG A HG2  1 
ATOM   1134 H HG3  . ARG A 1 68 ? 2.955   9.682   8.984   1.00 30.32 ? 66  ARG A HG3  1 
ATOM   1135 H HD2  . ARG A 1 68 ? 1.772   10.945  6.763   1.00 31.50 ? 66  ARG A HD2  1 
ATOM   1136 H HD3  . ARG A 1 68 ? 3.275   11.251  7.182   1.00 31.50 ? 66  ARG A HD3  1 
ATOM   1137 H HE   . ARG A 1 68 ? 3.763   9.068   6.655   1.00 31.90 ? 66  ARG A HE   1 
ATOM   1138 H HH11 . ARG A 1 68 ? 0.874   10.061  5.332   1.00 33.20 ? 66  ARG A HH11 1 
ATOM   1139 H HH12 . ARG A 1 68 ? 0.826   9.010   4.278   1.00 33.20 ? 66  ARG A HH12 1 
ATOM   1140 H HH21 . ARG A 1 68 ? 3.646   7.498   5.060   1.00 34.84 ? 66  ARG A HH21 1 
ATOM   1141 H HH22 . ARG A 1 68 ? 2.495   7.468   4.115   1.00 34.84 ? 66  ARG A HH22 1 
ATOM   1142 N N    . ARG A 1 69 ? 1.842   9.963   11.906  1.00 32.41 ? 67  ARG A N    1 
ATOM   1143 C CA   . ARG A 1 69 ? 2.086   11.023  12.875  1.00 34.88 ? 67  ARG A CA   1 
ATOM   1144 C C    . ARG A 1 69 ? 2.878   12.130  12.199  1.00 38.09 ? 67  ARG A C    1 
ATOM   1145 O O    . ARG A 1 69 ? 3.851   11.855  11.490  1.00 37.60 ? 67  ARG A O    1 
ATOM   1146 C CB   . ARG A 1 69 ? 2.852   10.479  14.081  1.00 35.98 ? 67  ARG A CB   1 
ATOM   1147 C CG   . ARG A 1 69 ? 2.110   9.363   14.798  1.00 38.41 ? 67  ARG A CG   1 
ATOM   1148 C CD   . ARG A 1 69 ? 2.871   8.839   16.004  1.00 40.65 ? 67  ARG A CD   1 
ATOM   1149 N NE   . ARG A 1 69 ? 2.385   7.517   16.385  1.00 42.82 ? 67  ARG A NE   1 
ATOM   1150 C CZ   . ARG A 1 69 ? 2.957   6.739   17.296  1.00 44.45 ? 67  ARG A CZ   1 
ATOM   1151 N NH1  . ARG A 1 69 ? 4.047   7.141   17.938  1.00 44.59 ? 67  ARG A NH1  1 
ATOM   1152 N NH2  . ARG A 1 69 ? 2.433   5.550   17.560  1.00 45.47 ? 67  ARG A NH2  1 
ATOM   1153 H H    . ARG A 1 69 ? 2.490   9.404   11.837  1.00 38.89 ? 67  ARG A H    1 
ATOM   1154 H HA   . ARG A 1 69 ? 1.241   11.388  13.182  1.00 41.86 ? 67  ARG A HA   1 
ATOM   1155 H HB2  . ARG A 1 69 ? 3.705   10.127  13.781  1.00 43.18 ? 67  ARG A HB2  1 
ATOM   1156 H HB3  . ARG A 1 69 ? 2.996   11.200  14.715  1.00 43.18 ? 67  ARG A HB3  1 
ATOM   1157 H HG2  . ARG A 1 69 ? 1.253   9.699   15.106  1.00 46.09 ? 67  ARG A HG2  1 
ATOM   1158 H HG3  . ARG A 1 69 ? 1.977   8.626   14.183  1.00 46.09 ? 67  ARG A HG3  1 
ATOM   1159 H HD2  . ARG A 1 69 ? 3.813   8.768   15.785  1.00 48.78 ? 67  ARG A HD2  1 
ATOM   1160 H HD3  . ARG A 1 69 ? 2.742   9.441   16.754  1.00 48.78 ? 67  ARG A HD3  1 
ATOM   1161 H HE   . ARG A 1 69 ? 1.680   7.221   15.992  1.00 51.38 ? 67  ARG A HE   1 
ATOM   1162 H HH11 . ARG A 1 69 ? 4.388   7.911   17.766  1.00 53.51 ? 67  ARG A HH11 1 
ATOM   1163 H HH12 . ARG A 1 69 ? 4.412   6.631   18.528  1.00 53.51 ? 67  ARG A HH12 1 
ATOM   1164 H HH21 . ARG A 1 69 ? 1.727   5.289   17.145  1.00 54.56 ? 67  ARG A HH21 1 
ATOM   1165 H HH22 . ARG A 1 69 ? 2.797   5.041   18.150  1.00 54.56 ? 67  ARG A HH22 1 
ATOM   1166 N N    . GLN A 1 70 ? 2.451   13.378  12.411  1.00 42.34 ? 68  GLN A N    1 
ATOM   1167 C CA   . GLN A 1 70 ? 3.124   14.508  11.779  1.00 47.03 ? 68  GLN A CA   1 
ATOM   1168 C C    . GLN A 1 70 ? 4.599   14.547  12.156  1.00 46.45 ? 68  GLN A C    1 
ATOM   1169 O O    . GLN A 1 70 ? 5.450   14.891  11.329  1.00 46.38 ? 68  GLN A O    1 
ATOM   1170 C CB   . GLN A 1 70 ? 2.430   15.812  12.173  1.00 53.72 ? 68  GLN A CB   1 
ATOM   1171 H H    . GLN A 1 70 ? 1.784   13.592  12.910  1.00 50.81 ? 68  GLN A H    1 
ATOM   1172 H HA   . GLN A 1 70 ? 3.062   14.415  10.816  1.00 56.43 ? 68  GLN A HA   1 
ATOM   1173 N N    . GLY A 1 71 ? 4.921   14.199  13.403  1.00 45.39 ? 69  GLY A N    1 
ATOM   1174 C CA   . GLY A 1 71 ? 6.318   14.123  13.793  1.00 44.98 ? 69  GLY A CA   1 
ATOM   1175 C C    . GLY A 1 71 ? 7.092   13.138  12.940  1.00 42.82 ? 69  GLY A C    1 
ATOM   1176 O O    . GLY A 1 71 ? 8.216   13.416  12.514  1.00 44.50 ? 69  GLY A O    1 
ATOM   1177 H H    . GLY A 1 71 ? 4.359   14.007  14.024  1.00 54.46 ? 69  GLY A H    1 
ATOM   1178 H HA2  . GLY A 1 71 ? 6.728   14.997  13.706  1.00 53.97 ? 69  GLY A HA2  1 
ATOM   1179 H HA3  . GLY A 1 71 ? 6.379   13.844  14.721  1.00 53.97 ? 69  GLY A HA3  1 
ATOM   1180 N N    . GLY A 1 72 ? 6.498   11.982  12.668  1.00 41.24 ? 70  GLY A N    1 
ATOM   1181 C CA   . GLY A 1 72 ? 7.157   10.995  11.844  1.00 38.42 ? 70  GLY A CA   1 
ATOM   1182 C C    . GLY A 1 72 ? 6.647   9.591   12.076  1.00 35.28 ? 70  GLY A C    1 
ATOM   1183 O O    . GLY A 1 72 ? 6.392   9.180   13.215  1.00 35.62 ? 70  GLY A O    1 
ATOM   1184 H H    . GLY A 1 72 ? 5.718   11.751  12.948  1.00 49.49 ? 70  GLY A H    1 
ATOM   1185 H HA2  . GLY A 1 72 ? 7.023   11.216  10.909  1.00 46.11 ? 70  GLY A HA2  1 
ATOM   1186 H HA3  . GLY A 1 72 ? 8.109   11.007  12.028  1.00 46.11 ? 70  GLY A HA3  1 
ATOM   1187 N N    . GLY A 1 73 ? 6.487   8.848   10.993  1.00 31.82 ? 71  GLY A N    1 
ATOM   1188 C CA   . GLY A 1 73 ? 6.173   7.442   11.101  1.00 27.60 ? 71  GLY A CA   1 
ATOM   1189 C C    . GLY A 1 73 ? 4.711   7.132   10.881  1.00 24.07 ? 71  GLY A C    1 
ATOM   1190 O O    . GLY A 1 73 ? 3.815   7.865   11.312  1.00 24.29 ? 71  GLY A O    1 
ATOM   1191 H H    . GLY A 1 73 ? 6.555   9.136   10.185  1.00 38.18 ? 71  GLY A H    1 
ATOM   1192 H HA2  . GLY A 1 73 ? 6.690   6.948   10.447  1.00 33.12 ? 71  GLY A HA2  1 
ATOM   1193 H HA3  . GLY A 1 73 ? 6.420   7.128   11.986  1.00 33.12 ? 71  GLY A HA3  1 
ATOM   1194 N N    . THR A 1 74 ? 4.469   6.022   10.205  1.00 21.34 ? 72  THR A N    1 
ATOM   1195 C CA   . THR A 1 74 ? 3.128   5.524   9.963   1.00 20.60 ? 72  THR A CA   1 
ATOM   1196 C C    . THR A 1 74 ? 2.984   4.207   10.709  1.00 19.33 ? 72  THR A C    1 
ATOM   1197 O O    . THR A 1 74 ? 3.881   3.358   10.649  1.00 20.01 ? 72  THR A O    1 
ATOM   1198 C CB   . THR A 1 74 ? 2.925   5.353   8.457   1.00 23.03 ? 72  THR A CB   1 
ATOM   1199 O OG1  . THR A 1 74 ? 3.131   6.622   7.820   1.00 24.78 ? 72  THR A OG1  1 
ATOM   1200 C CG2  . THR A 1 74 ? 1.535   4.867   8.148   1.00 23.92 ? 72  THR A CG2  1 
ATOM   1201 H H    . THR A 1 74 ? 5.084   5.525   9.868   1.00 25.60 ? 72  THR A H    1 
ATOM   1202 H HA   . THR A 1 74 ? 2.472   6.153   10.301  1.00 24.72 ? 72  THR A HA   1 
ATOM   1203 H HB   . THR A 1 74 ? 3.562   4.708   8.113   1.00 27.63 ? 72  THR A HB   1 
ATOM   1204 H HG1  . THR A 1 74 ? 3.911   6.895   7.970   1.00 29.74 ? 72  THR A HG1  1 
ATOM   1205 H HG21 . THR A 1 74 ? 1.426   4.764   7.190   1.00 28.71 ? 72  THR A HG21 1 
ATOM   1206 H HG22 . THR A 1 74 ? 1.381   4.010   8.576   1.00 28.71 ? 72  THR A HG22 1 
ATOM   1207 H HG23 . THR A 1 74 ? 0.881   5.505   8.474   1.00 28.71 ? 72  THR A HG23 1 
ATOM   1208 N N    . PHE A 1 75 ? 1.870   4.047   11.425  1.00 17.09 ? 73  PHE A N    1 
ATOM   1209 C CA   . PHE A 1 75 ? 1.704   2.967   12.385  1.00 17.06 ? 73  PHE A CA   1 
ATOM   1210 C C    . PHE A 1 75 ? 0.443   2.174   12.094  1.00 16.33 ? 73  PHE A C    1 
ATOM   1211 O O    . PHE A 1 75 ? -0.589  2.744   11.725  1.00 17.65 ? 73  PHE A O    1 
ATOM   1212 C CB   . PHE A 1 75 ? 1.595   3.529   13.796  1.00 18.16 ? 73  PHE A CB   1 
ATOM   1213 C CG   . PHE A 1 75 ? 2.846   4.196   14.275  1.00 20.03 ? 73  PHE A CG   1 
ATOM   1214 C CD1  . PHE A 1 75 ? 3.150   5.493   13.883  1.00 21.61 ? 73  PHE A CD1  1 
ATOM   1215 C CD2  . PHE A 1 75 ? 3.727   3.529   15.109  1.00 20.54 ? 73  PHE A CD2  1 
ATOM   1216 C CE1  . PHE A 1 75 ? 4.310   6.116   14.325  1.00 22.17 ? 73  PHE A CE1  1 
ATOM   1217 C CE2  . PHE A 1 75 ? 4.886   4.148   15.552  1.00 22.09 ? 73  PHE A CE2  1 
ATOM   1218 C CZ   . PHE A 1 75 ? 5.179   5.444   15.154  1.00 21.62 ? 73  PHE A CZ   1 
ATOM   1219 H H    . PHE A 1 75 ? 1.186   4.565   11.367  1.00 20.51 ? 73  PHE A H    1 
ATOM   1220 H HA   . PHE A 1 75 ? 2.467   2.369   12.344  1.00 20.47 ? 73  PHE A HA   1 
ATOM   1221 H HB2  . PHE A 1 75 ? 0.882   4.187   13.817  1.00 21.80 ? 73  PHE A HB2  1 
ATOM   1222 H HB3  . PHE A 1 75 ? 1.392   2.804   14.408  1.00 21.80 ? 73  PHE A HB3  1 
ATOM   1223 H HD1  . PHE A 1 75 ? 2.567   5.951   13.322  1.00 25.94 ? 73  PHE A HD1  1 
ATOM   1224 H HD2  . PHE A 1 75 ? 3.537   2.660   15.379  1.00 24.65 ? 73  PHE A HD2  1 
ATOM   1225 H HE1  . PHE A 1 75 ? 4.502   6.985   14.056  1.00 26.60 ? 73  PHE A HE1  1 
ATOM   1226 H HE2  . PHE A 1 75 ? 5.471   3.692   16.113  1.00 26.51 ? 73  PHE A HE2  1 
ATOM   1227 H HZ   . PHE A 1 75 ? 5.956   5.859   15.451  1.00 25.95 ? 73  PHE A HZ   1 
ATOM   1228 N N    . VAL A 1 76 ? 0.532   0.856   12.288  1.00 16.23 ? 74  VAL A N    1 
ATOM   1229 C CA   . VAL A 1 76 ? -0.628  -0.016  12.153  1.00 17.16 ? 74  VAL A CA   1 
ATOM   1230 C C    . VAL A 1 76 ? -1.610  0.258   13.284  1.00 18.86 ? 74  VAL A C    1 
ATOM   1231 O O    . VAL A 1 76 ? -1.223  0.384   14.453  1.00 19.67 ? 74  VAL A O    1 
ATOM   1232 C CB   . VAL A 1 76 ? -0.184  -1.489  12.147  1.00 17.54 ? 74  VAL A CB   1 
ATOM   1233 C CG1  . VAL A 1 76 ? -1.395  -2.426  12.102  1.00 18.67 ? 74  VAL A CG1  1 
ATOM   1234 C CG2  . VAL A 1 76 ? 0.736   -1.771  10.970  1.00 19.37 ? 74  VAL A CG2  1 
ATOM   1235 H H    . VAL A 1 76 ? 1.256   0.445   12.501  1.00 19.48 ? 74  VAL A H    1 
ATOM   1236 H HA   . VAL A 1 76 ? -1.073  0.171   11.311  1.00 20.59 ? 74  VAL A HA   1 
ATOM   1237 H HB   . VAL A 1 76 ? 0.308   -1.674  12.963  1.00 21.05 ? 74  VAL A HB   1 
ATOM   1238 H HG11 . VAL A 1 76 ? -1.083  -3.345  12.101  1.00 22.41 ? 74  VAL A HG11 1 
ATOM   1239 H HG12 . VAL A 1 76 ? -1.946  -2.266  12.884  1.00 22.41 ? 74  VAL A HG12 1 
ATOM   1240 H HG13 . VAL A 1 76 ? -1.903  -2.247  11.296  1.00 22.41 ? 74  VAL A HG13 1 
ATOM   1241 H HG21 . VAL A 1 76 ? 1.001   -2.704  10.991  1.00 23.25 ? 74  VAL A HG21 1 
ATOM   1242 H HG22 . VAL A 1 76 ? 0.262   -1.580  10.146  1.00 23.25 ? 74  VAL A HG22 1 
ATOM   1243 H HG23 . VAL A 1 76 ? 1.520   -1.204  11.040  1.00 23.25 ? 74  VAL A HG23 1 
ATOM   1244 N N    . GLN A 1 77 ? -2.858  0.350   12.953  1.00 21.31 ? 75  GLN A N    1 
ATOM   1245 C CA   . GLN A 1 77 ? -3.913  0.596   13.918  1.00 24.57 ? 75  GLN A CA   1 
ATOM   1246 C C    . GLN A 1 77 ? -4.675  -0.717  14.289  1.00 28.73 ? 75  GLN A C    1 
ATOM   1247 O O    . GLN A 1 77 ? -5.912  -0.634  14.462  1.00 30.98 ? 75  GLN A O    1 
ATOM   1248 C CB   . GLN A 1 77 ? -4.888  1.631   13.401  1.00 25.21 ? 75  GLN A CB   1 
ATOM   1249 C CG   . GLN A 1 77 ? -4.312  2.960   13.048  1.00 25.47 ? 75  GLN A CG   1 
ATOM   1250 C CD   . GLN A 1 77 ? -3.594  3.623   14.171  1.00 26.29 ? 75  GLN A CD   1 
ATOM   1251 O OE1  . GLN A 1 77 ? -2.420  3.571   14.271  1.00 27.84 ? 75  GLN A OE1  1 
ATOM   1252 N NE2  . GLN A 1 77 ? -4.302  4.240   14.977  1.00 24.94 ? 75  GLN A NE2  1 
ATOM   1253 O OXT  . GLN A 1 77 ? -4.023  -1.783  14.390  1.00 30.00 ? 75  GLN A OXT  1 
ATOM   1254 H H    . GLN A 1 77 ? -3.140  0.286   12.164  1.00 25.58 ? 75  GLN A H    1 
ATOM   1255 H HA   . GLN A 1 77 ? -3.517  0.963   14.724  1.00 29.49 ? 75  GLN A HA   1 
ATOM   1256 H HB2  . GLN A 1 77 ? -5.313  1.285   12.616  1.00 30.25 ? 75  GLN A HB2  1 
ATOM   1257 H HB3  . GLN A 1 77 ? -5.557  1.781   14.070  1.00 30.25 ? 75  GLN A HB3  1 
ATOM   1258 H HG2  . GLN A 1 77 ? -3.702  2.850   12.317  1.00 30.57 ? 75  GLN A HG2  1 
ATOM   1259 H HG3  . GLN A 1 77 ? -5.035  3.541   12.801  1.00 30.57 ? 75  GLN A HG3  1 
ATOM   1260 H HE21 . GLN A 1 77 ? -4.931  4.733   14.695  1.00 29.93 ? 75  GLN A HE21 1 
ATOM   1261 H HE22 . GLN A 1 77 ? -4.145  4.159   15.802  1.00 29.93 ? 75  GLN A HE22 1 
HETATM 1262 O O    . HOH B 2 .  ? -9.301  7.574   -0.773  0.80 31.05 ? 101 HOH A O    1 
HETATM 1263 O O    . HOH B 2 .  ? -5.007  6.462   -8.342  1.00 33.33 ? 102 HOH A O    1 
HETATM 1264 O O    . HOH B 2 .  ? -2.972  9.127   8.924   1.00 27.10 ? 103 HOH A O    1 
HETATM 1265 O O    . HOH B 2 .  ? -4.630  -9.070  -14.940 1.00 43.87 ? 104 HOH A O    1 
HETATM 1266 O O    . HOH B 2 .  ? -8.034  -6.811  -23.141 1.00 43.67 ? 105 HOH A O    1 
HETATM 1267 O O    . HOH B 2 .  ? -5.478  4.753   -4.896  1.00 41.84 ? 106 HOH A O    1 
HETATM 1268 O O    . HOH B 2 .  ? 10.534  12.744  11.724  1.00 47.41 ? 107 HOH A O    1 
HETATM 1269 O O    . HOH B 2 .  ? -14.931 -3.368  -34.572 1.00 39.09 ? 108 HOH A O    1 
HETATM 1270 O O    . HOH B 2 .  ? -10.118 -3.785  6.392   1.00 35.02 ? 109 HOH A O    1 
HETATM 1271 O O    . HOH B 2 .  ? -10.723 -4.890  -20.462 1.00 32.82 ? 110 HOH A O    1 
HETATM 1272 O O    . HOH B 2 .  ? 4.507   4.709   -9.676  1.00 41.03 ? 111 HOH A O    1 
HETATM 1273 O O    . HOH B 2 .  ? -6.567  -1.804  -9.857  1.00 33.43 ? 112 HOH A O    1 
HETATM 1274 O O    . HOH B 2 .  ? 6.316   10.303  8.773   1.00 33.37 ? 113 HOH A O    1 
HETATM 1275 O O    . HOH B 2 .  ? 7.381   -2.803  10.382  1.00 32.64 ? 114 HOH A O    1 
HETATM 1276 O O    . HOH B 2 .  ? 17.946  3.044   5.206   1.00 26.33 ? 115 HOH A O    1 
HETATM 1277 O O    . HOH B 2 .  ? -5.532  9.259   3.215   1.00 26.64 ? 116 HOH A O    1 
HETATM 1278 O O    . HOH B 2 .  ? -8.513  2.758   13.222  1.00 35.23 ? 117 HOH A O    1 
HETATM 1279 O O    A HOH B 2 .  ? -8.166  0.737   15.035  0.23 31.52 ? 118 HOH A O    1 
HETATM 1280 O O    B HOH B 2 .  ? -8.051  0.474   13.000  0.50 31.52 ? 118 HOH A O    1 
HETATM 1281 O O    . HOH B 2 .  ? 11.720  1.463   -4.658  1.00 32.78 ? 119 HOH A O    1 
HETATM 1282 O O    . HOH B 2 .  ? -3.133  -6.398  12.977  1.00 17.97 ? 120 HOH A O    1 
HETATM 1283 O O    . HOH B 2 .  ? 9.555   -7.041  -8.148  1.00 40.21 ? 121 HOH A O    1 
HETATM 1284 O O    . HOH B 2 .  ? -2.458  -9.285  -13.598 1.00 32.70 ? 122 HOH A O    1 
HETATM 1285 O O    . HOH B 2 .  ? -0.145  -5.117  19.265  1.00 30.05 ? 123 HOH A O    1 
HETATM 1286 O O    . HOH B 2 .  ? 14.090  -3.003  -4.454  1.00 34.72 ? 124 HOH A O    1 
HETATM 1287 O O    . HOH B 2 .  ? -12.133 -11.397 -17.926 1.00 40.32 ? 125 HOH A O    1 
HETATM 1288 O O    . HOH B 2 .  ? 6.111   4.485   6.161   1.00 23.60 ? 126 HOH A O    1 
HETATM 1289 O O    . HOH B 2 .  ? 3.465   2.008   18.466  1.00 40.43 ? 127 HOH A O    1 
HETATM 1290 O O    . HOH B 2 .  ? 1.773   8.968   -4.883  1.00 21.45 ? 128 HOH A O    1 
HETATM 1291 O O    . HOH B 2 .  ? -4.128  -1.622  -19.776 1.00 31.11 ? 129 HOH A O    1 
HETATM 1292 O O    . HOH B 2 .  ? 5.317   8.296   7.522   1.00 28.75 ? 130 HOH A O    1 
HETATM 1293 O O    . HOH B 2 .  ? 6.803   4.850   8.904   1.00 23.25 ? 131 HOH A O    1 
HETATM 1294 O O    . HOH B 2 .  ? -4.723  2.265   -4.027  1.00 38.28 ? 132 HOH A O    1 
HETATM 1295 O O    . HOH B 2 .  ? 4.602   6.713   1.918   1.00 18.18 ? 133 HOH A O    1 
HETATM 1296 O O    . HOH B 2 .  ? 12.994  3.188   -2.497  1.00 28.26 ? 134 HOH A O    1 
HETATM 1297 O O    . HOH B 2 .  ? 0.825   3.346   18.201  1.00 47.52 ? 135 HOH A O    1 
HETATM 1298 O O    . HOH B 2 .  ? -8.439  -3.595  -34.450 1.00 32.97 ? 136 HOH A O    1 
HETATM 1299 O O    . HOH B 2 .  ? -6.601  -7.360  1.083   1.00 27.13 ? 137 HOH A O    1 
HETATM 1300 O O    . HOH B 2 .  ? 10.200  3.254   10.806  1.00 42.33 ? 138 HOH A O    1 
HETATM 1301 O O    . HOH B 2 .  ? -3.373  4.181   -8.839  1.00 37.63 ? 139 HOH A O    1 
HETATM 1302 O O    . HOH B 2 .  ? -5.028  -14.972 10.663  1.00 33.43 ? 140 HOH A O    1 
HETATM 1303 O O    . HOH B 2 .  ? -9.027  -10.187 11.197  1.00 17.74 ? 141 HOH A O    1 
HETATM 1304 O O    . HOH B 2 .  ? -1.963  -7.849  -3.290  1.00 28.57 ? 142 HOH A O    1 
HETATM 1305 O O    . HOH B 2 .  ? -9.287  3.594   1.100   1.00 22.47 ? 143 HOH A O    1 
HETATM 1306 O O    . HOH B 2 .  ? -4.797  8.628   -2.253  1.00 31.58 ? 144 HOH A O    1 
HETATM 1307 O O    . HOH B 2 .  ? 11.520  8.400   2.630   1.00 25.30 ? 145 HOH A O    1 
HETATM 1308 O O    . HOH B 2 .  ? -9.642  -0.578  -26.256 1.00 43.84 ? 146 HOH A O    1 
HETATM 1309 O O    . HOH B 2 .  ? 5.538   6.714   4.490   1.00 21.32 ? 147 HOH A O    1 
HETATM 1310 O O    . HOH B 2 .  ? 0.189   0.107   -12.149 1.00 30.07 ? 148 HOH A O    1 
HETATM 1311 O O    . HOH B 2 .  ? 8.001   7.718   5.016   1.00 23.23 ? 149 HOH A O    1 
HETATM 1312 O O    . HOH B 2 .  ? 12.951  -7.901  3.753   1.00 44.66 ? 150 HOH A O    1 
HETATM 1313 O O    . HOH B 2 .  ? 0.828   11.166  -3.273  1.00 19.76 ? 151 HOH A O    1 
HETATM 1314 O O    . HOH B 2 .  ? -11.637 -1.736  -23.166 1.00 33.94 ? 152 HOH A O    1 
HETATM 1315 O O    . HOH B 2 .  ? 8.937   6.107   16.555  1.00 35.01 ? 153 HOH A O    1 
HETATM 1316 O O    . HOH B 2 .  ? 7.052   -0.087  -9.483  1.00 24.61 ? 154 HOH A O    1 
HETATM 1317 O O    . HOH B 2 .  ? -1.439  11.164  14.088  1.00 39.73 ? 155 HOH A O    1 
HETATM 1318 O O    . HOH B 2 .  ? 14.449  7.213   -4.033  1.00 24.65 ? 156 HOH A O    1 
HETATM 1319 O O    . HOH B 2 .  ? -9.145  -7.844  -25.772 1.00 30.32 ? 157 HOH A O    1 
HETATM 1320 O O    . HOH B 2 .  ? -4.587  9.055   -5.195  1.00 46.41 ? 158 HOH A O    1 
HETATM 1321 O O    . HOH B 2 .  ? -0.151  2.773   -9.008  1.00 24.83 ? 159 HOH A O    1 
HETATM 1322 O O    . HOH B 2 .  ? 10.549  5.259   -6.915  1.00 24.17 ? 160 HOH A O    1 
HETATM 1323 O O    . HOH B 2 .  ? 2.288   -3.334  -14.800 1.00 31.88 ? 161 HOH A O    1 
HETATM 1324 O O    . HOH B 2 .  ? -2.038  1.406   17.230  1.00 40.40 ? 162 HOH A O    1 
HETATM 1325 O O    . HOH B 2 .  ? -8.004  -1.452  -3.458  1.00 42.94 ? 163 HOH A O    1 
HETATM 1326 O O    . HOH B 2 .  ? -6.270  -8.713  -19.779 1.00 32.07 ? 164 HOH A O    1 
HETATM 1327 O O    . HOH B 2 .  ? 2.034   -12.468 14.175  1.00 43.49 ? 165 HOH A O    1 
HETATM 1328 O O    A HOH B 2 .  ? -4.683  -0.031  17.266  0.50 36.84 ? 166 HOH A O    1 
HETATM 1329 O O    B HOH B 2 .  ? -6.288  0.959   16.775  0.50 36.84 ? 166 HOH A O    1 
HETATM 1330 O O    . HOH B 2 .  ? -0.756  4.993   16.572  1.00 47.55 ? 167 HOH A O    1 
HETATM 1331 O O    . HOH B 2 .  ? -10.390 8.804   6.991   1.00 38.82 ? 168 HOH A O    1 
HETATM 1332 O O    . HOH B 2 .  ? 0.513   12.890  14.967  1.00 45.09 ? 169 HOH A O    1 
HETATM 1333 O O    . HOH B 2 .  ? -6.813  5.110   -7.453  0.50 50.42 ? 170 HOH A O    1 
HETATM 1334 O O    . HOH B 2 .  ? 4.482   2.066   -10.868 1.00 49.07 ? 171 HOH A O    1 
HETATM 1335 O O    . HOH B 2 .  ? 7.207   -2.777  -9.602  1.00 42.58 ? 172 HOH A O    1 
HETATM 1336 O O    . HOH B 2 .  ? 5.224   12.748  8.447   1.00 41.29 ? 173 HOH A O    1 
HETATM 1337 O O    . HOH B 2 .  ? 0.288   9.063   -7.361  1.00 38.62 ? 174 HOH A O    1 
HETATM 1338 O O    . HOH B 2 .  ? -6.813  8.661   0.258   1.00 36.62 ? 175 HOH A O    1 
HETATM 1339 O O    . HOH B 2 .  ? 7.978   7.941   7.759   1.00 39.42 ? 176 HOH A O    1 
HETATM 1340 O O    . HOH B 2 .  ? -6.627  9.700   6.082   1.00 44.13 ? 177 HOH A O    1 
HETATM 1341 O O    . HOH B 2 .  ? 5.863   -4.603  -8.591  1.00 35.67 ? 178 HOH A O    1 
HETATM 1342 O O    . HOH B 2 .  ? 9.304   1.130   -10.346 1.00 41.03 ? 179 HOH A O    1 
HETATM 1343 O O    . HOH B 2 .  ? 9.492   6.309   9.490   1.00 26.99 ? 180 HOH A O    1 
HETATM 1344 O O    A HOH B 2 .  ? -1.411  -0.312  -14.269 0.50 46.96 ? 181 HOH A O    1 
HETATM 1345 O O    B HOH B 2 .  ? -3.029  -0.805  -15.422 0.50 46.96 ? 181 HOH A O    1 
HETATM 1346 O O    . HOH B 2 .  ? -0.108  -0.302  20.435  1.00 39.61 ? 182 HOH A O    1 
HETATM 1347 O O    . HOH B 2 .  ? -13.197 -1.482  -27.895 1.00 48.35 ? 183 HOH A O    1 
HETATM 1348 O O    . HOH B 2 .  ? -3.903  -7.597  -7.391  1.00 36.65 ? 184 HOH A O    1 
HETATM 1349 O O    A HOH B 2 .  ? 21.063  -4.149  -2.810  0.50 50.61 ? 185 HOH A O    1 
HETATM 1350 O O    B HOH B 2 .  ? 22.724  -5.442  -3.360  0.50 50.61 ? 185 HOH A O    1 
HETATM 1351 O O    A HOH B 2 .  ? -7.656  -5.505  -36.445 0.50 42.14 ? 186 HOH A O    1 
HETATM 1352 O O    B HOH B 2 .  ? -6.615  -4.222  -37.354 0.50 42.14 ? 186 HOH A O    1 
HETATM 1353 O O    . HOH B 2 .  ? -0.287  -13.938 1.030   1.00 45.91 ? 187 HOH A O    1 
HETATM 1354 O O    . HOH B 2 .  ? -2.401  -5.736  20.212  1.00 39.42 ? 188 HOH A O    1 
HETATM 1355 O O    . HOH B 2 .  ? -13.004 -1.239  3.550   1.00 41.60 ? 189 HOH A O    1 
HETATM 1356 O O    . HOH B 2 .  ? -3.129  -9.938  -10.969 0.50 27.77 ? 190 HOH A O    1 
# 
loop_
_atom_site_anisotrop.id 
_atom_site_anisotrop.type_symbol 
_atom_site_anisotrop.pdbx_label_atom_id 
_atom_site_anisotrop.pdbx_label_alt_id 
_atom_site_anisotrop.pdbx_label_comp_id 
_atom_site_anisotrop.pdbx_label_asym_id 
_atom_site_anisotrop.pdbx_label_seq_id 
_atom_site_anisotrop.pdbx_PDB_ins_code 
_atom_site_anisotrop.U[1][1] 
_atom_site_anisotrop.U[2][2] 
_atom_site_anisotrop.U[3][3] 
_atom_site_anisotrop.U[1][2] 
_atom_site_anisotrop.U[1][3] 
_atom_site_anisotrop.U[2][3] 
_atom_site_anisotrop.pdbx_auth_seq_id 
_atom_site_anisotrop.pdbx_auth_comp_id 
_atom_site_anisotrop.pdbx_auth_asym_id 
_atom_site_anisotrop.pdbx_auth_atom_id 
37   N N   . ALA A 4  ? 0.5113 0.6873 0.2833 0.1601  0.0354  -0.0993 2  ALA A N   
38   C CA  . ALA A 4  ? 0.5078 0.6463 0.3393 0.1411  0.0101  -0.1004 2  ALA A CA  
39   C C   . ALA A 4  ? 0.4833 0.5987 0.3539 0.1109  0.0017  -0.0933 2  ALA A C   
40   O O   . ALA A 4  ? 0.4887 0.6137 0.3960 0.1075  -0.0053 -0.0805 2  ALA A O   
41   C CB  . ALA A 4  ? 0.5280 0.6538 0.3540 0.1582  0.0066  -0.1087 2  ALA A CB  
47   N N   . TYR A 5  ? 0.4397 0.5021 0.3621 0.0705  -0.0056 -0.0959 3  TYR A N   
48   C CA  . TYR A 5  ? 0.4003 0.4150 0.4160 0.0146  -0.0234 -0.0823 3  TYR A CA  
49   C C   . TYR A 5  ? 0.3811 0.4676 0.4288 -0.0097 -0.0382 -0.0853 3  TYR A C   
50   O O   . TYR A 5  ? 0.4124 0.4982 0.4314 0.0036  -0.0510 -0.0913 3  TYR A O   
51   C CB  . TYR A 5  ? 0.3610 0.2938 0.4546 -0.0293 -0.0274 -0.0620 3  TYR A CB  
52   C CG  . TYR A 5  ? 0.3705 0.2253 0.4844 -0.0407 -0.0364 -0.0551 3  TYR A CG  
53   C CD1 . TYR A 5  ? 0.3779 0.2044 0.5070 -0.0477 -0.0429 -0.0548 3  TYR A CD1 
54   C CD2 . TYR A 5  ? 0.3776 0.2566 0.4699 -0.0249 -0.0251 -0.0579 3  TYR A CD2 
55   C CE1 . TYR A 5  ? 0.3942 0.2265 0.4995 -0.0269 -0.0439 -0.0698 3  TYR A CE1 
56   C CE2 . TYR A 5  ? 0.3815 0.2283 0.4822 -0.0332 -0.0237 -0.0569 3  TYR A CE2 
57   C CZ  . TYR A 5  ? 0.4041 0.2278 0.4942 -0.0188 -0.0309 -0.0656 3  TYR A CZ  
58   O OH  . TYR A 5  ? 0.4242 0.2511 0.4928 -0.0037 -0.0251 -0.0762 3  TYR A OH  
68   N N   . SER A 6  ? 0.3331 0.4999 0.4155 -0.0334 -0.0261 -0.0843 4  SER A N   
69   C CA  . SER A 6  ? 0.3001 0.5115 0.4189 -0.0598 -0.0053 -0.0611 4  SER A CA  
70   C C   . SER A 6  ? 0.2844 0.5295 0.3681 -0.0491 0.0350  -0.0403 4  SER A C   
71   O O   . SER A 6  ? 0.2795 0.5083 0.3340 -0.0654 0.0707  -0.0160 4  SER A O   
72   C CB  . SER A 6  ? 0.3198 0.5131 0.4609 -0.0710 -0.0279 -0.0491 4  SER A CB  
73   O OG  . SER A 6  ? 0.3368 0.5303 0.4866 -0.0692 -0.0433 -0.0446 4  SER A OG  
79   N N   . LYS A 7  ? 0.2794 0.5313 0.3737 -0.0548 0.0428  -0.0277 5  LYS A N   
80   C CA  . LYS A 7  ? 0.2707 0.5388 0.3626 -0.0752 0.0628  0.0124  5  LYS A CA  
81   C C   . LYS A 7  ? 0.2864 0.5241 0.3210 -0.0986 0.0678  0.0584  5  LYS A C   
82   O O   . LYS A 7  ? 0.3267 0.5824 0.2949 -0.0635 0.0639  0.0676  5  LYS A O   
83   C CB  . LYS A 7  ? 0.3150 0.5764 0.3945 -0.0333 0.0730  0.0015  5  LYS A CB  
84   C CG  . LYS A 7  ? 0.3957 0.6136 0.4129 0.0169  0.0702  -0.0029 5  LYS A CG  
85   C CD  . LYS A 7  ? 0.4779 0.6507 0.4459 0.0510  0.0599  -0.0016 5  LYS A CD  
86   C CE  . LYS A 7  ? 0.5210 0.6634 0.4831 0.0641  0.0573  -0.0005 5  LYS A CE  
87   N NZ  . LYS A 7  ? 0.5402 0.6779 0.5086 0.0686  0.0549  -0.0031 5  LYS A NZ  
101  N N   . ILE A 8  ? 0.2930 0.4891 0.3119 -0.1240 0.0487  0.0669  6  ILE A N   
102  C CA  . ILE A 8  ? 0.3242 0.4439 0.2904 -0.1472 0.0495  0.0730  6  ILE A CA  
103  C C   . ILE A 8  ? 0.3825 0.5152 0.3021 -0.1359 0.0251  0.0346  6  ILE A C   
104  O O   . ILE A 8  ? 0.4365 0.5627 0.3025 -0.0919 0.0238  0.0146  6  ILE A O   
105  C CB  . ILE A 8  ? 0.3201 0.3894 0.2877 -0.1351 0.0625  0.0710  6  ILE A CB  
106  C CG1 . ILE A 8  ? 0.3228 0.3358 0.2972 -0.1338 0.0682  0.0549  6  ILE A CG1 
107  C CG2 . ILE A 8  ? 0.3283 0.3718 0.2867 -0.1425 0.0663  0.0879  6  ILE A CG2 
108  C CD1 . ILE A 8  ? 0.3151 0.3145 0.3297 -0.1419 0.0614  0.0375  6  ILE A CD1 
120  N N   . ARG A 9  ? 0.4128 0.5737 0.2752 -0.1365 0.0070  0.0133  7  ARG A N   
121  C CA  . ARG A 9  ? 0.4256 0.5969 0.3180 -0.1575 -0.0100 -0.0046 7  ARG A CA  
122  C C   . ARG A 9  ? 0.4916 0.5626 0.3112 -0.1246 -0.0253 -0.0390 7  ARG A C   
123  O O   . ARG A 9  ? 0.5158 0.5427 0.3342 -0.1231 -0.0371 -0.0443 7  ARG A O   
124  C CB  . ARG A 9  ? 0.4565 0.6835 0.3435 -0.1443 0.0009  0.0128  7  ARG A CB  
125  C CG  . ARG A 9  ? 0.4686 0.7189 0.4208 -0.1570 0.0133  0.0303  7  ARG A CG  
126  C CD  . ARG A 9  ? 0.4789 0.7419 0.4925 -0.1620 0.0278  0.0387  7  ARG A CD  
127  N NE  . ARG A 9  ? 0.5378 0.7516 0.5372 -0.1442 0.0296  0.0423  7  ARG A NE  
128  C CZ  . ARG A 9  ? 0.6069 0.7690 0.5747 -0.1154 0.0204  0.0285  7  ARG A CZ  
129  N NH1 . ARG A 9  ? 0.6339 0.7750 0.5832 -0.1062 0.0186  0.0234  7  ARG A NH1 
130  N NH2 . ARG A 9  ? 0.6365 0.7737 0.5931 -0.0953 0.0138  0.0175  7  ARG A NH2 
144  N N   . GLN A 10 ? 0.5125 0.5262 0.2975 -0.1125 -0.0210 -0.0790 8  GLN A N   
145  C CA  . GLN A 10 ? 0.4721 0.4626 0.2850 -0.1510 -0.0034 -0.1073 8  GLN A CA  
146  C C   . GLN A 10 ? 0.4710 0.4416 0.2656 -0.1419 0.0151  -0.0932 8  GLN A C   
147  O O   . GLN A 10 ? 0.4943 0.4965 0.2128 -0.1016 0.0242  -0.0951 8  GLN A O   
148  C CB  . GLN A 10 ? 0.4969 0.4584 0.2830 -0.1450 0.0109  -0.1271 8  GLN A CB  
149  C CG  . GLN A 10 ? 0.4964 0.4254 0.3143 -0.1680 0.0339  -0.1216 8  GLN A CG  
150  C CD  . GLN A 10 ? 0.4873 0.4253 0.3149 -0.1916 0.0466  -0.1298 8  GLN A CD  
151  O OE1 . GLN A 10 ? 0.5383 0.3978 0.3125 -0.1778 0.0515  -0.1232 8  GLN A OE1 
152  N NE2 . GLN A 10 ? 0.4568 0.4514 0.3275 -0.2046 0.0367  -0.1469 8  GLN A NE2 
161  N N   . PRO A 11 ? 0.4580 0.3986 0.2756 -0.1574 0.0169  -0.0880 9  PRO A N   
162  C CA  . PRO A 11 ? 0.4205 0.3802 0.2472 -0.1730 0.0220  -0.0780 9  PRO A CA  
163  C C   . PRO A 11 ? 0.3761 0.3836 0.2123 -0.1712 0.0250  -0.0590 9  PRO A C   
164  O O   . PRO A 11 ? 0.3794 0.3953 0.2126 -0.1637 0.0315  -0.0714 9  PRO A O   
165  C CB  . PRO A 11 ? 0.4674 0.3842 0.2771 -0.1521 0.0290  -0.0708 9  PRO A CB  
166  C CG  . PRO A 11 ? 0.5070 0.4159 0.2845 -0.1217 0.0245  -0.0785 9  PRO A CG  
167  C CD  . PRO A 11 ? 0.4784 0.3888 0.2979 -0.1477 0.0247  -0.0802 9  PRO A CD  
175  N N   . LYS A 12 ? 0.3919 0.4058 0.1475 -0.1241 0.0087  -0.0603 10 LYS A N   
176  C CA  . LYS A 12 ? 0.4051 0.3680 0.1688 -0.1121 0.0206  -0.0142 10 LYS A CA  
177  C C   . LYS A 12 ? 0.3621 0.2750 0.1787 -0.1285 0.0156  -0.0249 10 LYS A C   
178  O O   . LYS A 12 ? 0.3532 0.2689 0.1653 -0.1205 0.0216  -0.0335 10 LYS A O   
179  C CB  . LYS A 12 ? 0.4867 0.4475 0.1851 -0.0582 0.0195  0.0107  10 LYS A CB  
180  C CG  . LYS A 12 ? 0.5456 0.5220 0.2242 -0.0152 0.0194  0.0106  10 LYS A CG  
181  C CD  . LYS A 12 ? 0.6026 0.5825 0.2794 0.0230  0.0019  0.0124  10 LYS A CD  
182  C CE  . LYS A 12 ? 0.6373 0.6256 0.3034 0.0529  -0.0039 0.0107  10 LYS A CE  
183  N NZ  . LYS A 12 ? 0.6560 0.6502 0.3228 0.0687  -0.0046 0.0034  10 LYS A NZ  
197  N N   . LEU A 13 ? 0.3529 0.2532 0.1461 -0.1085 0.0275  -0.0106 11 LEU A N   
198  C CA  . LEU A 13 ? 0.3199 0.2309 0.1490 -0.1079 0.0326  -0.0166 11 LEU A CA  
199  C C   . LEU A 13 ? 0.3061 0.2204 0.1443 -0.1129 0.0318  -0.0171 11 LEU A C   
200  O O   . LEU A 13 ? 0.2837 0.2334 0.1406 -0.1198 0.0283  -0.0225 11 LEU A O   
201  C CB  . LEU A 13 ? 0.3325 0.2680 0.1159 -0.0816 0.0407  -0.0115 11 LEU A CB  
202  C CG  . LEU A 13 ? 0.3190 0.2594 0.1654 -0.0795 0.0411  -0.0172 11 LEU A CG  
203  C CD1 . LEU A 13 ? 0.3081 0.2492 0.1816 -0.0819 0.0218  -0.0222 11 LEU A CD1 
204  C CD2 . LEU A 13 ? 0.3545 0.2713 0.1822 -0.0486 0.0569  -0.0416 11 LEU A CD2 
216  N N   . SER A 14 ? 0.3080 0.2447 0.1107 -0.1042 0.0390  -0.0296 12 SER A N   
217  C CA  . SER A 14 ? 0.3128 0.2208 0.1420 -0.1037 0.0365  -0.0326 12 SER A CA  
218  C C   . SER A 14 ? 0.3194 0.2145 0.1496 -0.1029 0.0313  -0.0332 12 SER A C   
219  O O   . SER A 14 ? 0.3043 0.2069 0.1542 -0.1167 0.0401  -0.0222 12 SER A O   
220  C CB  . SER A 14 ? 0.3050 0.2559 0.1803 -0.1035 0.0385  -0.0383 12 SER A CB  
221  O OG  . SER A 14 ? 0.3287 0.3446 0.2440 -0.0623 0.0369  -0.0353 12 SER A OG  
227  N N   . ASP A 15 ? 0.3145 0.2530 0.1559 -0.1072 0.0197  -0.0328 13 ASP A N   
228  C CA  . ASP A 15 ? 0.3121 0.2722 0.1905 -0.1217 0.0216  -0.0392 13 ASP A CA  
229  C C   . ASP A 15 ? 0.3128 0.2500 0.1738 -0.1531 0.0437  -0.0402 13 ASP A C   
230  O O   . ASP A 15 ? 0.3376 0.2674 0.1442 -0.1469 0.0584  -0.0323 13 ASP A O   
231  C CB  . ASP A 15 ? 0.3177 0.3290 0.2415 -0.1235 -0.0144 -0.0524 13 ASP A CB  
232  C CG  . ASP A 15 ? 0.4229 0.4710 0.2674 -0.0447 -0.0528 -0.0795 13 ASP A CG  
233  O OD1 . ASP A 15 ? 0.4548 0.4885 0.3051 -0.0307 -0.0520 -0.0675 13 ASP A OD1 
234  O OD2 . ASP A 15 ? 0.4717 0.5698 0.2735 0.0033  -0.0581 -0.0827 13 ASP A OD2 
239  N N   . VAL A 16 ? 0.3384 0.2404 0.1816 -0.1423 0.0533  -0.0617 14 VAL A N   
240  C CA  . VAL A 16 ? 0.3605 0.2114 0.1665 -0.1431 0.0654  -0.0524 14 VAL A CA  
241  C C   . VAL A 16 ? 0.3554 0.1872 0.1580 -0.1353 0.0626  -0.0343 14 VAL A C   
242  O O   . VAL A 16 ? 0.3556 0.1840 0.1594 -0.1230 0.0917  -0.0366 14 VAL A O   
243  C CB  . VAL A 16 ? 0.3873 0.2587 0.1794 -0.1346 0.0538  -0.0813 14 VAL A CB  
244  C CG1 . VAL A 16 ? 0.4310 0.3136 0.1823 -0.1034 0.0591  -0.0966 14 VAL A CG1 
245  C CG2 . VAL A 16 ? 0.3898 0.2708 0.1862 -0.1206 0.0461  -0.0928 14 VAL A CG2 
255  N N   . ILE A 17 ? 0.3401 0.1917 0.1323 -0.1251 0.0448  -0.0308 15 ILE A N   
256  C CA  . ILE A 17 ? 0.3255 0.1678 0.1297 -0.0917 0.0469  -0.0251 15 ILE A CA  
257  C C   . ILE A 17 ? 0.3233 0.1439 0.1423 -0.0966 0.0509  -0.0072 15 ILE A C   
258  O O   . ILE A 17 ? 0.3091 0.1830 0.1477 -0.0951 0.0572  0.0084  15 ILE A O   
259  C CB  . ILE A 17 ? 0.2925 0.1766 0.1414 -0.0822 0.0516  -0.0357 15 ILE A CB  
260  C CG1 . ILE A 17 ? 0.2718 0.1790 0.1909 -0.0715 0.0449  -0.0301 15 ILE A CG1 
261  C CG2 . ILE A 17 ? 0.3076 0.1778 0.1635 -0.0756 0.0286  -0.0402 15 ILE A CG2 
262  C CD1 . ILE A 17 ? 0.2774 0.1600 0.2014 -0.0644 0.0313  -0.0230 15 ILE A CD1 
274  N N   . GLU A 18 ? 0.3065 0.1759 0.1541 -0.0945 0.0566  -0.0217 16 GLU A N   
275  C CA  . GLU A 18 ? 0.2844 0.1885 0.1693 -0.1100 0.0601  -0.0094 16 GLU A CA  
276  C C   . GLU A 18 ? 0.3159 0.2024 0.1673 -0.0954 0.0748  -0.0194 16 GLU A C   
277  O O   . GLU A 18 ? 0.3159 0.2141 0.1555 -0.0818 0.0782  -0.0201 16 GLU A O   
278  C CB  . GLU A 18 ? 0.2713 0.2009 0.1905 -0.1089 0.0486  0.0079  16 GLU A CB  
279  C CG  . GLU A 18 ? 0.2803 0.2422 0.2116 -0.0789 0.0451  -0.0014 16 GLU A CG  
280  C CD  . GLU A 18 ? 0.3103 0.3188 0.2393 -0.0482 0.0410  -0.0128 16 GLU A CD  
281  O OE1 . GLU A 18 ? 0.3299 0.3524 0.2667 -0.0471 0.0428  -0.0050 16 GLU A OE1 
282  O OE2 . GLU A 18 ? 0.3218 0.3312 0.2539 -0.0392 0.0308  -0.0128 16 GLU A OE2 
289  N N   . GLN A 19 ? 0.3605 0.1849 0.1580 -0.1147 0.0643  -0.0232 17 GLN A N   
290  C CA  . GLN A 19 ? 0.3798 0.2094 0.1836 -0.1288 0.0643  -0.0218 17 GLN A CA  
291  C C   . GLN A 19 ? 0.4019 0.1739 0.1932 -0.1204 0.0821  -0.0230 17 GLN A C   
292  O O   . GLN A 19 ? 0.4057 0.1802 0.1792 -0.1257 0.0886  -0.0321 17 GLN A O   
293  C CB  . GLN A 19 ? 0.4004 0.2723 0.2046 -0.1364 0.0639  -0.0189 17 GLN A CB  
294  C CG  . GLN A 19 ? 0.4362 0.3738 0.2531 -0.1245 0.0459  -0.0310 17 GLN A CG  
295  C CD  . GLN A 19 ? 0.5024 0.4767 0.2945 -0.0850 0.0023  -0.0614 17 GLN A CD  
296  O OE1 . GLN A 19 ? 0.5482 0.4613 0.3361 -0.0725 -0.0256 -0.0970 17 GLN A OE1 
297  N NE2 . GLN A 19 ? 0.5099 0.5428 0.2962 -0.0706 0.0000  -0.0520 17 GLN A NE2 
306  N N   . GLN A 20 ? 0.4181 0.1950 0.1758 -0.0819 0.0997  -0.0256 18 GLN A N   
307  C CA  . GLN A 20 ? 0.4464 0.2011 0.1709 -0.0539 0.1028  0.0136  18 GLN A CA  
308  C C   . GLN A 20 ? 0.3853 0.1508 0.2164 -0.0777 0.0751  0.0174  18 GLN A C   
309  O O   . GLN A 20 ? 0.4178 0.1836 0.2183 -0.0581 0.0679  0.0249  18 GLN A O   
310  C CB  . GLN A 20 ? 0.5110 0.2390 0.2152 -0.0350 0.0944  0.0306  18 GLN A CB  
311  C CG  . GLN A 20 ? 0.5662 0.2466 0.2702 -0.0348 0.0602  0.0185  18 GLN A CG  
312  C CD  . GLN A 20 ? 0.6217 0.3297 0.2909 -0.0077 0.0338  0.0048  18 GLN A CD  
313  O OE1 . GLN A 20 ? 0.6579 0.3675 0.3406 0.0097  0.0223  0.0007  18 GLN A OE1 
314  N NE2 . GLN A 20 ? 0.6415 0.3251 0.2815 -0.0031 0.0276  0.0091  18 GLN A NE2 
323  N N   . LEU A 21 ? 0.3118 0.1519 0.2213 -0.0790 0.0669  0.0060  19 LEU A N   
324  C CA  . LEU A 21 ? 0.2948 0.1939 0.2059 -0.0472 0.0661  -0.0022 19 LEU A CA  
325  C C   . LEU A 21 ? 0.2828 0.1863 0.2013 -0.0586 0.0597  -0.0155 19 LEU A C   
326  O O   . LEU A 21 ? 0.2862 0.2195 0.1659 -0.0559 0.0519  -0.0034 19 LEU A O   
327  C CB  . LEU A 21 ? 0.2631 0.2298 0.2364 -0.0506 0.0698  0.0096  19 LEU A CB  
328  C CG  . LEU A 21 ? 0.2858 0.2933 0.2637 -0.0449 0.0189  -0.0121 19 LEU A CG  
329  C CD1 . LEU A 21 ? 0.2569 0.2728 0.3074 -0.0849 0.0104  -0.0080 19 LEU A CD1 
330  C CD2 . LEU A 21 ? 0.3161 0.2833 0.2951 -0.0551 -0.0343 -0.0382 19 LEU A CD2 
342  N N   . GLU A 22 ? 0.2827 0.1808 0.1992 -0.0672 0.0503  -0.0363 20 GLU A N   
343  C CA  . GLU A 22 ? 0.2629 0.2046 0.2137 -0.0906 0.0584  -0.0360 20 GLU A CA  
344  C C   . GLU A 22 ? 0.2745 0.1797 0.1954 -0.0960 0.0571  -0.0405 20 GLU A C   
345  O O   . GLU A 22 ? 0.2675 0.2080 0.1660 -0.0908 0.0713  -0.0394 20 GLU A O   
346  C CB  . GLU A 22 ? 0.2927 0.2112 0.2086 -0.0914 0.0618  -0.0271 20 GLU A CB  
347  C CG  . GLU A 22 ? 0.3165 0.2233 0.2318 -0.1065 0.0681  -0.0075 20 GLU A CG  
348  C CD  . GLU A 22 ? 0.3768 0.3324 0.2783 -0.0915 0.0439  -0.0041 20 GLU A CD  
349  O OE1 . GLU A 22 ? 0.4191 0.4287 0.2772 -0.0632 0.0263  -0.0058 20 GLU A OE1 
350  O OE2 . GLU A 22 ? 0.3960 0.3421 0.3323 -0.0883 0.0338  -0.0057 20 GLU A OE2 
357  N N   . PHE A 23 ? 0.3264 0.1601 0.2178 -0.0705 0.0547  -0.0484 21 PHE A N   
358  C CA  . PHE A 23 ? 0.3443 0.1414 0.2236 -0.0828 0.0764  -0.0363 21 PHE A CA  
359  C C   . PHE A 23 ? 0.3446 0.1296 0.2134 -0.0831 0.0624  -0.0117 21 PHE A C   
360  O O   . PHE A 23 ? 0.3661 0.1577 0.2005 -0.0760 0.0630  -0.0032 21 PHE A O   
361  C CB  . PHE A 23 ? 0.4138 0.1906 0.2035 -0.0601 0.0983  -0.0460 21 PHE A CB  
362  C CG  . PHE A 23 ? 0.5011 0.2444 0.2036 -0.0276 0.1111  -0.0378 21 PHE A CG  
363  C CD1 . PHE A 23 ? 0.5505 0.2541 0.2406 -0.0144 0.1129  -0.0275 21 PHE A CD1 
364  C CD2 . PHE A 23 ? 0.5486 0.2790 0.2138 -0.0073 0.1118  -0.0143 21 PHE A CD2 
365  C CE1 . PHE A 23 ? 0.5594 0.2678 0.2762 -0.0108 0.1203  -0.0157 21 PHE A CE1 
366  C CE2 . PHE A 23 ? 0.5636 0.2589 0.2571 -0.0081 0.1250  0.0057  21 PHE A CE2 
367  C CZ  . PHE A 23 ? 0.5667 0.2436 0.2788 -0.0113 0.1238  0.0040  21 PHE A CZ  
377  N N   . LEU A 24 ? 0.3190 0.1818 0.1809 -0.0520 0.0660  -0.0032 22 LEU A N   
378  C CA  . LEU A 24 ? 0.3112 0.1875 0.1842 -0.0372 0.0762  -0.0017 22 LEU A CA  
379  C C   . LEU A 24 ? 0.3186 0.1831 0.1764 -0.0333 0.0650  -0.0097 22 LEU A C   
380  O O   . LEU A 24 ? 0.3461 0.2198 0.1665 -0.0260 0.0468  0.0005  22 LEU A O   
381  C CB  . LEU A 24 ? 0.3055 0.2567 0.2044 -0.0054 0.1027  -0.0059 22 LEU A CB  
382  C CG  . LEU A 24 ? 0.3214 0.2832 0.2379 0.0290  0.1277  -0.0051 22 LEU A CG  
383  C CD1 . LEU A 24 ? 0.3197 0.3291 0.2572 0.0329  0.1129  -0.0136 22 LEU A CD1 
384  C CD2 . LEU A 24 ? 0.3398 0.3036 0.2689 0.0613  0.1411  -0.0083 22 LEU A CD2 
396  N N   . ILE A 25 ? 0.2834 0.1681 0.1852 -0.0634 0.0460  -0.0272 23 ILE A N   
397  C CA  . ILE A 25 ? 0.2746 0.1833 0.1710 -0.0711 0.0443  -0.0317 23 ILE A CA  
398  C C   . ILE A 25 ? 0.2735 0.2003 0.1580 -0.0668 0.0514  -0.0435 23 ILE A C   
399  O O   . ILE A 25 ? 0.2818 0.2064 0.1554 -0.0559 0.0618  -0.0268 23 ILE A O   
400  C CB  . ILE A 25 ? 0.2532 0.1860 0.1778 -0.0729 0.0446  -0.0163 23 ILE A CB  
401  C CG1 . ILE A 25 ? 0.2370 0.1916 0.1840 -0.0607 0.0460  -0.0194 23 ILE A CG1 
402  C CG2 . ILE A 25 ? 0.2483 0.2119 0.1841 -0.0584 0.0650  -0.0287 23 ILE A CG2 
403  C CD1 . ILE A 25 ? 0.2173 0.2168 0.1960 -0.0565 0.0306  -0.0334 23 ILE A CD1 
415  N N   . LEU A 26 ? 0.2888 0.1554 0.1714 -0.0990 0.0538  -0.0315 24 LEU A N   
416  C CA  . LEU A 26 ? 0.2941 0.2013 0.1945 -0.1001 0.0549  -0.0257 24 LEU A CA  
417  C C   . LEU A 26 ? 0.3024 0.2106 0.2072 -0.1036 0.0796  -0.0205 24 LEU A C   
418  O O   . LEU A 26 ? 0.3042 0.2346 0.1975 -0.1103 0.0745  -0.0155 24 LEU A O   
419  C CB  . LEU A 26 ? 0.2791 0.2102 0.1830 -0.1064 0.0452  -0.0113 24 LEU A CB  
420  C CG  . LEU A 26 ? 0.2784 0.2512 0.1823 -0.0841 0.0484  0.0000  24 LEU A CG  
421  C CD1 . LEU A 26 ? 0.2736 0.2951 0.2000 -0.0867 0.0190  -0.0159 24 LEU A CD1 
422  C CD2 . LEU A 26 ? 0.2935 0.2787 0.1885 -0.0527 0.0580  0.0067  24 LEU A CD2 
434  N N   . GLU A 27 ? 0.3656 0.1669 0.2186 -0.0814 0.0834  -0.0025 25 GLU A N   
435  C CA  . GLU A 27 ? 0.4193 0.1965 0.2490 -0.0434 0.0787  0.0149  25 GLU A CA  
436  C C   . GLU A 27 ? 0.4006 0.2104 0.2317 -0.0336 0.0844  0.0254  25 GLU A C   
437  O O   . GLU A 27 ? 0.4179 0.2301 0.2751 -0.0215 0.0652  0.0222  25 GLU A O   
438  C CB  . GLU A 27 ? 0.4430 0.2239 0.2990 -0.0505 0.0792  0.0333  25 GLU A CB  
439  C CG  . GLU A 27 ? 0.4721 0.2862 0.3390 -0.0500 0.0705  0.0456  25 GLU A CG  
440  C CD  . GLU A 27 ? 0.4943 0.3438 0.3872 -0.0510 0.0470  0.0499  25 GLU A CD  
441  O OE1 . GLU A 27 ? 0.5276 0.3086 0.4426 -0.0611 0.0143  0.0448  25 GLU A OE1 
442  O OE2 . GLU A 27 ? 0.4649 0.3841 0.3730 -0.0555 0.0641  0.0651  25 GLU A OE2 
449  N N   . GLY A 28 ? 0.3715 0.2517 0.2149 -0.0251 0.0955  0.0341  26 GLY A N   
450  C CA  . GLY A 28 ? 0.3460 0.2451 0.2481 -0.0363 0.0869  0.0445  26 GLY A CA  
451  C C   . GLY A 28 ? 0.3582 0.2370 0.2631 -0.0185 0.0716  0.0302  26 GLY A C   
452  O O   . GLY A 28 ? 0.3453 0.2805 0.2608 -0.0073 0.0663  0.0260  26 GLY A O   
456  N N   . THR A 29 ? 0.3444 0.2096 0.2670 -0.0393 0.0810  0.0185  27 THR A N   
457  C CA  . THR A 29 ? 0.3726 0.2376 0.2890 -0.0328 0.0647  -0.0126 27 THR A CA  
458  C C   . THR A 29 ? 0.3378 0.2373 0.2640 -0.0503 0.0558  -0.0049 27 THR A C   
459  O O   . THR A 29 ? 0.3630 0.2685 0.2734 -0.0313 0.0681  0.0063  27 THR A O   
460  C CB  . THR A 29 ? 0.4220 0.2662 0.2924 -0.0284 0.0678  -0.0294 27 THR A CB  
461  O OG1 . THR A 29 ? 0.4421 0.2588 0.3065 -0.0460 0.0722  -0.0260 27 THR A OG1 
462  C CG2 . THR A 29 ? 0.4581 0.2536 0.2783 -0.0162 0.0602  -0.0360 27 THR A CG2 
470  N N   . LEU A 30 ? 0.3231 0.2292 0.2269 -0.0408 0.0507  -0.0133 28 LEU A N   
471  C CA  . LEU A 30 ? 0.2849 0.2756 0.2236 -0.0528 0.0632  -0.0133 28 LEU A CA  
472  C C   . LEU A 30 ? 0.2948 0.3267 0.2104 -0.0507 0.0756  -0.0286 28 LEU A C   
473  O O   . LEU A 30 ? 0.2679 0.4078 0.2168 -0.0407 0.0902  -0.0415 28 LEU A O   
474  C CB  . LEU A 30 ? 0.2672 0.2743 0.2265 -0.0479 0.0757  0.0069  28 LEU A CB  
475  C CG  . LEU A 30 ? 0.2564 0.3179 0.2334 -0.0276 0.0956  0.0252  28 LEU A CG  
476  C CD1 . LEU A 30 ? 0.2561 0.2688 0.2772 -0.0585 0.0868  0.0341  28 LEU A CD1 
477  C CD2 . LEU A 30 ? 0.2723 0.3758 0.2398 0.0023  0.0905  0.0242  28 LEU A CD2 
489  N N   . ARG A 31 ? 0.3947 0.3189 0.1973 -0.0290 0.0488  -0.0141 29 ARG A N   
490  C CA  . ARG A 31 ? 0.4201 0.3097 0.1866 -0.0236 0.0519  -0.0131 29 ARG A CA  
491  C C   . ARG A 31 ? 0.3471 0.2871 0.1726 -0.0696 0.0523  0.0036  29 ARG A C   
492  O O   . ARG A 31 ? 0.3258 0.3019 0.1772 -0.0510 0.0576  -0.0114 29 ARG A O   
493  C CB  . ARG A 31 ? 0.4671 0.3562 0.2540 -0.0020 0.0414  -0.0343 29 ARG A CB  
494  C CG  . ARG A 31 ? 0.4948 0.4578 0.2789 0.0257  0.0492  -0.0251 29 ARG A CG  
495  C CD  . ARG A 31 ? 0.4948 0.5219 0.2972 0.0274  0.0634  -0.0187 29 ARG A CD  
496  N NE  . ARG A 31 ? 0.4926 0.5503 0.3161 0.0234  0.0758  -0.0196 29 ARG A NE  
497  C CZ  . ARG A 31 ? 0.4771 0.5801 0.3180 0.0037  0.0613  -0.0263 29 ARG A CZ  
498  N NH1 . ARG A 31 ? 0.4667 0.6263 0.3058 0.0035  0.0547  -0.0364 29 ARG A NH1 
499  N NH2 . ARG A 31 ? 0.4756 0.5298 0.3212 -0.0145 0.0621  -0.0253 29 ARG A NH2 
513  N N   . PRO A 32 ? 0.3150 0.2995 0.2000 -0.1047 0.0419  -0.0001 30 PRO A N   
514  C CA  . PRO A 32 ? 0.3342 0.3404 0.1696 -0.0649 0.0532  -0.0053 30 PRO A CA  
515  C C   . PRO A 32 ? 0.3438 0.3278 0.1582 -0.0671 0.0325  0.0056  30 PRO A C   
516  O O   . PRO A 32 ? 0.3502 0.3125 0.1968 -0.0580 0.0228  0.0196  30 PRO A O   
517  C CB  . PRO A 32 ? 0.3088 0.3842 0.2072 -0.0745 0.0655  -0.0118 30 PRO A CB  
518  C CG  . PRO A 32 ? 0.2826 0.3649 0.2293 -0.1083 0.0571  -0.0117 30 PRO A CG  
519  C CD  . PRO A 32 ? 0.2955 0.3693 0.2259 -0.0992 0.0417  -0.0235 30 PRO A CD  
527  N N   . GLY A 33 ? 0.3537 0.3181 0.1833 -0.0805 0.0210  0.0186  31 GLY A N   
528  C CA  . GLY A 33 ? 0.3590 0.3324 0.1929 -0.0854 0.0223  0.0290  31 GLY A CA  
529  C C   . GLY A 33 ? 0.3617 0.3330 0.2062 -0.0867 0.0149  0.0391  31 GLY A C   
530  O O   . GLY A 33 ? 0.3686 0.3715 0.2195 -0.0885 0.0067  0.0361  31 GLY A O   
534  N N   . GLU A 34 ? 0.3327 0.3439 0.1944 -0.0660 0.0131  0.0191  32 GLU A N   
535  C CA  . GLU A 34 ? 0.2761 0.3383 0.2579 -0.0817 0.0228  0.0254  32 GLU A CA  
536  C C   . GLU A 34 ? 0.2275 0.3216 0.2116 -0.0990 0.0108  0.0201  32 GLU A C   
537  O O   . GLU A 34 ? 0.2508 0.3354 0.1899 -0.0703 -0.0068 0.0188  32 GLU A O   
538  C CB  . GLU A 34 ? 0.3251 0.4102 0.3053 -0.0244 0.0548  0.0252  32 GLU A CB  
539  C CG  . GLU A 34 ? 0.4123 0.5042 0.3441 0.0417  0.0725  0.0423  32 GLU A CG  
540  C CD  . GLU A 34 ? 0.5094 0.5843 0.3675 0.1134  0.1000  0.0745  32 GLU A CD  
541  O OE1 . GLU A 34 ? 0.5271 0.6133 0.3840 0.1285  0.1118  0.0874  32 GLU A OE1 
542  O OE2 . GLU A 34 ? 0.5703 0.6098 0.3707 0.1544  0.1084  0.0852  32 GLU A OE2 
549  N N   . LYS A 35 ? 0.2590 0.3241 0.1872 -0.0893 0.0042  0.0166  33 LYS A N   
550  C CA  . LYS A 35 ? 0.2210 0.3306 0.1964 -0.1174 -0.0030 0.0020  33 LYS A CA  
551  C C   . LYS A 35 ? 0.2509 0.3462 0.1856 -0.0711 -0.0076 -0.0008 33 LYS A C   
552  O O   . LYS A 35 ? 0.2951 0.4120 0.2067 -0.0242 -0.0123 -0.0094 33 LYS A O   
553  C CB  . LYS A 35 ? 0.2745 0.3408 0.2341 -0.1263 -0.0131 0.0165  33 LYS A CB  
554  C CG  . LYS A 35 ? 0.3070 0.3344 0.2785 -0.1403 -0.0144 0.0281  33 LYS A CG  
555  C CD  . LYS A 35 ? 0.3234 0.3574 0.3411 -0.1496 -0.0287 0.0216  33 LYS A CD  
556  C CE  . LYS A 35 ? 0.3136 0.4390 0.3817 -0.1446 -0.0340 0.0048  33 LYS A CE  
557  N NZ  . LYS A 35 ? 0.3254 0.5304 0.4037 -0.1128 -0.0495 -0.0267 33 LYS A NZ  
571  N N   . LEU A 36 ? 0.2435 0.3123 0.1875 -0.0744 -0.0205 -0.0009 34 LEU A N   
572  C CA  . LEU A 36 ? 0.2544 0.3483 0.1536 -0.0490 -0.0041 -0.0041 34 LEU A CA  
573  C C   . LEU A 36 ? 0.2545 0.3803 0.1688 -0.0600 -0.0121 -0.0195 34 LEU A C   
574  O O   . LEU A 36 ? 0.2544 0.4106 0.1856 -0.0699 -0.0051 -0.0358 34 LEU A O   
575  C CB  . LEU A 36 ? 0.2484 0.3330 0.1825 -0.0643 -0.0144 0.0041  34 LEU A CB  
576  C CG  . LEU A 36 ? 0.2547 0.3070 0.2160 -0.0828 -0.0107 0.0306  34 LEU A CG  
577  C CD1 . LEU A 36 ? 0.2775 0.3117 0.2349 -0.0858 -0.0236 0.0216  34 LEU A CD1 
578  C CD2 . LEU A 36 ? 0.2885 0.3496 0.2480 -0.0459 -0.0303 0.0415  34 LEU A CD2 
590  N N   . PRO A 37 ? 0.2487 0.4082 0.1755 -0.0536 -0.0113 -0.0212 35 PRO A N   
591  C CA  . PRO A 37 ? 0.2353 0.3734 0.2202 -0.0852 -0.0132 -0.0197 35 PRO A CA  
592  C C   . PRO A 37 ? 0.2290 0.3637 0.2418 -0.1089 -0.0005 -0.0229 35 PRO A C   
593  O O   . PRO A 37 ? 0.2333 0.3788 0.2384 -0.0960 0.0065  -0.0097 35 PRO A O   
594  C CB  . PRO A 37 ? 0.2348 0.4119 0.2189 -0.0656 -0.0177 -0.0194 35 PRO A CB  
595  C CG  . PRO A 37 ? 0.2346 0.3991 0.2127 -0.0670 -0.0092 -0.0139 35 PRO A CG  
596  C CD  . PRO A 37 ? 0.2400 0.4055 0.2037 -0.0602 -0.0083 -0.0188 35 PRO A CD  
604  N N   . PRO A 38 ? 0.2244 0.4095 0.2451 -0.1133 0.0035  -0.0394 36 PRO A N   
605  C CA  . PRO A 38 ? 0.2509 0.4241 0.2321 -0.0961 0.0029  -0.0497 36 PRO A CA  
606  C C   . PRO A 38 ? 0.2441 0.3839 0.2254 -0.1136 0.0103  -0.0481 36 PRO A C   
607  O O   . PRO A 38 ? 0.2354 0.4411 0.2189 -0.1088 0.0254  -0.0414 36 PRO A O   
608  C CB  . PRO A 38 ? 0.2519 0.4281 0.2439 -0.1126 -0.0126 -0.0397 36 PRO A CB  
609  C CG  . PRO A 38 ? 0.2420 0.4410 0.2847 -0.1082 0.0001  -0.0348 36 PRO A CG  
610  C CD  . PRO A 38 ? 0.2263 0.4387 0.2651 -0.1160 -0.0049 -0.0362 36 PRO A CD  
618  N N   . GLU A 39 ? 0.2404 0.3417 0.2323 -0.1259 0.0142  -0.0444 37 GLU A N   
619  C CA  . GLU A 39 ? 0.2334 0.3043 0.1992 -0.1142 0.0096  -0.0478 37 GLU A CA  
620  C C   . GLU A 39 ? 0.2041 0.3197 0.2362 -0.0919 -0.0131 -0.0341 37 GLU A C   
621  O O   . GLU A 39 ? 0.2461 0.3310 0.2387 -0.0623 -0.0247 -0.0494 37 GLU A O   
622  C CB  . GLU A 39 ? 0.2968 0.3082 0.1949 -0.0768 0.0211  -0.0782 37 GLU A CB  
623  C CG  . GLU A 39 ? 0.3115 0.3083 0.2015 -0.0732 0.0421  -0.0700 37 GLU A CG  
624  C CD  . GLU A 39 ? 0.2988 0.2365 0.2317 -0.1026 0.0637  -0.0504 37 GLU A CD  
625  O OE1 . GLU A 39 ? 0.3130 0.2244 0.2322 -0.1111 0.0868  -0.0371 37 GLU A OE1 
626  O OE2 . GLU A 39 ? 0.2784 0.2509 0.2455 -0.1009 0.0545  -0.0605 37 GLU A OE2 
657  N N   . GLU A 41 ? 0.1940 0.4758 0.2619 -0.0795 -0.0155 0.0007  39 GLU A N   
658  C CA  . GLU A 41 ? 0.1936 0.5121 0.2856 -0.0749 -0.0114 -0.0092 39 GLU A CA  
659  C C   . GLU A 41 ? 0.1952 0.4701 0.2543 -0.0854 0.0008  -0.0112 39 GLU A C   
660  O O   . GLU A 41 ? 0.2347 0.4623 0.2645 -0.0640 0.0176  -0.0034 39 GLU A O   
661  C CB  . GLU A 41 ? 0.2086 0.5866 0.3361 -0.0517 -0.0242 -0.0240 39 GLU A CB  
662  C CG  . GLU A 41 ? 0.2922 0.7095 0.3629 0.0325  -0.0303 -0.0518 39 GLU A CG  
663  C CD  . GLU A 41 ? 0.3598 0.7716 0.3817 0.0887  -0.0308 -0.0706 39 GLU A CD  
664  O OE1 . GLU A 41 ? 0.4083 0.8036 0.3745 0.1237  -0.0378 -0.0663 39 GLU A OE1 
665  O OE2 . GLU A 41 ? 0.3851 0.7875 0.3999 0.1081  -0.0281 -0.0845 39 GLU A OE2 
672  N N   . LEU A 42 ? 0.1960 0.4223 0.2097 -0.1060 0.0223  0.0093  40 LEU A N   
673  C CA  . LEU A 42 ? 0.2148 0.3819 0.1743 -0.0917 0.0236  -0.0076 40 LEU A CA  
674  C C   . LEU A 42 ? 0.2264 0.3567 0.1702 -0.0873 0.0260  -0.0242 40 LEU A C   
675  O O   . LEU A 42 ? 0.2331 0.3391 0.2039 -0.0738 0.0228  -0.0345 40 LEU A O   
676  C CB  . LEU A 42 ? 0.2075 0.3650 0.1780 -0.0906 0.0099  -0.0161 40 LEU A CB  
677  C CG  . LEU A 42 ? 0.2225 0.3683 0.1671 -0.0641 0.0233  0.0114  40 LEU A CG  
678  C CD1 . LEU A 42 ? 0.2414 0.3720 0.1668 -0.0538 0.0276  0.0161  40 LEU A CD1 
679  C CD2 . LEU A 42 ? 0.2182 0.3755 0.1450 -0.0531 0.0219  0.0291  40 LEU A CD2 
691  N N   . ALA A 43 ? 0.2418 0.3404 0.1627 -0.0814 0.0355  -0.0331 41 ALA A N   
692  C CA  . ALA A 43 ? 0.2612 0.2868 0.1706 -0.0895 0.0238  -0.0437 41 ALA A CA  
693  C C   . ALA A 43 ? 0.2429 0.2954 0.2076 -0.0826 0.0263  -0.0287 41 ALA A C   
694  O O   . ALA A 43 ? 0.2553 0.2974 0.2227 -0.0759 0.0168  -0.0369 41 ALA A O   
695  C CB  . ALA A 43 ? 0.2742 0.2758 0.1771 -0.0949 0.0287  -0.0414 41 ALA A CB  
701  N N   . LYS A 44 ? 0.2239 0.3403 0.2119 -0.0651 0.0506  -0.0224 42 LYS A N   
702  C CA  . LYS A 44 ? 0.2410 0.3887 0.2571 -0.0445 0.0522  -0.0180 42 LYS A CA  
703  C C   . LYS A 44 ? 0.2433 0.3966 0.2526 -0.0326 0.0404  -0.0204 42 LYS A C   
704  O O   . LYS A 44 ? 0.2814 0.3771 0.2407 -0.0179 0.0334  -0.0142 42 LYS A O   
705  C CB  . LYS A 44 ? 0.2536 0.4342 0.3041 -0.0368 0.0659  -0.0208 42 LYS A CB  
706  C CG  . LYS A 44 ? 0.2458 0.4588 0.3363 -0.0565 0.0908  -0.0199 42 LYS A CG  
707  C CD  . LYS A 44 ? 0.3065 0.5214 0.3599 -0.0177 0.0855  -0.0323 42 LYS A CD  
708  C CE  . LYS A 44 ? 0.3781 0.5366 0.3818 0.0121  0.0786  -0.0238 42 LYS A CE  
709  N NZ  . LYS A 44 ? 0.4309 0.5445 0.4038 0.0276  0.0634  -0.0168 42 LYS A NZ  
723  N N   . GLN A 45 ? 0.2308 0.4110 0.2193 -0.0354 0.0472  -0.0052 43 GLN A N   
724  C CA  . GLN A 45 ? 0.2555 0.4292 0.2390 -0.0194 0.0293  0.0013  43 GLN A CA  
725  C C   . GLN A 45 ? 0.2638 0.3669 0.2540 -0.0268 0.0282  0.0233  43 GLN A C   
726  O O   . GLN A 45 ? 0.2791 0.3715 0.2812 -0.0101 0.0206  0.0309  43 GLN A O   
727  C CB  . GLN A 45 ? 0.3032 0.5172 0.2447 0.0118  0.0144  -0.0126 43 GLN A CB  
728  C CG  . GLN A 45 ? 0.3354 0.5645 0.2606 0.0281  0.0134  -0.0328 43 GLN A CG  
729  C CD  . GLN A 45 ? 0.4084 0.6161 0.2683 0.0632  -0.0005 -0.0489 43 GLN A CD  
730  O OE1 . GLN A 45 ? 0.4609 0.6485 0.2893 0.0925  -0.0005 -0.0557 43 GLN A OE1 
731  N NE2 . GLN A 45 ? 0.4275 0.6276 0.2463 0.0759  -0.0029 -0.0586 43 GLN A NE2 
740  N N   . PHE A 46 ? 0.2715 0.3265 0.2390 -0.0446 0.0346  0.0331  44 PHE A N   
741  C CA  . PHE A 46 ? 0.2898 0.2662 0.2199 -0.0628 0.0268  0.0174  44 PHE A CA  
742  C C   . PHE A 46 ? 0.3271 0.2633 0.2210 -0.0538 0.0136  -0.0177 44 PHE A C   
743  O O   . PHE A 46 ? 0.3436 0.2463 0.2169 -0.0438 0.0396  -0.0308 44 PHE A O   
744  C CB  . PHE A 46 ? 0.2761 0.2453 0.1992 -0.0672 0.0300  0.0094  44 PHE A CB  
745  C CG  . PHE A 46 ? 0.2687 0.2593 0.1866 -0.0693 0.0332  0.0123  44 PHE A CG  
746  C CD1 . PHE A 46 ? 0.2768 0.2973 0.1892 -0.0607 0.0276  0.0091  44 PHE A CD1 
747  C CD2 . PHE A 46 ? 0.2649 0.2843 0.1662 -0.0667 0.0275  -0.0108 44 PHE A CD2 
748  C CE1 . PHE A 46 ? 0.2996 0.3204 0.1930 -0.0418 0.0286  0.0054  44 PHE A CE1 
749  C CE2 . PHE A 46 ? 0.2856 0.3178 0.1407 -0.0550 0.0177  -0.0048 44 PHE A CE2 
750  C CZ  . PHE A 46 ? 0.2905 0.3213 0.1514 -0.0470 0.0288  0.0001  44 PHE A CZ  
760  N N   . ASP A 47 ? 0.3410 0.2693 0.2014 -0.0572 0.0195  -0.0241 45 ASP A N   
761  C CA  . ASP A 47 ? 0.3587 0.2773 0.2002 -0.0504 0.0501  -0.0368 45 ASP A CA  
762  C C   . ASP A 47 ? 0.3442 0.2332 0.1987 -0.0656 0.0518  -0.0312 45 ASP A C   
763  O O   . ASP A 47 ? 0.3742 0.2309 0.2350 -0.0517 0.0360  -0.0418 45 ASP A O   
764  C CB  . ASP A 47 ? 0.4090 0.3353 0.2515 -0.0113 0.0693  -0.0516 45 ASP A CB  
765  C CG  . ASP A 47 ? 0.4391 0.4002 0.3071 0.0134  0.0719  -0.0859 45 ASP A CG  
766  O OD1 . ASP A 47 ? 0.4363 0.4161 0.3099 0.0048  0.0857  -0.0793 45 ASP A OD1 
767  O OD2 . ASP A 47 ? 0.4637 0.4729 0.3337 0.0566  0.0704  -0.1152 45 ASP A OD2 
772  N N   . VAL A 48 ? 0.3122 0.2239 0.1875 -0.0876 0.0452  -0.0296 46 VAL A N   
773  C CA  . VAL A 48 ? 0.3395 0.2106 0.1723 -0.0790 0.0450  -0.0219 46 VAL A CA  
774  C C   . VAL A 48 ? 0.3312 0.2391 0.1832 -0.0891 0.0591  -0.0521 46 VAL A C   
775  O O   . VAL A 48 ? 0.3292 0.2836 0.1883 -0.0923 0.0606  -0.0338 46 VAL A O   
776  C CB  . VAL A 48 ? 0.3211 0.2109 0.1828 -0.0820 0.0321  -0.0226 46 VAL A CB  
777  C CG1 . VAL A 48 ? 0.3131 0.2096 0.1690 -0.0898 0.0402  -0.0004 46 VAL A CG1 
778  C CG2 . VAL A 48 ? 0.2820 0.2647 0.1668 -0.0829 0.0365  -0.0294 46 VAL A CG2 
788  N N   . SER A 49 ? 0.3383 0.2022 0.1957 -0.0987 0.0769  -0.0542 47 SER A N   
789  C CA  . SER A 49 ? 0.3514 0.2236 0.2097 -0.0829 0.0925  -0.0600 47 SER A CA  
790  C C   . SER A 49 ? 0.3271 0.2287 0.2175 -0.0956 0.1009  -0.0596 47 SER A C   
791  O O   . SER A 49 ? 0.3202 0.2271 0.2448 -0.1137 0.0823  -0.0660 47 SER A O   
792  C CB  . SER A 49 ? 0.3781 0.2946 0.2225 -0.0473 0.1038  -0.0513 47 SER A CB  
793  O OG  . SER A 49 ? 0.3900 0.3206 0.2296 -0.0493 0.1001  -0.0400 47 SER A OG  
799  N N   . ARG A 50 ? 0.3293 0.2305 0.2408 -0.0890 0.0985  -0.0806 48 ARG A N   
800  C CA  . ARG A 50 ? 0.3149 0.1679 0.2435 -0.1061 0.0887  -0.0673 48 ARG A CA  
801  C C   . ARG A 50 ? 0.3185 0.1720 0.2296 -0.1173 0.0802  -0.0482 48 ARG A C   
802  O O   . ARG A 50 ? 0.2937 0.2217 0.2180 -0.1135 0.0967  -0.0356 48 ARG A O   
803  C CB  . ARG A 50 ? 0.3141 0.1814 0.2788 -0.1146 0.0829  -0.0709 48 ARG A CB  
804  C CG  . ARG A 50 ? 0.3262 0.1712 0.3075 -0.1098 0.0850  -0.0565 48 ARG A CG  
805  C CD  . ARG A 50 ? 0.3203 0.2043 0.3191 -0.1119 0.0958  -0.0521 48 ARG A CD  
806  N NE  . ARG A 50 ? 0.3022 0.2109 0.2948 -0.1147 0.1046  -0.0457 48 ARG A NE  
807  C CZ  . ARG A 50 ? 0.3204 0.2172 0.2732 -0.0883 0.0937  -0.0535 48 ARG A CZ  
808  N NH1 . ARG A 50 ? 0.3288 0.1994 0.2807 -0.0915 0.0878  -0.0494 48 ARG A NH1 
809  N NH2 . ARG A 50 ? 0.3456 0.2415 0.2780 -0.0503 0.0805  -0.0803 48 ARG A NH2 
823  N N   . PRO A 51 ? 0.3342 0.1938 0.2025 -0.1113 0.1102  -0.0293 49 PRO A N   
824  C CA  . PRO A 51 ? 0.3485 0.2127 0.1942 -0.0981 0.1004  -0.0363 49 PRO A CA  
825  C C   . PRO A 51 ? 0.3446 0.1911 0.1722 -0.0943 0.0698  -0.0444 49 PRO A C   
826  O O   . PRO A 51 ? 0.3246 0.2157 0.1594 -0.1098 0.0668  -0.0429 49 PRO A O   
827  C CB  . PRO A 51 ? 0.3776 0.2289 0.2286 -0.1062 0.0936  -0.0192 49 PRO A CB  
828  C CG  . PRO A 51 ? 0.3777 0.2538 0.2319 -0.0955 0.1084  -0.0213 49 PRO A CG  
829  C CD  . PRO A 51 ? 0.3692 0.2138 0.2095 -0.1048 0.1184  -0.0049 49 PRO A CD  
837  N N   A SER A 52 ? 0.3506 0.1923 0.1721 -0.0856 0.0479  -0.0439 50 SER A N   
838  N N   B SER A 52 ? 0.3284 0.1996 0.1739 -0.0961 0.0631  -0.0374 50 SER A N   
839  C CA  A SER A 52 ? 0.3404 0.1809 0.1573 -0.0904 0.0412  -0.0332 50 SER A CA  
840  C CA  B SER A 52 ? 0.2961 0.1903 0.1554 -0.1104 0.0722  -0.0189 50 SER A CA  
841  C C   A SER A 52 ? 0.3070 0.1975 0.1462 -0.0858 0.0428  -0.0440 50 SER A C   
842  C C   B SER A 52 ? 0.2831 0.2062 0.1459 -0.0952 0.0601  -0.0376 50 SER A C   
843  O O   A SER A 52 ? 0.2990 0.1951 0.1581 -0.0915 0.0319  -0.0383 50 SER A O   
844  O O   B SER A 52 ? 0.2723 0.2037 0.1621 -0.1025 0.0497  -0.0317 50 SER A O   
845  C CB  A SER A 52 ? 0.3737 0.1832 0.1530 -0.0775 0.0307  -0.0300 50 SER A CB  
846  C CB  B SER A 52 ? 0.3008 0.1985 0.1542 -0.1084 0.0801  -0.0106 50 SER A CB  
847  O OG  A SER A 52 ? 0.3986 0.2173 0.1604 -0.0571 0.0127  -0.0402 50 SER A OG  
848  O OG  B SER A 52 ? 0.3050 0.2266 0.1749 -0.1055 0.0785  -0.0135 50 SER A OG  
859  N N   . LEU A 53 ? 0.2705 0.2082 0.1427 -0.1026 0.0427  -0.0455 51 LEU A N   
860  C CA  . LEU A 53 ? 0.2273 0.2255 0.1678 -0.1041 0.0395  -0.0548 51 LEU A CA  
861  C C   . LEU A 53 ? 0.2202 0.2163 0.1893 -0.1021 0.0285  -0.0581 51 LEU A C   
862  O O   . LEU A 53 ? 0.2306 0.2246 0.1629 -0.0826 0.0247  -0.0676 51 LEU A O   
863  C CB  . LEU A 53 ? 0.2280 0.2144 0.1672 -0.0979 0.0405  -0.0370 51 LEU A CB  
864  C CG  . LEU A 53 ? 0.2206 0.2000 0.1759 -0.0859 0.0250  -0.0202 51 LEU A CG  
865  C CD1 . LEU A 53 ? 0.2526 0.1916 0.1451 -0.0600 0.0292  -0.0076 51 LEU A CD1 
866  C CD2 . LEU A 53 ? 0.2190 0.2457 0.1832 -0.0701 0.0185  -0.0262 51 LEU A CD2 
879  N N   . ARG A 54 ? 0.2325 0.1778 0.1924 -0.1080 0.0527  -0.0278 52 ARG A N   
880  C CA  . ARG A 54 ? 0.2648 0.2125 0.1501 -0.0856 0.0340  -0.0373 52 ARG A CA  
881  C C   . ARG A 54 ? 0.2870 0.2020 0.1589 -0.0849 0.0217  -0.0334 52 ARG A C   
882  O O   . ARG A 54 ? 0.2779 0.2118 0.1470 -0.0898 0.0411  -0.0426 52 ARG A O   
883  C CB  . ARG A 54 ? 0.2388 0.2111 0.2010 -0.1140 0.0458  -0.0397 52 ARG A CB  
884  C CG  . ARG A 54 ? 0.2514 0.2009 0.2056 -0.1066 0.0659  -0.0542 52 ARG A CG  
885  C CD  . ARG A 54 ? 0.2573 0.2244 0.2335 -0.1051 0.0714  -0.0484 52 ARG A CD  
886  N NE  . ARG A 54 ? 0.2583 0.2159 0.2696 -0.1297 0.0697  -0.0405 52 ARG A NE  
887  C CZ  . ARG A 54 ? 0.2933 0.2223 0.2914 -0.1334 0.0833  -0.0096 52 ARG A CZ  
888  N NH1 . ARG A 54 ? 0.3391 0.2425 0.2525 -0.0958 0.1025  0.0046  52 ARG A NH1 
889  N NH2 . ARG A 54 ? 0.3322 0.2696 0.2824 -0.0979 0.0948  -0.0136 52 ARG A NH2 
903  N N   . GLU A 55 ? 0.3037 0.1993 0.1361 -0.0751 0.0025  -0.0118 53 GLU A N   
904  C CA  . GLU A 55 ? 0.2836 0.1736 0.1837 -0.0914 -0.0081 -0.0050 53 GLU A CA  
905  C C   . GLU A 55 ? 0.2568 0.1914 0.1704 -0.0679 0.0176  -0.0142 53 GLU A C   
906  O O   . GLU A 55 ? 0.2311 0.2197 0.1678 -0.0706 0.0210  -0.0306 53 GLU A O   
907  C CB  . GLU A 55 ? 0.3523 0.2256 0.1827 -0.0576 -0.0250 0.0112  53 GLU A CB  
908  C CG  . GLU A 55 ? 0.4442 0.3719 0.2191 0.0135  -0.0456 0.0038  53 GLU A CG  
909  C CD  . GLU A 55 ? 0.5267 0.4866 0.2645 0.0610  -0.0717 0.0042  53 GLU A CD  
910  O OE1 . GLU A 55 ? 0.5754 0.5470 0.2628 0.1145  -0.0799 -0.0254 53 GLU A OE1 
911  O OE2 . GLU A 55 ? 0.5643 0.5441 0.3052 0.0672  -0.0887 0.0102  53 GLU A OE2 
918  N N   . ALA A 56 ? 0.2204 0.1719 0.1642 -0.0867 0.0216  -0.0095 54 ALA A N   
919  C CA  . ALA A 56 ? 0.2151 0.1729 0.1515 -0.0778 0.0395  -0.0247 54 ALA A CA  
920  C C   . ALA A 56 ? 0.2348 0.2053 0.1470 -0.0534 0.0288  -0.0337 54 ALA A C   
921  O O   . ALA A 56 ? 0.2169 0.2084 0.1503 -0.0666 0.0241  -0.0293 54 ALA A O   
922  C CB  . ALA A 56 ? 0.2258 0.1781 0.1809 -0.0770 0.0510  -0.0270 54 ALA A CB  
928  N N   . ILE A 57 ? 0.2080 0.1988 0.1450 -0.0901 0.0313  -0.0322 55 ILE A N   
929  C CA  . ILE A 57 ? 0.2048 0.1977 0.1490 -0.0898 0.0306  -0.0367 55 ILE A CA  
930  C C   . ILE A 57 ? 0.2272 0.2016 0.1530 -0.0673 0.0253  -0.0319 55 ILE A C   
931  O O   . ILE A 57 ? 0.2334 0.2037 0.1361 -0.0815 0.0243  -0.0076 55 ILE A O   
932  C CB  . ILE A 57 ? 0.2283 0.1831 0.1486 -0.0964 0.0250  -0.0398 55 ILE A CB  
933  C CG1 . ILE A 57 ? 0.2543 0.1887 0.1366 -0.0869 0.0204  -0.0392 55 ILE A CG1 
934  C CG2 . ILE A 57 ? 0.2058 0.2250 0.1293 -0.1069 0.0154  -0.0430 55 ILE A CG2 
935  C CD1 . ILE A 57 ? 0.2329 0.2450 0.1253 -0.0925 0.0320  -0.0299 55 ILE A CD1 
947  N N   . GLN A 58 ? 0.2323 0.1482 0.1485 -0.0735 0.0526  -0.0186 56 GLN A N   
948  C CA  . GLN A 58 ? 0.2618 0.1741 0.1555 -0.0722 0.0299  -0.0189 56 GLN A CA  
949  C C   . GLN A 58 ? 0.2441 0.1849 0.1504 -0.0874 0.0356  -0.0126 56 GLN A C   
950  O O   . GLN A 58 ? 0.2704 0.2241 0.1425 -0.0700 0.0333  -0.0259 56 GLN A O   
951  C CB  . GLN A 58 ? 0.2730 0.2100 0.1539 -0.0652 0.0268  -0.0250 56 GLN A CB  
952  C CG  . GLN A 58 ? 0.2582 0.1766 0.1737 -0.1049 0.0341  -0.0011 56 GLN A CG  
953  C CD  . GLN A 58 ? 0.2924 0.1670 0.1880 -0.1015 0.0205  -0.0121 56 GLN A CD  
954  O OE1 . GLN A 58 ? 0.2937 0.2043 0.1954 -0.0960 0.0409  -0.0138 56 GLN A OE1 
955  N NE2 . GLN A 58 ? 0.2985 0.1881 0.1837 -0.0959 0.0235  -0.0089 56 GLN A NE2 
964  N N   . ARG A 59 ? 0.2244 0.1851 0.1720 -0.0867 0.0525  -0.0164 57 ARG A N   
965  C CA  . ARG A 59 ? 0.2156 0.2269 0.1621 -0.0878 0.0515  -0.0090 57 ARG A CA  
966  C C   . ARG A 59 ? 0.2087 0.2182 0.1619 -0.0990 0.0439  -0.0115 57 ARG A C   
967  O O   . ARG A 59 ? 0.2416 0.2417 0.1955 -0.0842 0.0377  -0.0170 57 ARG A O   
968  C CB  . ARG A 59 ? 0.2477 0.2530 0.1706 -0.0852 0.0159  -0.0130 57 ARG A CB  
969  C CG  . ARG A 59 ? 0.2651 0.3052 0.2145 -0.0865 -0.0177 -0.0289 57 ARG A CG  
970  C CD  . ARG A 59 ? 0.3246 0.3473 0.2579 -0.0780 -0.0409 -0.0330 57 ARG A CD  
971  N NE  . ARG A 59 ? 0.3565 0.4049 0.2936 -0.0718 -0.0593 -0.0328 57 ARG A NE  
972  C CZ  . ARG A 59 ? 0.4053 0.4283 0.3307 -0.0606 -0.0571 -0.0301 57 ARG A CZ  
973  N NH1 . ARG A 59 ? 0.3653 0.4020 0.3864 -0.0762 -0.0554 -0.0479 57 ARG A NH1 
974  N NH2 . ARG A 59 ? 0.4670 0.4657 0.3087 -0.0336 -0.0487 -0.0174 57 ARG A NH2 
988  N N   . LEU A 60 ? 0.2287 0.1751 0.1775 -0.1022 0.0193  -0.0104 58 LEU A N   
989  C CA  . LEU A 60 ? 0.2413 0.1936 0.1659 -0.0864 0.0323  -0.0270 58 LEU A CA  
990  C C   . LEU A 60 ? 0.2233 0.1991 0.1697 -0.0822 0.0286  -0.0216 58 LEU A C   
991  O O   . LEU A 60 ? 0.2101 0.2258 0.1726 -0.0605 0.0344  -0.0093 58 LEU A O   
992  C CB  . LEU A 60 ? 0.2859 0.2046 0.1498 -0.0762 0.0347  -0.0204 58 LEU A CB  
993  C CG  . LEU A 60 ? 0.3008 0.1709 0.1975 -0.0990 0.0353  -0.0297 58 LEU A CG  
994  C CD1 . LEU A 60 ? 0.3374 0.2332 0.1935 -0.0598 0.0150  -0.0470 58 LEU A CD1 
995  C CD2 . LEU A 60 ? 0.3242 0.2065 0.1391 -0.0988 0.0607  -0.0267 58 LEU A CD2 
1007 N N   . GLU A 61 ? 0.2430 0.1983 0.1678 -0.0667 0.0344  -0.0292 59 GLU A N   
1008 C CA  . GLU A 61 ? 0.2626 0.2018 0.1990 -0.0841 0.0416  -0.0261 59 GLU A CA  
1009 C C   . GLU A 61 ? 0.2621 0.1967 0.1734 -0.0725 0.0397  -0.0002 59 GLU A C   
1010 O O   . GLU A 61 ? 0.2478 0.2502 0.1745 -0.0713 0.0524  -0.0144 59 GLU A O   
1011 C CB  . GLU A 61 ? 0.2820 0.2172 0.2551 -0.1111 0.0511  -0.0539 59 GLU A CB  
1012 C CG  . GLU A 61 ? 0.3132 0.2440 0.3227 -0.1320 0.0414  -0.0996 59 GLU A CG  
1013 C CD  . GLU A 61 ? 0.3794 0.2936 0.4124 -0.1145 0.0246  -0.1354 59 GLU A CD  
1014 O OE1 . GLU A 61 ? 0.4027 0.3748 0.4302 -0.0828 0.0217  -0.1557 59 GLU A OE1 
1015 O OE2 . GLU A 61 ? 0.4612 0.3555 0.4428 -0.0537 0.0171  -0.1415 59 GLU A OE2 
1022 N N   . ALA A 62 ? 0.2434 0.2454 0.1843 -0.0451 0.0222  -0.0014 60 ALA A N   
1023 C CA  . ALA A 62 ? 0.2657 0.2787 0.1798 -0.0221 0.0327  0.0129  60 ALA A CA  
1024 C C   . ALA A 62 ? 0.2503 0.2830 0.1881 -0.0365 0.0430  0.0138  60 ALA A C   
1025 O O   . ALA A 62 ? 0.2558 0.3705 0.2109 -0.0249 0.0349  0.0219  60 ALA A O   
1026 C CB  . ALA A 62 ? 0.2492 0.2991 0.1685 -0.0201 0.0341  0.0014  60 ALA A CB  
1032 N N   . LYS A 63 ? 0.2462 0.2374 0.2012 -0.0773 0.0185  -0.0014 61 LYS A N   
1033 C CA  . LYS A 63 ? 0.2552 0.2581 0.2059 -0.0748 0.0082  -0.0054 61 LYS A CA  
1034 C C   . LYS A 63 ? 0.2345 0.2349 0.1887 -0.0876 0.0165  0.0048  61 LYS A C   
1035 O O   . LYS A 63 ? 0.2377 0.2949 0.1851 -0.0946 0.0201  0.0066  61 LYS A O   
1036 C CB  . LYS A 63 ? 0.2540 0.2840 0.2173 -0.0809 -0.0039 -0.0237 61 LYS A CB  
1037 C CG  . LYS A 63 ? 0.3123 0.2600 0.2732 -0.0471 -0.0253 -0.0184 61 LYS A CG  
1038 C CD  . LYS A 63 ? 0.3236 0.2126 0.3363 -0.0373 -0.0276 -0.0231 61 LYS A CD  
1039 C CE  . LYS A 63 ? 0.3575 0.2370 0.3494 0.0043  -0.0194 -0.0158 61 LYS A CE  
1040 N NZ  . LYS A 63 ? 0.3865 0.2989 0.3645 0.0334  -0.0206 -0.0208 61 LYS A NZ  
1054 N N   . GLY A 64 ? 0.2185 0.2359 0.1502 -0.0641 0.0197  -0.0195 62 GLY A N   
1055 C CA  . GLY A 64 ? 0.2298 0.1844 0.1720 -0.0669 0.0106  -0.0302 62 GLY A CA  
1056 C C   . GLY A 64 ? 0.2467 0.1884 0.1636 -0.0577 0.0137  -0.0147 62 GLY A C   
1057 O O   . GLY A 64 ? 0.2791 0.2103 0.1874 -0.0354 0.0096  0.0020  62 GLY A O   
1061 N N   . LEU A 65 ? 0.2609 0.1720 0.1260 -0.0464 0.0310  -0.0240 63 LEU A N   
1062 C CA  . LEU A 65 ? 0.2541 0.1786 0.1458 -0.0602 0.0307  -0.0209 63 LEU A CA  
1063 C C   . LEU A 65 ? 0.2347 0.2027 0.1582 -0.0653 0.0282  -0.0152 63 LEU A C   
1064 O O   . LEU A 65 ? 0.2516 0.2333 0.1841 -0.0758 0.0506  -0.0021 63 LEU A O   
1065 C CB  . LEU A 65 ? 0.2414 0.1930 0.1785 -0.0847 0.0414  -0.0253 63 LEU A CB  
1066 C CG  . LEU A 65 ? 0.2475 0.2367 0.1967 -0.0895 0.0381  -0.0469 63 LEU A CG  
1067 C CD1 . LEU A 65 ? 0.2865 0.2733 0.2306 -0.0810 0.0177  -0.0774 63 LEU A CD1 
1068 C CD2 . LEU A 65 ? 0.2483 0.2672 0.2113 -0.0740 0.0328  -0.0461 63 LEU A CD2 
1080 N N   . LEU A 66 ? 0.2207 0.1896 0.1546 -0.0597 0.0146  -0.0239 64 LEU A N   
1081 C CA  . LEU A 66 ? 0.2306 0.1753 0.1652 -0.0846 0.0054  -0.0349 64 LEU A CA  
1082 C C   . LEU A 66 ? 0.2297 0.1851 0.1928 -0.0931 0.0099  -0.0361 64 LEU A C   
1083 O O   . LEU A 66 ? 0.2508 0.2318 0.2199 -0.0734 0.0202  -0.0390 64 LEU A O   
1084 C CB  . LEU A 66 ? 0.2169 0.2044 0.1518 -0.0987 0.0196  -0.0065 64 LEU A CB  
1085 C CG  . LEU A 66 ? 0.2308 0.2308 0.1629 -0.0848 0.0188  -0.0275 64 LEU A CG  
1086 C CD1 . LEU A 66 ? 0.2320 0.2520 0.1478 -0.0775 0.0145  -0.0434 64 LEU A CD1 
1087 C CD2 . LEU A 66 ? 0.2576 0.2196 0.1524 -0.0701 0.0220  -0.0525 64 LEU A CD2 
1099 N N   . LEU A 67 ? 0.2461 0.2131 0.2260 -0.1007 -0.0033 -0.0444 65 LEU A N   
1100 C CA  . LEU A 67 ? 0.2970 0.1828 0.2596 -0.1168 0.0109  -0.0434 65 LEU A CA  
1101 C C   . LEU A 67 ? 0.3348 0.2160 0.2765 -0.1032 0.0181  -0.0462 65 LEU A C   
1102 O O   . LEU A 67 ? 0.3310 0.2384 0.2893 -0.0967 0.0233  -0.0442 65 LEU A O   
1103 C CB  . LEU A 67 ? 0.3207 0.2086 0.2836 -0.0995 0.0288  -0.0566 65 LEU A CB  
1104 C CG  . LEU A 67 ? 0.3760 0.2413 0.3131 -0.0712 0.0297  -0.0529 65 LEU A CG  
1105 C CD1 . LEU A 67 ? 0.3902 0.2496 0.3621 -0.0757 0.0198  -0.0531 65 LEU A CD1 
1106 C CD2 . LEU A 67 ? 0.3851 0.2477 0.3038 -0.0672 0.0429  -0.0544 65 LEU A CD2 
1118 N N   . ARG A 68 ? 0.3426 0.2056 0.3018 -0.1407 0.0282  -0.0365 66 ARG A N   
1119 C CA  . ARG A 68 ? 0.3858 0.2332 0.3297 -0.1611 0.0167  -0.0534 66 ARG A CA  
1120 C C   . ARG A 68 ? 0.4208 0.2920 0.4331 -0.1594 -0.0122 -0.1146 66 ARG A C   
1121 O O   . ARG A 68 ? 0.4332 0.2999 0.4786 -0.1525 -0.0236 -0.1381 66 ARG A O   
1122 C CB  . ARG A 68 ? 0.3932 0.2419 0.3011 -0.1709 0.0116  -0.0369 66 ARG A CB  
1123 C CG  . ARG A 68 ? 0.4083 0.2727 0.2790 -0.1817 0.0305  -0.0425 66 ARG A CG  
1124 C CD  . ARG A 68 ? 0.4360 0.2919 0.2695 -0.1918 0.0335  -0.0387 66 ARG A CD  
1125 N NE  . ARG A 68 ? 0.4538 0.3075 0.2487 -0.2124 0.0276  -0.0406 66 ARG A NE  
1126 C CZ  . ARG A 68 ? 0.4502 0.3396 0.2518 -0.2146 0.0657  -0.0168 66 ARG A CZ  
1127 N NH1 . ARG A 68 ? 0.4607 0.3665 0.2240 -0.2077 0.0708  0.0046  66 ARG A NH1 
1128 N NH2 . ARG A 68 ? 0.4698 0.3613 0.2722 -0.1969 0.0666  -0.0221 66 ARG A NH2 
1142 N N   . ARG A 69 ? 0.4433 0.3162 0.4719 -0.1731 -0.0260 -0.1295 67 ARG A N   
1143 C CA  . ARG A 69 ? 0.4725 0.3315 0.5215 -0.1878 -0.0358 -0.1282 67 ARG A CA  
1144 C C   . ARG A 69 ? 0.4787 0.3634 0.6051 -0.1925 -0.0263 -0.1347 67 ARG A C   
1145 O O   . ARG A 69 ? 0.4897 0.3543 0.5848 -0.1886 -0.0327 -0.1514 67 ARG A O   
1146 C CB  . ARG A 69 ? 0.5035 0.3615 0.5021 -0.1855 -0.0554 -0.1297 67 ARG A CB  
1147 C CG  . ARG A 69 ? 0.5582 0.4473 0.4537 -0.1429 -0.0642 -0.1321 67 ARG A CG  
1148 C CD  . ARG A 69 ? 0.6097 0.5145 0.4203 -0.0992 -0.0616 -0.1333 67 ARG A CD  
1149 N NE  . ARG A 69 ? 0.6496 0.5996 0.3777 -0.0491 -0.0518 -0.1478 67 ARG A NE  
1150 C CZ  . ARG A 69 ? 0.6531 0.6699 0.3657 -0.0230 -0.0326 -0.1658 67 ARG A CZ  
1151 N NH1 . ARG A 69 ? 0.6461 0.6879 0.3604 -0.0236 -0.0308 -0.1758 67 ARG A NH1 
1152 N NH2 . ARG A 69 ? 0.6618 0.7024 0.3634 -0.0032 -0.0186 -0.1702 67 ARG A NH2 
1166 N N   . GLN A 70 ? 0.4940 0.4215 0.6933 -0.1861 -0.0137 -0.1128 68 GLN A N   
1167 C CA  . GLN A 70 ? 0.4920 0.5137 0.7810 -0.1720 -0.0143 -0.0883 68 GLN A CA  
1168 C C   . GLN A 70 ? 0.5159 0.5123 0.7366 -0.1698 -0.0215 -0.1341 68 GLN A C   
1169 O O   . GLN A 70 ? 0.5241 0.5052 0.7332 -0.1813 -0.0262 -0.1439 68 GLN A O   
1173 N N   . GLY A 71 ? 0.5094 0.4954 0.7196 -0.1781 -0.0247 -0.1558 69 GLY A N   
1174 C CA  . GLY A 71 ? 0.5325 0.4812 0.6952 -0.1659 -0.0172 -0.1680 69 GLY A CA  
1175 C C   . GLY A 71 ? 0.5304 0.4279 0.6685 -0.1908 -0.0055 -0.1650 69 GLY A C   
1176 O O   . GLY A 71 ? 0.5678 0.4584 0.6647 -0.1664 -0.0026 -0.1878 69 GLY A O   
1180 N N   . GLY A 72 ? 0.5211 0.4529 0.5929 -0.1739 0.0165  -0.1462 70 GLY A N   
1181 C CA  . GLY A 72 ? 0.4981 0.4266 0.5353 -0.1791 0.0344  -0.1141 70 GLY A CA  
1182 C C   . GLY A 72 ? 0.4542 0.4225 0.4639 -0.1857 0.0445  -0.0956 70 GLY A C   
1183 O O   . GLY A 72 ? 0.4543 0.4482 0.4508 -0.1846 0.0554  -0.0955 70 GLY A O   
1187 N N   . GLY A 73 ? 0.3963 0.4123 0.4004 -0.1876 0.0311  -0.0886 71 GLY A N   
1188 C CA  . GLY A 73 ? 0.3525 0.3694 0.3267 -0.1876 0.0112  -0.0757 71 GLY A CA  
1189 C C   . GLY A 73 ? 0.3429 0.3235 0.2481 -0.1664 0.0033  -0.0489 71 GLY A C   
1190 O O   . GLY A 73 ? 0.3610 0.2923 0.2696 -0.1642 -0.0099 -0.0545 71 GLY A O   
1194 N N   . THR A 74 ? 0.3301 0.2948 0.1858 -0.1455 0.0004  -0.0309 72 THR A N   
1195 C CA  . THR A 74 ? 0.3006 0.2824 0.1999 -0.1417 -0.0189 -0.0194 72 THR A CA  
1196 C C   . THR A 74 ? 0.2788 0.2538 0.2021 -0.1030 -0.0046 -0.0177 72 THR A C   
1197 O O   . THR A 74 ? 0.2752 0.2996 0.1857 -0.0752 0.0273  -0.0019 72 THR A O   
1198 C CB  . THR A 74 ? 0.3815 0.2942 0.1990 -0.1244 -0.0343 0.0036  72 THR A CB  
1199 O OG1 . THR A 74 ? 0.3862 0.3272 0.2283 -0.1098 -0.0216 -0.0209 72 THR A OG1 
1200 C CG2 . THR A 74 ? 0.3996 0.3186 0.1906 -0.1305 -0.0661 0.0282  72 THR A CG2 
1208 N N   . PHE A 75 ? 0.2369 0.2340 0.1785 -0.0940 -0.0001 -0.0138 73 PHE A N   
1209 C CA  . PHE A 75 ? 0.2477 0.2541 0.1461 -0.0826 -0.0168 -0.0122 73 PHE A CA  
1210 C C   . PHE A 75 ? 0.2312 0.2144 0.1747 -0.0853 -0.0220 0.0011  73 PHE A C   
1211 O O   . PHE A 75 ? 0.2470 0.2340 0.1898 -0.0693 -0.0214 0.0083  73 PHE A O   
1212 C CB  . PHE A 75 ? 0.2871 0.2670 0.1359 -0.1104 -0.0543 -0.0170 73 PHE A CB  
1213 C CG  . PHE A 75 ? 0.2929 0.3020 0.1662 -0.1423 -0.0448 -0.0072 73 PHE A CG  
1214 C CD1 . PHE A 75 ? 0.3012 0.3212 0.1989 -0.1486 -0.0507 -0.0202 73 PHE A CD1 
1215 C CD2 . PHE A 75 ? 0.2893 0.3242 0.1671 -0.1563 -0.0407 -0.0027 73 PHE A CD2 
1216 C CE1 . PHE A 75 ? 0.2938 0.3435 0.2049 -0.1623 -0.0552 -0.0124 73 PHE A CE1 
1217 C CE2 . PHE A 75 ? 0.2966 0.3589 0.1837 -0.1539 -0.0484 0.0025  73 PHE A CE2 
1218 C CZ  . PHE A 75 ? 0.2775 0.3564 0.1877 -0.1670 -0.0456 0.0040  73 PHE A CZ  
1228 N N   . VAL A 76 ? 0.2460 0.2031 0.1678 -0.0654 -0.0098 -0.0139 74 VAL A N   
1229 C CA  . VAL A 76 ? 0.2514 0.2048 0.1956 -0.0726 -0.0053 -0.0283 74 VAL A CA  
1230 C C   . VAL A 76 ? 0.2826 0.2216 0.2123 -0.0607 -0.0030 -0.0320 74 VAL A C   
1231 O O   . VAL A 76 ? 0.2958 0.2508 0.2010 -0.0581 -0.0051 -0.0324 74 VAL A O   
1232 C CB  . VAL A 76 ? 0.2731 0.2016 0.1918 -0.0835 0.0040  -0.0269 74 VAL A CB  
1233 C CG1 . VAL A 76 ? 0.3110 0.1767 0.2216 -0.0878 -0.0052 -0.0378 74 VAL A CG1 
1234 C CG2 . VAL A 76 ? 0.2976 0.2376 0.2009 -0.0551 0.0156  -0.0415 74 VAL A CG2 
1244 N N   . GLN A 77 ? 0.3054 0.2621 0.2424 -0.0388 0.0179  -0.0322 75 GLN A N   
1245 C CA  . GLN A 77 ? 0.3082 0.3355 0.2900 -0.0233 0.0414  -0.0110 75 GLN A CA  
1246 C C   . GLN A 77 ? 0.3413 0.3696 0.3806 -0.0009 0.0315  0.0119  75 GLN A C   
1247 O O   . GLN A 77 ? 0.3676 0.3870 0.4227 0.0113  0.0355  0.0210  75 GLN A O   
1248 C CB  . GLN A 77 ? 0.3379 0.3302 0.2898 -0.0221 0.0440  -0.0161 75 GLN A CB  
1249 C CG  . GLN A 77 ? 0.3351 0.3042 0.3286 -0.0499 0.0282  -0.0244 75 GLN A CG  
1250 C CD  . GLN A 77 ? 0.3533 0.2966 0.3489 -0.0570 0.0275  -0.0480 75 GLN A CD  
1251 O OE1 . GLN A 77 ? 0.3822 0.3055 0.3702 -0.0646 -0.0005 -0.0480 75 GLN A OE1 
1252 N NE2 . GLN A 77 ? 0.3270 0.2753 0.3454 -0.0591 0.0478  -0.0870 75 GLN A NE2 
1253 O OXT . GLN A 77 ? 0.3450 0.3973 0.3978 -0.0018 0.0001  0.0213  75 GLN A OXT 
# 
loop_
_pdbx_poly_seq_scheme.asym_id 
_pdbx_poly_seq_scheme.entity_id 
_pdbx_poly_seq_scheme.seq_id 
_pdbx_poly_seq_scheme.mon_id 
_pdbx_poly_seq_scheme.ndb_seq_num 
_pdbx_poly_seq_scheme.pdb_seq_num 
_pdbx_poly_seq_scheme.auth_seq_num 
_pdbx_poly_seq_scheme.pdb_mon_id 
_pdbx_poly_seq_scheme.auth_mon_id 
_pdbx_poly_seq_scheme.pdb_strand_id 
_pdbx_poly_seq_scheme.pdb_ins_code 
_pdbx_poly_seq_scheme.hetero 
A 1 1  ASN 1  -1 -1 ASN ASN A . n 
A 1 2  ALA 2  0  0  ALA ALA A . n 
A 1 3  MET 3  1  1  MET MET A . n 
A 1 4  ALA 4  2  2  ALA ALA A . n 
A 1 5  TYR 5  3  3  TYR TYR A . n 
A 1 6  SER 6  4  4  SER SER A . n 
A 1 7  LYS 7  5  5  LYS LYS A . n 
A 1 8  ILE 8  6  6  ILE ILE A . n 
A 1 9  ARG 9  7  7  ARG ARG A . n 
A 1 10 GLN 10 8  8  GLN GLN A . n 
A 1 11 PRO 11 9  9  PRO PRO A . n 
A 1 12 LYS 12 10 10 LYS LYS A . n 
A 1 13 LEU 13 11 11 LEU LEU A . n 
A 1 14 SER 14 12 12 SER SER A . n 
A 1 15 ASP 15 13 13 ASP ASP A . n 
A 1 16 VAL 16 14 14 VAL VAL A . n 
A 1 17 ILE 17 15 15 ILE ILE A . n 
A 1 18 GLU 18 16 16 GLU GLU A . n 
A 1 19 GLN 19 17 17 GLN GLN A . n 
A 1 20 GLN 20 18 18 GLN GLN A . n 
A 1 21 LEU 21 19 19 LEU LEU A . n 
A 1 22 GLU 22 20 20 GLU GLU A . n 
A 1 23 PHE 23 21 21 PHE PHE A . n 
A 1 24 LEU 24 22 22 LEU LEU A . n 
A 1 25 ILE 25 23 23 ILE ILE A . n 
A 1 26 LEU 26 24 24 LEU LEU A . n 
A 1 27 GLU 27 25 25 GLU GLU A . n 
A 1 28 GLY 28 26 26 GLY GLY A . n 
A 1 29 THR 29 27 27 THR THR A . n 
A 1 30 LEU 30 28 28 LEU LEU A . n 
A 1 31 ARG 31 29 29 ARG ARG A . n 
A 1 32 PRO 32 30 30 PRO PRO A . n 
A 1 33 GLY 33 31 31 GLY GLY A . n 
A 1 34 GLU 34 32 32 GLU GLU A . n 
A 1 35 LYS 35 33 33 LYS LYS A . n 
A 1 36 LEU 36 34 34 LEU LEU A . n 
A 1 37 PRO 37 35 35 PRO PRO A . n 
A 1 38 PRO 38 36 36 PRO PRO A . n 
A 1 39 GLU 39 37 37 GLU GLU A . n 
A 1 40 ARG 40 38 38 ARG ARG A . n 
A 1 41 GLU 41 39 39 GLU GLU A . n 
A 1 42 LEU 42 40 40 LEU LEU A . n 
A 1 43 ALA 43 41 41 ALA ALA A . n 
A 1 44 LYS 44 42 42 LYS LYS A . n 
A 1 45 GLN 45 43 43 GLN GLN A . n 
A 1 46 PHE 46 44 44 PHE PHE A . n 
A 1 47 ASP 47 45 45 ASP ASP A . n 
A 1 48 VAL 48 46 46 VAL VAL A . n 
A 1 49 SER 49 47 47 SER SER A . n 
A 1 50 ARG 50 48 48 ARG ARG A . n 
A 1 51 PRO 51 49 49 PRO PRO A . n 
A 1 52 SER 52 50 50 SER SER A . n 
A 1 53 LEU 53 51 51 LEU LEU A . n 
A 1 54 ARG 54 52 52 ARG ARG A . n 
A 1 55 GLU 55 53 53 GLU GLU A . n 
A 1 56 ALA 56 54 54 ALA ALA A . n 
A 1 57 ILE 57 55 55 ILE ILE A . n 
A 1 58 GLN 58 56 56 GLN GLN A . n 
A 1 59 ARG 59 57 57 ARG ARG A . n 
A 1 60 LEU 60 58 58 LEU LEU A . n 
A 1 61 GLU 61 59 59 GLU GLU A . n 
A 1 62 ALA 62 60 60 ALA ALA A . n 
A 1 63 LYS 63 61 61 LYS LYS A . n 
A 1 64 GLY 64 62 62 GLY GLY A . n 
A 1 65 LEU 65 63 63 LEU LEU A . n 
A 1 66 LEU 66 64 64 LEU LEU A . n 
A 1 67 LEU 67 65 65 LEU LEU A . n 
A 1 68 ARG 68 66 66 ARG ARG A . n 
A 1 69 ARG 69 67 67 ARG ARG A . n 
A 1 70 GLN 70 68 68 GLN GLN A . n 
A 1 71 GLY 71 69 69 GLY GLY A . n 
A 1 72 GLY 72 70 70 GLY GLY A . n 
A 1 73 GLY 73 71 71 GLY GLY A . n 
A 1 74 THR 74 72 72 THR THR A . n 
A 1 75 PHE 75 73 73 PHE PHE A . n 
A 1 76 VAL 76 74 74 VAL VAL A . n 
A 1 77 GLN 77 75 75 GLN GLN A . n 
# 
_pdbx_SG_project.id                    1 
_pdbx_SG_project.project_name          'NIAID, National Institute of Allergy and Infectious Diseases' 
_pdbx_SG_project.full_name_of_center   'Center for Structural Genomics of Infectious Diseases' 
_pdbx_SG_project.initial_of_center     CSGID 
# 
loop_
_pdbx_nonpoly_scheme.asym_id 
_pdbx_nonpoly_scheme.entity_id 
_pdbx_nonpoly_scheme.mon_id 
_pdbx_nonpoly_scheme.ndb_seq_num 
_pdbx_nonpoly_scheme.pdb_seq_num 
_pdbx_nonpoly_scheme.auth_seq_num 
_pdbx_nonpoly_scheme.pdb_mon_id 
_pdbx_nonpoly_scheme.auth_mon_id 
_pdbx_nonpoly_scheme.pdb_strand_id 
_pdbx_nonpoly_scheme.pdb_ins_code 
B 2 HOH 1  101 101 HOH HOH A . 
B 2 HOH 2  102 102 HOH HOH A . 
B 2 HOH 3  103 103 HOH HOH A . 
B 2 HOH 4  104 104 HOH HOH A . 
B 2 HOH 5  105 105 HOH HOH A . 
B 2 HOH 6  106 106 HOH HOH A . 
B 2 HOH 7  107 107 HOH HOH A . 
B 2 HOH 8  108 108 HOH HOH A . 
B 2 HOH 9  109 109 HOH HOH A . 
B 2 HOH 10 110 110 HOH HOH A . 
B 2 HOH 11 111 111 HOH HOH A . 
B 2 HOH 12 112 112 HOH HOH A . 
B 2 HOH 13 113 113 HOH HOH A . 
B 2 HOH 14 114 114 HOH HOH A . 
B 2 HOH 15 115 115 HOH HOH A . 
B 2 HOH 16 116 116 HOH HOH A . 
B 2 HOH 17 117 117 HOH HOH A . 
B 2 HOH 18 118 118 HOH HOH A . 
B 2 HOH 19 119 119 HOH HOH A . 
B 2 HOH 20 120 120 HOH HOH A . 
B 2 HOH 21 121 121 HOH HOH A . 
B 2 HOH 22 122 122 HOH HOH A . 
B 2 HOH 23 123 123 HOH HOH A . 
B 2 HOH 24 124 124 HOH HOH A . 
B 2 HOH 25 125 125 HOH HOH A . 
B 2 HOH 26 126 126 HOH HOH A . 
B 2 HOH 27 127 127 HOH HOH A . 
B 2 HOH 28 128 128 HOH HOH A . 
B 2 HOH 29 129 129 HOH HOH A . 
B 2 HOH 30 130 130 HOH HOH A . 
B 2 HOH 31 131 131 HOH HOH A . 
B 2 HOH 32 132 132 HOH HOH A . 
B 2 HOH 33 133 133 HOH HOH A . 
B 2 HOH 34 134 134 HOH HOH A . 
B 2 HOH 35 135 135 HOH HOH A . 
B 2 HOH 36 136 136 HOH HOH A . 
B 2 HOH 37 137 137 HOH HOH A . 
B 2 HOH 38 138 138 HOH HOH A . 
B 2 HOH 39 139 139 HOH HOH A . 
B 2 HOH 40 140 140 HOH HOH A . 
B 2 HOH 41 141 141 HOH HOH A . 
B 2 HOH 42 142 142 HOH HOH A . 
B 2 HOH 43 143 143 HOH HOH A . 
B 2 HOH 44 144 144 HOH HOH A . 
B 2 HOH 45 145 145 HOH HOH A . 
B 2 HOH 46 146 146 HOH HOH A . 
B 2 HOH 47 147 147 HOH HOH A . 
B 2 HOH 48 148 148 HOH HOH A . 
B 2 HOH 49 149 149 HOH HOH A . 
B 2 HOH 50 150 150 HOH HOH A . 
B 2 HOH 51 151 151 HOH HOH A . 
B 2 HOH 52 152 152 HOH HOH A . 
B 2 HOH 53 153 153 HOH HOH A . 
B 2 HOH 54 154 154 HOH HOH A . 
B 2 HOH 55 155 155 HOH HOH A . 
B 2 HOH 56 156 156 HOH HOH A . 
B 2 HOH 57 157 157 HOH HOH A . 
B 2 HOH 58 158 161 HOH HOH A . 
B 2 HOH 59 159 158 HOH HOH A . 
B 2 HOH 60 160 159 HOH HOH A . 
B 2 HOH 61 161 160 HOH HOH A . 
B 2 HOH 62 162 162 HOH HOH A . 
B 2 HOH 63 163 163 HOH HOH A . 
B 2 HOH 64 164 164 HOH HOH A . 
B 2 HOH 65 165 165 HOH HOH A . 
B 2 HOH 66 166 166 HOH HOH A . 
B 2 HOH 67 167 167 HOH HOH A . 
B 2 HOH 68 168 168 HOH HOH A . 
B 2 HOH 69 169 169 HOH HOH A . 
B 2 HOH 70 170 172 HOH HOH A . 
B 2 HOH 71 171 170 HOH HOH A . 
B 2 HOH 72 172 171 HOH HOH A . 
B 2 HOH 73 173 173 HOH HOH A . 
B 2 HOH 74 174 174 HOH HOH A . 
B 2 HOH 75 175 175 HOH HOH A . 
B 2 HOH 76 176 176 HOH HOH A . 
B 2 HOH 77 177 177 HOH HOH A . 
B 2 HOH 78 178 178 HOH HOH A . 
B 2 HOH 79 179 179 HOH HOH A . 
B 2 HOH 80 180 180 HOH HOH A . 
B 2 HOH 81 181 181 HOH HOH A . 
B 2 HOH 82 182 182 HOH HOH A . 
B 2 HOH 83 183 183 HOH HOH A . 
B 2 HOH 84 184 184 HOH HOH A . 
B 2 HOH 85 185 185 HOH HOH A . 
B 2 HOH 86 186 186 HOH HOH A . 
B 2 HOH 87 187 187 HOH HOH A . 
B 2 HOH 88 188 188 HOH HOH A . 
B 2 HOH 89 189 189 HOH HOH A . 
B 2 HOH 90 190 190 HOH HOH A . 
# 
_pdbx_struct_assembly.id                   1 
_pdbx_struct_assembly.details              software_defined_assembly 
_pdbx_struct_assembly.method_details       PISA 
_pdbx_struct_assembly.oligomeric_details   dimeric 
_pdbx_struct_assembly.oligomeric_count     2 
# 
_pdbx_struct_assembly_gen.assembly_id       1 
_pdbx_struct_assembly_gen.oper_expression   1,2 
_pdbx_struct_assembly_gen.asym_id_list      A,B 
# 
loop_
_pdbx_struct_assembly_prop.biol_id 
_pdbx_struct_assembly_prop.type 
_pdbx_struct_assembly_prop.value 
_pdbx_struct_assembly_prop.details 
1 'ABSA (A^2)' 1950 ? 
1 MORE         -14  ? 
1 'SSA (A^2)'  9770 ? 
# 
loop_
_pdbx_struct_oper_list.id 
_pdbx_struct_oper_list.type 
_pdbx_struct_oper_list.name 
_pdbx_struct_oper_list.symmetry_operation 
_pdbx_struct_oper_list.matrix[1][1] 
_pdbx_struct_oper_list.matrix[1][2] 
_pdbx_struct_oper_list.matrix[1][3] 
_pdbx_struct_oper_list.vector[1] 
_pdbx_struct_oper_list.matrix[2][1] 
_pdbx_struct_oper_list.matrix[2][2] 
_pdbx_struct_oper_list.matrix[2][3] 
_pdbx_struct_oper_list.vector[2] 
_pdbx_struct_oper_list.matrix[3][1] 
_pdbx_struct_oper_list.matrix[3][2] 
_pdbx_struct_oper_list.matrix[3][3] 
_pdbx_struct_oper_list.vector[3] 
1 'identity operation'         1_555 x,y,z  1.0000000000  0.0000000000 0.0000000000  0.0000000000 0.0000000000 1.0000000000 0.0000000000  0.0000000000   0.0000000000  0.0000000000  1.0000000000  0.0000000000   
2 'crystal symmetry operation' 4_555 y,x,-z -0.2993445652 0.8970321180 -0.3251556714 1.2823930784 0.8970321180 0.1484484108 -0.4162889005 -10.2224557156 -0.3251556714 -0.4162889005 -0.8491038457 -25.4381397862 
# 
loop_
_pdbx_struct_special_symmetry.id 
_pdbx_struct_special_symmetry.PDB_model_num 
_pdbx_struct_special_symmetry.auth_asym_id 
_pdbx_struct_special_symmetry.auth_comp_id 
_pdbx_struct_special_symmetry.auth_seq_id 
_pdbx_struct_special_symmetry.PDB_ins_code 
_pdbx_struct_special_symmetry.label_asym_id 
_pdbx_struct_special_symmetry.label_comp_id 
_pdbx_struct_special_symmetry.label_seq_id 
1 1 A HOH 170 ? B HOH . 
2 1 A HOH 190 ? B HOH . 
# 
loop_
_pdbx_audit_revision_history.ordinal 
_pdbx_audit_revision_history.data_content_type 
_pdbx_audit_revision_history.major_revision 
_pdbx_audit_revision_history.minor_revision 
_pdbx_audit_revision_history.revision_date 
1 'Structure model' 1 0 2016-11-02 
2 'Structure model' 1 1 2023-10-04 
# 
_pdbx_audit_revision_details.ordinal             1 
_pdbx_audit_revision_details.revision_ordinal    1 
_pdbx_audit_revision_details.data_content_type   'Structure model' 
_pdbx_audit_revision_details.provider            repository 
_pdbx_audit_revision_details.type                'Initial release' 
_pdbx_audit_revision_details.description         ? 
_pdbx_audit_revision_details.details             ? 
# 
loop_
_pdbx_audit_revision_group.ordinal 
_pdbx_audit_revision_group.revision_ordinal 
_pdbx_audit_revision_group.data_content_type 
_pdbx_audit_revision_group.group 
1 2 'Structure model' 'Data collection'        
2 2 'Structure model' 'Database references'    
3 2 'Structure model' 'Derived calculations'   
4 2 'Structure model' 'Refinement description' 
# 
loop_
_pdbx_audit_revision_category.ordinal 
_pdbx_audit_revision_category.revision_ordinal 
_pdbx_audit_revision_category.data_content_type 
_pdbx_audit_revision_category.category 
1 2 'Structure model' chem_comp_atom                
2 2 'Structure model' chem_comp_bond                
3 2 'Structure model' database_2                    
4 2 'Structure model' pdbx_initial_refinement_model 
5 2 'Structure model' pdbx_struct_oper_list         
# 
loop_
_pdbx_audit_revision_item.ordinal 
_pdbx_audit_revision_item.revision_ordinal 
_pdbx_audit_revision_item.data_content_type 
_pdbx_audit_revision_item.item 
1 2 'Structure model' '_database_2.pdbx_DOI'                      
2 2 'Structure model' '_database_2.pdbx_database_accession'       
3 2 'Structure model' '_pdbx_struct_oper_list.symmetry_operation' 
# 
_phasing.method   MR 
# 
loop_
_software.citation_id 
_software.classification 
_software.compiler_name 
_software.compiler_version 
_software.contact_author 
_software.contact_author_email 
_software.date 
_software.description 
_software.dependencies 
_software.hardware 
_software.language 
_software.location 
_software.mods 
_software.name 
_software.os 
_software.os_version 
_software.type 
_software.version 
_software.pdbx_ordinal 
? refinement        ? ? ? ? ? ? ? ? ? ? ? PHENIX      ? ? ? DEV_2203       1 
? 'data reduction'  ? ? ? ? ? ? ? ? ? ? ? XDS         ? ? ? 'Oct 15, 2015' 2 
? 'data scaling'    ? ? ? ? ? ? ? ? ? ? ? Aimless     ? ? ? 0.5.27         3 
? 'data extraction' ? ? ? ? ? ? ? ? ? ? ? PDB_EXTRACT ? ? ? 3.20           4 
? phasing           ? ? ? ? ? ? ? ? ? ? ? BALBES      ? ? ? .              5 
# 
loop_
_pdbx_unobs_or_zero_occ_atoms.id 
_pdbx_unobs_or_zero_occ_atoms.PDB_model_num 
_pdbx_unobs_or_zero_occ_atoms.polymer_flag 
_pdbx_unobs_or_zero_occ_atoms.occupancy_flag 
_pdbx_unobs_or_zero_occ_atoms.auth_asym_id 
_pdbx_unobs_or_zero_occ_atoms.auth_comp_id 
_pdbx_unobs_or_zero_occ_atoms.auth_seq_id 
_pdbx_unobs_or_zero_occ_atoms.PDB_ins_code 
_pdbx_unobs_or_zero_occ_atoms.auth_atom_id 
_pdbx_unobs_or_zero_occ_atoms.label_alt_id 
_pdbx_unobs_or_zero_occ_atoms.label_asym_id 
_pdbx_unobs_or_zero_occ_atoms.label_comp_id 
_pdbx_unobs_or_zero_occ_atoms.label_seq_id 
_pdbx_unobs_or_zero_occ_atoms.label_atom_id 
1 1 Y 1 A ASN -1 ? CG  ? A ASN 1  CG  
2 1 Y 1 A ASN -1 ? OD1 ? A ASN 1  OD1 
3 1 Y 1 A ASN -1 ? ND2 ? A ASN 1  ND2 
4 1 Y 1 A GLN 68 ? CG  ? A GLN 70 CG  
5 1 Y 1 A GLN 68 ? CD  ? A GLN 70 CD  
6 1 Y 1 A GLN 68 ? OE1 ? A GLN 70 OE1 
7 1 Y 1 A GLN 68 ? NE2 ? A GLN 70 NE2 
# 
loop_
_chem_comp_atom.comp_id 
_chem_comp_atom.atom_id 
_chem_comp_atom.type_symbol 
_chem_comp_atom.pdbx_aromatic_flag 
_chem_comp_atom.pdbx_stereo_config 
_chem_comp_atom.pdbx_ordinal 
ALA N    N N N 1   
ALA CA   C N S 2   
ALA C    C N N 3   
ALA O    O N N 4   
ALA CB   C N N 5   
ALA OXT  O N N 6   
ALA H    H N N 7   
ALA H2   H N N 8   
ALA HA   H N N 9   
ALA HB1  H N N 10  
ALA HB2  H N N 11  
ALA HB3  H N N 12  
ALA HXT  H N N 13  
ARG N    N N N 14  
ARG CA   C N S 15  
ARG C    C N N 16  
ARG O    O N N 17  
ARG CB   C N N 18  
ARG CG   C N N 19  
ARG CD   C N N 20  
ARG NE   N N N 21  
ARG CZ   C N N 22  
ARG NH1  N N N 23  
ARG NH2  N N N 24  
ARG OXT  O N N 25  
ARG H    H N N 26  
ARG H2   H N N 27  
ARG HA   H N N 28  
ARG HB2  H N N 29  
ARG HB3  H N N 30  
ARG HG2  H N N 31  
ARG HG3  H N N 32  
ARG HD2  H N N 33  
ARG HD3  H N N 34  
ARG HE   H N N 35  
ARG HH11 H N N 36  
ARG HH12 H N N 37  
ARG HH21 H N N 38  
ARG HH22 H N N 39  
ARG HXT  H N N 40  
ASN N    N N N 41  
ASN CA   C N S 42  
ASN C    C N N 43  
ASN O    O N N 44  
ASN CB   C N N 45  
ASN CG   C N N 46  
ASN OD1  O N N 47  
ASN ND2  N N N 48  
ASN OXT  O N N 49  
ASN H    H N N 50  
ASN H2   H N N 51  
ASN HA   H N N 52  
ASN HB2  H N N 53  
ASN HB3  H N N 54  
ASN HD21 H N N 55  
ASN HD22 H N N 56  
ASN HXT  H N N 57  
ASP N    N N N 58  
ASP CA   C N S 59  
ASP C    C N N 60  
ASP O    O N N 61  
ASP CB   C N N 62  
ASP CG   C N N 63  
ASP OD1  O N N 64  
ASP OD2  O N N 65  
ASP OXT  O N N 66  
ASP H    H N N 67  
ASP H2   H N N 68  
ASP HA   H N N 69  
ASP HB2  H N N 70  
ASP HB3  H N N 71  
ASP HD2  H N N 72  
ASP HXT  H N N 73  
GLN N    N N N 74  
GLN CA   C N S 75  
GLN C    C N N 76  
GLN O    O N N 77  
GLN CB   C N N 78  
GLN CG   C N N 79  
GLN CD   C N N 80  
GLN OE1  O N N 81  
GLN NE2  N N N 82  
GLN OXT  O N N 83  
GLN H    H N N 84  
GLN H2   H N N 85  
GLN HA   H N N 86  
GLN HB2  H N N 87  
GLN HB3  H N N 88  
GLN HG2  H N N 89  
GLN HG3  H N N 90  
GLN HE21 H N N 91  
GLN HE22 H N N 92  
GLN HXT  H N N 93  
GLU N    N N N 94  
GLU CA   C N S 95  
GLU C    C N N 96  
GLU O    O N N 97  
GLU CB   C N N 98  
GLU CG   C N N 99  
GLU CD   C N N 100 
GLU OE1  O N N 101 
GLU OE2  O N N 102 
GLU OXT  O N N 103 
GLU H    H N N 104 
GLU H2   H N N 105 
GLU HA   H N N 106 
GLU HB2  H N N 107 
GLU HB3  H N N 108 
GLU HG2  H N N 109 
GLU HG3  H N N 110 
GLU HE2  H N N 111 
GLU HXT  H N N 112 
GLY N    N N N 113 
GLY CA   C N N 114 
GLY C    C N N 115 
GLY O    O N N 116 
GLY OXT  O N N 117 
GLY H    H N N 118 
GLY H2   H N N 119 
GLY HA2  H N N 120 
GLY HA3  H N N 121 
GLY HXT  H N N 122 
HOH O    O N N 123 
HOH H1   H N N 124 
HOH H2   H N N 125 
ILE N    N N N 126 
ILE CA   C N S 127 
ILE C    C N N 128 
ILE O    O N N 129 
ILE CB   C N S 130 
ILE CG1  C N N 131 
ILE CG2  C N N 132 
ILE CD1  C N N 133 
ILE OXT  O N N 134 
ILE H    H N N 135 
ILE H2   H N N 136 
ILE HA   H N N 137 
ILE HB   H N N 138 
ILE HG12 H N N 139 
ILE HG13 H N N 140 
ILE HG21 H N N 141 
ILE HG22 H N N 142 
ILE HG23 H N N 143 
ILE HD11 H N N 144 
ILE HD12 H N N 145 
ILE HD13 H N N 146 
ILE HXT  H N N 147 
LEU N    N N N 148 
LEU CA   C N S 149 
LEU C    C N N 150 
LEU O    O N N 151 
LEU CB   C N N 152 
LEU CG   C N N 153 
LEU CD1  C N N 154 
LEU CD2  C N N 155 
LEU OXT  O N N 156 
LEU H    H N N 157 
LEU H2   H N N 158 
LEU HA   H N N 159 
LEU HB2  H N N 160 
LEU HB3  H N N 161 
LEU HG   H N N 162 
LEU HD11 H N N 163 
LEU HD12 H N N 164 
LEU HD13 H N N 165 
LEU HD21 H N N 166 
LEU HD22 H N N 167 
LEU HD23 H N N 168 
LEU HXT  H N N 169 
LYS N    N N N 170 
LYS CA   C N S 171 
LYS C    C N N 172 
LYS O    O N N 173 
LYS CB   C N N 174 
LYS CG   C N N 175 
LYS CD   C N N 176 
LYS CE   C N N 177 
LYS NZ   N N N 178 
LYS OXT  O N N 179 
LYS H    H N N 180 
LYS H2   H N N 181 
LYS HA   H N N 182 
LYS HB2  H N N 183 
LYS HB3  H N N 184 
LYS HG2  H N N 185 
LYS HG3  H N N 186 
LYS HD2  H N N 187 
LYS HD3  H N N 188 
LYS HE2  H N N 189 
LYS HE3  H N N 190 
LYS HZ1  H N N 191 
LYS HZ2  H N N 192 
LYS HZ3  H N N 193 
LYS HXT  H N N 194 
MET N    N N N 195 
MET CA   C N S 196 
MET C    C N N 197 
MET O    O N N 198 
MET CB   C N N 199 
MET CG   C N N 200 
MET SD   S N N 201 
MET CE   C N N 202 
MET OXT  O N N 203 
MET H    H N N 204 
MET H2   H N N 205 
MET HA   H N N 206 
MET HB2  H N N 207 
MET HB3  H N N 208 
MET HG2  H N N 209 
MET HG3  H N N 210 
MET HE1  H N N 211 
MET HE2  H N N 212 
MET HE3  H N N 213 
MET HXT  H N N 214 
PHE N    N N N 215 
PHE CA   C N S 216 
PHE C    C N N 217 
PHE O    O N N 218 
PHE CB   C N N 219 
PHE CG   C Y N 220 
PHE CD1  C Y N 221 
PHE CD2  C Y N 222 
PHE CE1  C Y N 223 
PHE CE2  C Y N 224 
PHE CZ   C Y N 225 
PHE OXT  O N N 226 
PHE H    H N N 227 
PHE H2   H N N 228 
PHE HA   H N N 229 
PHE HB2  H N N 230 
PHE HB3  H N N 231 
PHE HD1  H N N 232 
PHE HD2  H N N 233 
PHE HE1  H N N 234 
PHE HE2  H N N 235 
PHE HZ   H N N 236 
PHE HXT  H N N 237 
PRO N    N N N 238 
PRO CA   C N S 239 
PRO C    C N N 240 
PRO O    O N N 241 
PRO CB   C N N 242 
PRO CG   C N N 243 
PRO CD   C N N 244 
PRO OXT  O N N 245 
PRO H    H N N 246 
PRO HA   H N N 247 
PRO HB2  H N N 248 
PRO HB3  H N N 249 
PRO HG2  H N N 250 
PRO HG3  H N N 251 
PRO HD2  H N N 252 
PRO HD3  H N N 253 
PRO HXT  H N N 254 
SER N    N N N 255 
SER CA   C N S 256 
SER C    C N N 257 
SER O    O N N 258 
SER CB   C N N 259 
SER OG   O N N 260 
SER OXT  O N N 261 
SER H    H N N 262 
SER H2   H N N 263 
SER HA   H N N 264 
SER HB2  H N N 265 
SER HB3  H N N 266 
SER HG   H N N 267 
SER HXT  H N N 268 
THR N    N N N 269 
THR CA   C N S 270 
THR C    C N N 271 
THR O    O N N 272 
THR CB   C N R 273 
THR OG1  O N N 274 
THR CG2  C N N 275 
THR OXT  O N N 276 
THR H    H N N 277 
THR H2   H N N 278 
THR HA   H N N 279 
THR HB   H N N 280 
THR HG1  H N N 281 
THR HG21 H N N 282 
THR HG22 H N N 283 
THR HG23 H N N 284 
THR HXT  H N N 285 
TYR N    N N N 286 
TYR CA   C N S 287 
TYR C    C N N 288 
TYR O    O N N 289 
TYR CB   C N N 290 
TYR CG   C Y N 291 
TYR CD1  C Y N 292 
TYR CD2  C Y N 293 
TYR CE1  C Y N 294 
TYR CE2  C Y N 295 
TYR CZ   C Y N 296 
TYR OH   O N N 297 
TYR OXT  O N N 298 
TYR H    H N N 299 
TYR H2   H N N 300 
TYR HA   H N N 301 
TYR HB2  H N N 302 
TYR HB3  H N N 303 
TYR HD1  H N N 304 
TYR HD2  H N N 305 
TYR HE1  H N N 306 
TYR HE2  H N N 307 
TYR HH   H N N 308 
TYR HXT  H N N 309 
VAL N    N N N 310 
VAL CA   C N S 311 
VAL C    C N N 312 
VAL O    O N N 313 
VAL CB   C N N 314 
VAL CG1  C N N 315 
VAL CG2  C N N 316 
VAL OXT  O N N 317 
VAL H    H N N 318 
VAL H2   H N N 319 
VAL HA   H N N 320 
VAL HB   H N N 321 
VAL HG11 H N N 322 
VAL HG12 H N N 323 
VAL HG13 H N N 324 
VAL HG21 H N N 325 
VAL HG22 H N N 326 
VAL HG23 H N N 327 
VAL HXT  H N N 328 
# 
loop_
_chem_comp_bond.comp_id 
_chem_comp_bond.atom_id_1 
_chem_comp_bond.atom_id_2 
_chem_comp_bond.value_order 
_chem_comp_bond.pdbx_aromatic_flag 
_chem_comp_bond.pdbx_stereo_config 
_chem_comp_bond.pdbx_ordinal 
ALA N   CA   sing N N 1   
ALA N   H    sing N N 2   
ALA N   H2   sing N N 3   
ALA CA  C    sing N N 4   
ALA CA  CB   sing N N 5   
ALA CA  HA   sing N N 6   
ALA C   O    doub N N 7   
ALA C   OXT  sing N N 8   
ALA CB  HB1  sing N N 9   
ALA CB  HB2  sing N N 10  
ALA CB  HB3  sing N N 11  
ALA OXT HXT  sing N N 12  
ARG N   CA   sing N N 13  
ARG N   H    sing N N 14  
ARG N   H2   sing N N 15  
ARG CA  C    sing N N 16  
ARG CA  CB   sing N N 17  
ARG CA  HA   sing N N 18  
ARG C   O    doub N N 19  
ARG C   OXT  sing N N 20  
ARG CB  CG   sing N N 21  
ARG CB  HB2  sing N N 22  
ARG CB  HB3  sing N N 23  
ARG CG  CD   sing N N 24  
ARG CG  HG2  sing N N 25  
ARG CG  HG3  sing N N 26  
ARG CD  NE   sing N N 27  
ARG CD  HD2  sing N N 28  
ARG CD  HD3  sing N N 29  
ARG NE  CZ   sing N N 30  
ARG NE  HE   sing N N 31  
ARG CZ  NH1  sing N N 32  
ARG CZ  NH2  doub N N 33  
ARG NH1 HH11 sing N N 34  
ARG NH1 HH12 sing N N 35  
ARG NH2 HH21 sing N N 36  
ARG NH2 HH22 sing N N 37  
ARG OXT HXT  sing N N 38  
ASN N   CA   sing N N 39  
ASN N   H    sing N N 40  
ASN N   H2   sing N N 41  
ASN CA  C    sing N N 42  
ASN CA  CB   sing N N 43  
ASN CA  HA   sing N N 44  
ASN C   O    doub N N 45  
ASN C   OXT  sing N N 46  
ASN CB  CG   sing N N 47  
ASN CB  HB2  sing N N 48  
ASN CB  HB3  sing N N 49  
ASN CG  OD1  doub N N 50  
ASN CG  ND2  sing N N 51  
ASN ND2 HD21 sing N N 52  
ASN ND2 HD22 sing N N 53  
ASN OXT HXT  sing N N 54  
ASP N   CA   sing N N 55  
ASP N   H    sing N N 56  
ASP N   H2   sing N N 57  
ASP CA  C    sing N N 58  
ASP CA  CB   sing N N 59  
ASP CA  HA   sing N N 60  
ASP C   O    doub N N 61  
ASP C   OXT  sing N N 62  
ASP CB  CG   sing N N 63  
ASP CB  HB2  sing N N 64  
ASP CB  HB3  sing N N 65  
ASP CG  OD1  doub N N 66  
ASP CG  OD2  sing N N 67  
ASP OD2 HD2  sing N N 68  
ASP OXT HXT  sing N N 69  
GLN N   CA   sing N N 70  
GLN N   H    sing N N 71  
GLN N   H2   sing N N 72  
GLN CA  C    sing N N 73  
GLN CA  CB   sing N N 74  
GLN CA  HA   sing N N 75  
GLN C   O    doub N N 76  
GLN C   OXT  sing N N 77  
GLN CB  CG   sing N N 78  
GLN CB  HB2  sing N N 79  
GLN CB  HB3  sing N N 80  
GLN CG  CD   sing N N 81  
GLN CG  HG2  sing N N 82  
GLN CG  HG3  sing N N 83  
GLN CD  OE1  doub N N 84  
GLN CD  NE2  sing N N 85  
GLN NE2 HE21 sing N N 86  
GLN NE2 HE22 sing N N 87  
GLN OXT HXT  sing N N 88  
GLU N   CA   sing N N 89  
GLU N   H    sing N N 90  
GLU N   H2   sing N N 91  
GLU CA  C    sing N N 92  
GLU CA  CB   sing N N 93  
GLU CA  HA   sing N N 94  
GLU C   O    doub N N 95  
GLU C   OXT  sing N N 96  
GLU CB  CG   sing N N 97  
GLU CB  HB2  sing N N 98  
GLU CB  HB3  sing N N 99  
GLU CG  CD   sing N N 100 
GLU CG  HG2  sing N N 101 
GLU CG  HG3  sing N N 102 
GLU CD  OE1  doub N N 103 
GLU CD  OE2  sing N N 104 
GLU OE2 HE2  sing N N 105 
GLU OXT HXT  sing N N 106 
GLY N   CA   sing N N 107 
GLY N   H    sing N N 108 
GLY N   H2   sing N N 109 
GLY CA  C    sing N N 110 
GLY CA  HA2  sing N N 111 
GLY CA  HA3  sing N N 112 
GLY C   O    doub N N 113 
GLY C   OXT  sing N N 114 
GLY OXT HXT  sing N N 115 
HOH O   H1   sing N N 116 
HOH O   H2   sing N N 117 
ILE N   CA   sing N N 118 
ILE N   H    sing N N 119 
ILE N   H2   sing N N 120 
ILE CA  C    sing N N 121 
ILE CA  CB   sing N N 122 
ILE CA  HA   sing N N 123 
ILE C   O    doub N N 124 
ILE C   OXT  sing N N 125 
ILE CB  CG1  sing N N 126 
ILE CB  CG2  sing N N 127 
ILE CB  HB   sing N N 128 
ILE CG1 CD1  sing N N 129 
ILE CG1 HG12 sing N N 130 
ILE CG1 HG13 sing N N 131 
ILE CG2 HG21 sing N N 132 
ILE CG2 HG22 sing N N 133 
ILE CG2 HG23 sing N N 134 
ILE CD1 HD11 sing N N 135 
ILE CD1 HD12 sing N N 136 
ILE CD1 HD13 sing N N 137 
ILE OXT HXT  sing N N 138 
LEU N   CA   sing N N 139 
LEU N   H    sing N N 140 
LEU N   H2   sing N N 141 
LEU CA  C    sing N N 142 
LEU CA  CB   sing N N 143 
LEU CA  HA   sing N N 144 
LEU C   O    doub N N 145 
LEU C   OXT  sing N N 146 
LEU CB  CG   sing N N 147 
LEU CB  HB2  sing N N 148 
LEU CB  HB3  sing N N 149 
LEU CG  CD1  sing N N 150 
LEU CG  CD2  sing N N 151 
LEU CG  HG   sing N N 152 
LEU CD1 HD11 sing N N 153 
LEU CD1 HD12 sing N N 154 
LEU CD1 HD13 sing N N 155 
LEU CD2 HD21 sing N N 156 
LEU CD2 HD22 sing N N 157 
LEU CD2 HD23 sing N N 158 
LEU OXT HXT  sing N N 159 
LYS N   CA   sing N N 160 
LYS N   H    sing N N 161 
LYS N   H2   sing N N 162 
LYS CA  C    sing N N 163 
LYS CA  CB   sing N N 164 
LYS CA  HA   sing N N 165 
LYS C   O    doub N N 166 
LYS C   OXT  sing N N 167 
LYS CB  CG   sing N N 168 
LYS CB  HB2  sing N N 169 
LYS CB  HB3  sing N N 170 
LYS CG  CD   sing N N 171 
LYS CG  HG2  sing N N 172 
LYS CG  HG3  sing N N 173 
LYS CD  CE   sing N N 174 
LYS CD  HD2  sing N N 175 
LYS CD  HD3  sing N N 176 
LYS CE  NZ   sing N N 177 
LYS CE  HE2  sing N N 178 
LYS CE  HE3  sing N N 179 
LYS NZ  HZ1  sing N N 180 
LYS NZ  HZ2  sing N N 181 
LYS NZ  HZ3  sing N N 182 
LYS OXT HXT  sing N N 183 
MET N   CA   sing N N 184 
MET N   H    sing N N 185 
MET N   H2   sing N N 186 
MET CA  C    sing N N 187 
MET CA  CB   sing N N 188 
MET CA  HA   sing N N 189 
MET C   O    doub N N 190 
MET C   OXT  sing N N 191 
MET CB  CG   sing N N 192 
MET CB  HB2  sing N N 193 
MET CB  HB3  sing N N 194 
MET CG  SD   sing N N 195 
MET CG  HG2  sing N N 196 
MET CG  HG3  sing N N 197 
MET SD  CE   sing N N 198 
MET CE  HE1  sing N N 199 
MET CE  HE2  sing N N 200 
MET CE  HE3  sing N N 201 
MET OXT HXT  sing N N 202 
PHE N   CA   sing N N 203 
PHE N   H    sing N N 204 
PHE N   H2   sing N N 205 
PHE CA  C    sing N N 206 
PHE CA  CB   sing N N 207 
PHE CA  HA   sing N N 208 
PHE C   O    doub N N 209 
PHE C   OXT  sing N N 210 
PHE CB  CG   sing N N 211 
PHE CB  HB2  sing N N 212 
PHE CB  HB3  sing N N 213 
PHE CG  CD1  doub Y N 214 
PHE CG  CD2  sing Y N 215 
PHE CD1 CE1  sing Y N 216 
PHE CD1 HD1  sing N N 217 
PHE CD2 CE2  doub Y N 218 
PHE CD2 HD2  sing N N 219 
PHE CE1 CZ   doub Y N 220 
PHE CE1 HE1  sing N N 221 
PHE CE2 CZ   sing Y N 222 
PHE CE2 HE2  sing N N 223 
PHE CZ  HZ   sing N N 224 
PHE OXT HXT  sing N N 225 
PRO N   CA   sing N N 226 
PRO N   CD   sing N N 227 
PRO N   H    sing N N 228 
PRO CA  C    sing N N 229 
PRO CA  CB   sing N N 230 
PRO CA  HA   sing N N 231 
PRO C   O    doub N N 232 
PRO C   OXT  sing N N 233 
PRO CB  CG   sing N N 234 
PRO CB  HB2  sing N N 235 
PRO CB  HB3  sing N N 236 
PRO CG  CD   sing N N 237 
PRO CG  HG2  sing N N 238 
PRO CG  HG3  sing N N 239 
PRO CD  HD2  sing N N 240 
PRO CD  HD3  sing N N 241 
PRO OXT HXT  sing N N 242 
SER N   CA   sing N N 243 
SER N   H    sing N N 244 
SER N   H2   sing N N 245 
SER CA  C    sing N N 246 
SER CA  CB   sing N N 247 
SER CA  HA   sing N N 248 
SER C   O    doub N N 249 
SER C   OXT  sing N N 250 
SER CB  OG   sing N N 251 
SER CB  HB2  sing N N 252 
SER CB  HB3  sing N N 253 
SER OG  HG   sing N N 254 
SER OXT HXT  sing N N 255 
THR N   CA   sing N N 256 
THR N   H    sing N N 257 
THR N   H2   sing N N 258 
THR CA  C    sing N N 259 
THR CA  CB   sing N N 260 
THR CA  HA   sing N N 261 
THR C   O    doub N N 262 
THR C   OXT  sing N N 263 
THR CB  OG1  sing N N 264 
THR CB  CG2  sing N N 265 
THR CB  HB   sing N N 266 
THR OG1 HG1  sing N N 267 
THR CG2 HG21 sing N N 268 
THR CG2 HG22 sing N N 269 
THR CG2 HG23 sing N N 270 
THR OXT HXT  sing N N 271 
TYR N   CA   sing N N 272 
TYR N   H    sing N N 273 
TYR N   H2   sing N N 274 
TYR CA  C    sing N N 275 
TYR CA  CB   sing N N 276 
TYR CA  HA   sing N N 277 
TYR C   O    doub N N 278 
TYR C   OXT  sing N N 279 
TYR CB  CG   sing N N 280 
TYR CB  HB2  sing N N 281 
TYR CB  HB3  sing N N 282 
TYR CG  CD1  doub Y N 283 
TYR CG  CD2  sing Y N 284 
TYR CD1 CE1  sing Y N 285 
TYR CD1 HD1  sing N N 286 
TYR CD2 CE2  doub Y N 287 
TYR CD2 HD2  sing N N 288 
TYR CE1 CZ   doub Y N 289 
TYR CE1 HE1  sing N N 290 
TYR CE2 CZ   sing Y N 291 
TYR CE2 HE2  sing N N 292 
TYR CZ  OH   sing N N 293 
TYR OH  HH   sing N N 294 
TYR OXT HXT  sing N N 295 
VAL N   CA   sing N N 296 
VAL N   H    sing N N 297 
VAL N   H2   sing N N 298 
VAL CA  C    sing N N 299 
VAL CA  CB   sing N N 300 
VAL CA  HA   sing N N 301 
VAL C   O    doub N N 302 
VAL C   OXT  sing N N 303 
VAL CB  CG1  sing N N 304 
VAL CB  CG2  sing N N 305 
VAL CB  HB   sing N N 306 
VAL CG1 HG11 sing N N 307 
VAL CG1 HG12 sing N N 308 
VAL CG1 HG13 sing N N 309 
VAL CG2 HG21 sing N N 310 
VAL CG2 HG22 sing N N 311 
VAL CG2 HG23 sing N N 312 
VAL OXT HXT  sing N N 313 
# 
_pdbx_entity_nonpoly.entity_id   2 
_pdbx_entity_nonpoly.name        water 
_pdbx_entity_nonpoly.comp_id     HOH 
# 
_pdbx_initial_refinement_model.id               1 
_pdbx_initial_refinement_model.entity_id_list   ? 
_pdbx_initial_refinement_model.type             'experimental model' 
_pdbx_initial_refinement_model.source_name      PDB 
_pdbx_initial_refinement_model.accession_code   5D4S 
_pdbx_initial_refinement_model.details          ? 
# 
